data_1M4B
# 
_entry.id   1M4B 
# 
_audit_conform.dict_name       mmcif_pdbx.dic 
_audit_conform.dict_version    5.399 
_audit_conform.dict_location   http://mmcif.pdb.org/dictionaries/ascii/mmcif_pdbx.dic 
# 
loop_
_database_2.database_id 
_database_2.database_code 
_database_2.pdbx_database_accession 
_database_2.pdbx_DOI 
PDB   1M4B         pdb_00001m4b 10.2210/pdb1m4b/pdb 
RCSB  RCSB016580   ?            ?                   
WWPDB D_1000016580 ?            ?                   
# 
loop_
_pdbx_audit_revision_history.ordinal 
_pdbx_audit_revision_history.data_content_type 
_pdbx_audit_revision_history.major_revision 
_pdbx_audit_revision_history.minor_revision 
_pdbx_audit_revision_history.revision_date 
1 'Structure model' 1 0 2002-07-31 
2 'Structure model' 1 1 2008-04-28 
3 'Structure model' 1 2 2011-07-13 
4 'Structure model' 1 3 2017-10-11 
5 'Structure model' 1 4 2021-10-27 
6 'Structure model' 1 5 2024-11-20 
# 
_pdbx_audit_revision_details.ordinal             1 
_pdbx_audit_revision_details.revision_ordinal    1 
_pdbx_audit_revision_details.data_content_type   'Structure model' 
_pdbx_audit_revision_details.provider            repository 
_pdbx_audit_revision_details.type                'Initial release' 
_pdbx_audit_revision_details.description         ? 
_pdbx_audit_revision_details.details             ? 
# 
loop_
_pdbx_audit_revision_group.ordinal 
_pdbx_audit_revision_group.revision_ordinal 
_pdbx_audit_revision_group.data_content_type 
_pdbx_audit_revision_group.group 
1 2 'Structure model' 'Version format compliance' 
2 3 'Structure model' 'Version format compliance' 
3 4 'Structure model' 'Refinement description'    
4 5 'Structure model' 'Database references'       
5 5 'Structure model' 'Derived calculations'      
6 6 'Structure model' 'Data collection'           
7 6 'Structure model' 'Structure summary'         
# 
loop_
_pdbx_audit_revision_category.ordinal 
_pdbx_audit_revision_category.revision_ordinal 
_pdbx_audit_revision_category.data_content_type 
_pdbx_audit_revision_category.category 
1 4 'Structure model' software                  
2 5 'Structure model' database_2                
3 5 'Structure model' struct_conn               
4 5 'Structure model' struct_ref_seq_dif        
5 5 'Structure model' struct_site               
6 6 'Structure model' chem_comp_atom            
7 6 'Structure model' chem_comp_bond            
8 6 'Structure model' pdbx_entry_details        
9 6 'Structure model' pdbx_modification_feature 
# 
loop_
_pdbx_audit_revision_item.ordinal 
_pdbx_audit_revision_item.revision_ordinal 
_pdbx_audit_revision_item.data_content_type 
_pdbx_audit_revision_item.item 
1 5 'Structure model' '_database_2.pdbx_DOI'                
2 5 'Structure model' '_database_2.pdbx_database_accession' 
3 5 'Structure model' '_struct_conn.pdbx_leaving_atom_flag' 
4 5 'Structure model' '_struct_ref_seq_dif.details'         
5 5 'Structure model' '_struct_site.pdbx_auth_asym_id'      
6 5 'Structure model' '_struct_site.pdbx_auth_comp_id'      
7 5 'Structure model' '_struct_site.pdbx_auth_seq_id'       
# 
_pdbx_database_status.status_code                     REL 
_pdbx_database_status.entry_id                        1M4B 
_pdbx_database_status.recvd_initial_deposition_date   2002-07-02 
_pdbx_database_status.deposit_site                    RCSB 
_pdbx_database_status.process_site                    RCSB 
_pdbx_database_status.status_code_sf                  REL 
_pdbx_database_status.SG_entry                        . 
_pdbx_database_status.pdb_format_compatible           Y 
_pdbx_database_status.status_code_mr                  ? 
_pdbx_database_status.status_code_cs                  ? 
_pdbx_database_status.methods_development_category    ? 
_pdbx_database_status.status_code_nmr_data            ? 
# 
loop_
_pdbx_database_related.db_name 
_pdbx_database_related.db_id 
_pdbx_database_related.details 
_pdbx_database_related.content_type 
PDB 1M47 '1M47 IS THE Crystal Structure of Human Interleukin-2' unspecified 
PDB 1M48 
;1m48 is the crystal structure of human IL-2 complexed with (R)-N-[2-[1-(Aminoiminomethyl)-3-piperidinyl]-1-oxoethyl]-4-(phenylethynyl)-L-phenylalanine methyl ester
;
unspecified 
PDB 1M49 '1m49 is the crystal structure of human interleukin-2 complexed with SP-1985' unspecified 
PDB 1M4A 
;1m4a is the crystal structure of human interleukin-2 Y31C covalently modified at C31 with (1H-Indol-3-yl)-(2-mercapto-ethoxyimino)-acetic acid
;
unspecified 
PDB 1M4C '1M4C is the crystal structure of human interleukin-2' unspecified 
# 
loop_
_audit_author.name 
_audit_author.pdbx_ordinal 
'Arkin, M.A.'    1  
'Randal, M.'     2  
'DeLano, W.L.'   3  
'Hyde, J.'       4  
'Luong, T.N.'    5  
'Oslob, J.D.'    6  
'Raphael, D.R.'  7  
'Taylor, L.'     8  
'Wang, J.'       9  
'McDowell, R.S.' 10 
'Wells, J.A.'    11 
'Braisted, A.C.' 12 
# 
_citation.id                        primary 
_citation.title                     
;Binding of small molecules to an adaptive 
protein-protein interface
;
_citation.journal_abbrev            Proc.Natl.Acad.Sci.USA 
_citation.journal_volume            100 
_citation.page_first                1603 
_citation.page_last                 1608 
_citation.year                      2003 
_citation.journal_id_ASTM           PNASA6 
_citation.country                   US 
_citation.journal_id_ISSN           0027-8424 
_citation.journal_id_CSD            0040 
_citation.book_publisher            ? 
_citation.pdbx_database_id_PubMed   12582206 
_citation.pdbx_database_id_DOI      10.1073/pnas.252756299 
# 
loop_
_citation_author.citation_id 
_citation_author.name 
_citation_author.ordinal 
_citation_author.identifier_ORCID 
primary 'Arkin, M.A.'    1  ? 
primary 'Randal, M.'     2  ? 
primary 'DeLano, W.L.'   3  ? 
primary 'Hyde, J.'       4  ? 
primary 'Luong, T.N.'    5  ? 
primary 'Oslob, J.D.'    6  ? 
primary 'Raphael, D.R.'  7  ? 
primary 'Taylor, L.'     8  ? 
primary 'Wang, J.'       9  ? 
primary 'McDowell, R.S.' 10 ? 
primary 'Wells, J.A.'    11 ? 
primary 'Braisted, A.C.' 12 ? 
# 
loop_
_entity.id 
_entity.type 
_entity.src_method 
_entity.pdbx_description 
_entity.formula_weight 
_entity.pdbx_number_of_molecules 
_entity.pdbx_ec 
_entity.pdbx_mutation 
_entity.pdbx_fragment 
_entity.details 
1 polymer     man interleukin-2                                                                                 15409.942 1  ? 
K43C ? ? 
2 non-polymer syn '2-[2-(2-CYCLOHEXYL-2-GUANIDINO-ACETYLAMINO)-ACETYLAMINO]-N-(3-MERCAPTO-PROPYL)-PROPIONAMIDE' 400.539   1  ? ? ? 
? 
3 water       nat water                                                                                         18.015    19 ? ? ? 
? 
# 
_entity_name_com.entity_id   1 
_entity_name_com.name        'IL-2, T-CELL GROWTH FACTOR, TCGF, ALDESLEUKIN' 
# 
_entity_poly.entity_id                      1 
_entity_poly.type                           'polypeptide(L)' 
_entity_poly.nstd_linkage                   no 
_entity_poly.nstd_monomer                   no 
_entity_poly.pdbx_seq_one_letter_code       
;APTSSSTKKTQLQLEHLLLDLQMILNGINNYKNPKLTRMLTFCFYMPKKATELKHLQCLEEELKPLEEVLNLAQSKNFHL
RPRDLISNINVIVLELKGSETTFMCEYADETATIVEFLNRWITFCQSIISTLT
;
_entity_poly.pdbx_seq_one_letter_code_can   
;APTSSSTKKTQLQLEHLLLDLQMILNGINNYKNPKLTRMLTFCFYMPKKATELKHLQCLEEELKPLEEVLNLAQSKNFHL
RPRDLISNINVIVLELKGSETTFMCEYADETATIVEFLNRWITFCQSIISTLT
;
_entity_poly.pdbx_strand_id                 A 
_entity_poly.pdbx_target_identifier         ? 
# 
loop_
_pdbx_entity_nonpoly.entity_id 
_pdbx_entity_nonpoly.name 
_pdbx_entity_nonpoly.comp_id 
2 '2-[2-(2-CYCLOHEXYL-2-GUANIDINO-ACETYLAMINO)-ACETYLAMINO]-N-(3-MERCAPTO-PROPYL)-PROPIONAMIDE' NMP 
3 water                                                                                         HOH 
# 
loop_
_entity_poly_seq.entity_id 
_entity_poly_seq.num 
_entity_poly_seq.mon_id 
_entity_poly_seq.hetero 
1 1   ALA n 
1 2   PRO n 
1 3   THR n 
1 4   SER n 
1 5   SER n 
1 6   SER n 
1 7   THR n 
1 8   LYS n 
1 9   LYS n 
1 10  THR n 
1 11  GLN n 
1 12  LEU n 
1 13  GLN n 
1 14  LEU n 
1 15  GLU n 
1 16  HIS n 
1 17  LEU n 
1 18  LEU n 
1 19  LEU n 
1 20  ASP n 
1 21  LEU n 
1 22  GLN n 
1 23  MET n 
1 24  ILE n 
1 25  LEU n 
1 26  ASN n 
1 27  GLY n 
1 28  ILE n 
1 29  ASN n 
1 30  ASN n 
1 31  TYR n 
1 32  LYS n 
1 33  ASN n 
1 34  PRO n 
1 35  LYS n 
1 36  LEU n 
1 37  THR n 
1 38  ARG n 
1 39  MET n 
1 40  LEU n 
1 41  THR n 
1 42  PHE n 
1 43  CYS n 
1 44  PHE n 
1 45  TYR n 
1 46  MET n 
1 47  PRO n 
1 48  LYS n 
1 49  LYS n 
1 50  ALA n 
1 51  THR n 
1 52  GLU n 
1 53  LEU n 
1 54  LYS n 
1 55  HIS n 
1 56  LEU n 
1 57  GLN n 
1 58  CYS n 
1 59  LEU n 
1 60  GLU n 
1 61  GLU n 
1 62  GLU n 
1 63  LEU n 
1 64  LYS n 
1 65  PRO n 
1 66  LEU n 
1 67  GLU n 
1 68  GLU n 
1 69  VAL n 
1 70  LEU n 
1 71  ASN n 
1 72  LEU n 
1 73  ALA n 
1 74  GLN n 
1 75  SER n 
1 76  LYS n 
1 77  ASN n 
1 78  PHE n 
1 79  HIS n 
1 80  LEU n 
1 81  ARG n 
1 82  PRO n 
1 83  ARG n 
1 84  ASP n 
1 85  LEU n 
1 86  ILE n 
1 87  SER n 
1 88  ASN n 
1 89  ILE n 
1 90  ASN n 
1 91  VAL n 
1 92  ILE n 
1 93  VAL n 
1 94  LEU n 
1 95  GLU n 
1 96  LEU n 
1 97  LYS n 
1 98  GLY n 
1 99  SER n 
1 100 GLU n 
1 101 THR n 
1 102 THR n 
1 103 PHE n 
1 104 MET n 
1 105 CYS n 
1 106 GLU n 
1 107 TYR n 
1 108 ALA n 
1 109 ASP n 
1 110 GLU n 
1 111 THR n 
1 112 ALA n 
1 113 THR n 
1 114 ILE n 
1 115 VAL n 
1 116 GLU n 
1 117 PHE n 
1 118 LEU n 
1 119 ASN n 
1 120 ARG n 
1 121 TRP n 
1 122 ILE n 
1 123 THR n 
1 124 PHE n 
1 125 CYS n 
1 126 GLN n 
1 127 SER n 
1 128 ILE n 
1 129 ILE n 
1 130 SER n 
1 131 THR n 
1 132 LEU n 
1 133 THR n 
# 
_entity_src_gen.entity_id                          1 
_entity_src_gen.pdbx_src_id                        1 
_entity_src_gen.pdbx_alt_source_flag               sample 
_entity_src_gen.pdbx_seq_type                      ? 
_entity_src_gen.pdbx_beg_seq_num                   ? 
_entity_src_gen.pdbx_end_seq_num                   ? 
_entity_src_gen.gene_src_common_name               human 
_entity_src_gen.gene_src_genus                     Homo 
_entity_src_gen.pdbx_gene_src_gene                 ? 
_entity_src_gen.gene_src_species                   ? 
_entity_src_gen.gene_src_strain                    ? 
_entity_src_gen.gene_src_tissue                    ? 
_entity_src_gen.gene_src_tissue_fraction           ? 
_entity_src_gen.gene_src_details                   ? 
_entity_src_gen.pdbx_gene_src_fragment             ? 
_entity_src_gen.pdbx_gene_src_scientific_name      'Homo sapiens' 
_entity_src_gen.pdbx_gene_src_ncbi_taxonomy_id     9606 
_entity_src_gen.pdbx_gene_src_variant              ? 
_entity_src_gen.pdbx_gene_src_cell_line            ? 
_entity_src_gen.pdbx_gene_src_atcc                 ? 
_entity_src_gen.pdbx_gene_src_organ                ? 
_entity_src_gen.pdbx_gene_src_organelle            ? 
_entity_src_gen.pdbx_gene_src_cell                 ? 
_entity_src_gen.pdbx_gene_src_cellular_location    ? 
_entity_src_gen.host_org_common_name               ? 
_entity_src_gen.pdbx_host_org_scientific_name      'Escherichia coli BL21' 
_entity_src_gen.pdbx_host_org_ncbi_taxonomy_id     511693 
_entity_src_gen.host_org_genus                     Escherichia 
_entity_src_gen.pdbx_host_org_gene                 ? 
_entity_src_gen.pdbx_host_org_organ                ? 
_entity_src_gen.host_org_species                   'Escherichia coli' 
_entity_src_gen.pdbx_host_org_tissue               ? 
_entity_src_gen.pdbx_host_org_tissue_fraction      ? 
_entity_src_gen.pdbx_host_org_strain               BL21 
_entity_src_gen.pdbx_host_org_variant              ? 
_entity_src_gen.pdbx_host_org_cell_line            ? 
_entity_src_gen.pdbx_host_org_atcc                 ? 
_entity_src_gen.pdbx_host_org_culture_collection   ? 
_entity_src_gen.pdbx_host_org_cell                 ? 
_entity_src_gen.pdbx_host_org_organelle            ? 
_entity_src_gen.pdbx_host_org_cellular_location    ? 
_entity_src_gen.pdbx_host_org_vector_type          plasmid 
_entity_src_gen.pdbx_host_org_vector               ? 
_entity_src_gen.host_org_details                   ? 
_entity_src_gen.expression_system_id               ? 
_entity_src_gen.plasmid_name                       pRSET 
_entity_src_gen.plasmid_details                    ? 
_entity_src_gen.pdbx_description                   ? 
# 
loop_
_chem_comp.id 
_chem_comp.type 
_chem_comp.mon_nstd_flag 
_chem_comp.name 
_chem_comp.pdbx_synonyms 
_chem_comp.formula 
_chem_comp.formula_weight 
ALA 'L-peptide linking' y ALANINE                                                                                       ? 
'C3 H7 N O2'      89.093  
ARG 'L-peptide linking' y ARGININE                                                                                      ? 
'C6 H15 N4 O2 1'  175.209 
ASN 'L-peptide linking' y ASPARAGINE                                                                                    ? 
'C4 H8 N2 O3'     132.118 
ASP 'L-peptide linking' y 'ASPARTIC ACID'                                                                               ? 
'C4 H7 N O4'      133.103 
CYS 'L-peptide linking' y CYSTEINE                                                                                      ? 
'C3 H7 N O2 S'    121.158 
GLN 'L-peptide linking' y GLUTAMINE                                                                                     ? 
'C5 H10 N2 O3'    146.144 
GLU 'L-peptide linking' y 'GLUTAMIC ACID'                                                                               ? 
'C5 H9 N O4'      147.129 
GLY 'peptide linking'   y GLYCINE                                                                                       ? 
'C2 H5 N O2'      75.067  
HIS 'L-peptide linking' y HISTIDINE                                                                                     ? 
'C6 H10 N3 O2 1'  156.162 
HOH non-polymer         . WATER                                                                                         ? 'H2 O' 
18.015  
ILE 'L-peptide linking' y ISOLEUCINE                                                                                    ? 
'C6 H13 N O2'     131.173 
LEU 'L-peptide linking' y LEUCINE                                                                                       ? 
'C6 H13 N O2'     131.173 
LYS 'L-peptide linking' y LYSINE                                                                                        ? 
'C6 H15 N2 O2 1'  147.195 
MET 'L-peptide linking' y METHIONINE                                                                                    ? 
'C5 H11 N O2 S'   149.211 
NMP non-polymer         . '2-[2-(2-CYCLOHEXYL-2-GUANIDINO-ACETYLAMINO)-ACETYLAMINO]-N-(3-MERCAPTO-PROPYL)-PROPIONAMIDE' ? 
'C17 H32 N6 O3 S' 400.539 
PHE 'L-peptide linking' y PHENYLALANINE                                                                                 ? 
'C9 H11 N O2'     165.189 
PRO 'L-peptide linking' y PROLINE                                                                                       ? 
'C5 H9 N O2'      115.130 
SER 'L-peptide linking' y SERINE                                                                                        ? 
'C3 H7 N O3'      105.093 
THR 'L-peptide linking' y THREONINE                                                                                     ? 
'C4 H9 N O3'      119.119 
TRP 'L-peptide linking' y TRYPTOPHAN                                                                                    ? 
'C11 H12 N2 O2'   204.225 
TYR 'L-peptide linking' y TYROSINE                                                                                      ? 
'C9 H11 N O3'     181.189 
VAL 'L-peptide linking' y VALINE                                                                                        ? 
'C5 H11 N O2'     117.146 
# 
loop_
_pdbx_poly_seq_scheme.asym_id 
_pdbx_poly_seq_scheme.entity_id 
_pdbx_poly_seq_scheme.seq_id 
_pdbx_poly_seq_scheme.mon_id 
_pdbx_poly_seq_scheme.ndb_seq_num 
_pdbx_poly_seq_scheme.pdb_seq_num 
_pdbx_poly_seq_scheme.auth_seq_num 
_pdbx_poly_seq_scheme.pdb_mon_id 
_pdbx_poly_seq_scheme.auth_mon_id 
_pdbx_poly_seq_scheme.pdb_strand_id 
_pdbx_poly_seq_scheme.pdb_ins_code 
_pdbx_poly_seq_scheme.hetero 
A 1 1   ALA 1   1   ?   ?   ?   A . n 
A 1 2   PRO 2   2   ?   ?   ?   A . n 
A 1 3   THR 3   3   ?   ?   ?   A . n 
A 1 4   SER 4   4   ?   ?   ?   A . n 
A 1 5   SER 5   5   5   SER SER A . n 
A 1 6   SER 6   6   6   SER SER A . n 
A 1 7   THR 7   7   7   THR THR A . n 
A 1 8   LYS 8   8   8   LYS LYS A . n 
A 1 9   LYS 9   9   9   LYS LYS A . n 
A 1 10  THR 10  10  10  THR THR A . n 
A 1 11  GLN 11  11  11  GLN GLN A . n 
A 1 12  LEU 12  12  12  LEU LEU A . n 
A 1 13  GLN 13  13  13  GLN GLN A . n 
A 1 14  LEU 14  14  14  LEU LEU A . n 
A 1 15  GLU 15  15  15  GLU GLU A . n 
A 1 16  HIS 16  16  16  HIS HIS A . n 
A 1 17  LEU 17  17  17  LEU LEU A . n 
A 1 18  LEU 18  18  18  LEU LEU A . n 
A 1 19  LEU 19  19  19  LEU LEU A . n 
A 1 20  ASP 20  20  20  ASP ASP A . n 
A 1 21  LEU 21  21  21  LEU LEU A . n 
A 1 22  GLN 22  22  22  GLN GLN A . n 
A 1 23  MET 23  23  23  MET MET A . n 
A 1 24  ILE 24  24  24  ILE ILE A . n 
A 1 25  LEU 25  25  25  LEU LEU A . n 
A 1 26  ASN 26  26  26  ASN ASN A . n 
A 1 27  GLY 27  27  27  GLY GLY A . n 
A 1 28  ILE 28  28  28  ILE ILE A . n 
A 1 29  ASN 29  29  29  ASN ASN A . n 
A 1 30  ASN 30  30  30  ASN ASN A . n 
A 1 31  TYR 31  31  31  TYR TYR A . n 
A 1 32  LYS 32  32  32  LYS LYS A . n 
A 1 33  ASN 33  33  33  ASN ASN A . n 
A 1 34  PRO 34  34  34  PRO PRO A . n 
A 1 35  LYS 35  35  35  LYS LYS A . n 
A 1 36  LEU 36  36  36  LEU LEU A . n 
A 1 37  THR 37  37  37  THR THR A . n 
A 1 38  ARG 38  38  38  ARG ARG A . n 
A 1 39  MET 39  39  39  MET MET A . n 
A 1 40  LEU 40  40  40  LEU LEU A . n 
A 1 41  THR 41  41  41  THR THR A . n 
A 1 42  PHE 42  42  42  PHE PHE A . n 
A 1 43  CYS 43  43  43  CYS CYS A . n 
A 1 44  PHE 44  44  44  PHE PHE A . n 
A 1 45  TYR 45  45  45  TYR TYR A . n 
A 1 46  MET 46  46  46  MET MET A . n 
A 1 47  PRO 47  47  47  PRO PRO A . n 
A 1 48  LYS 48  48  48  LYS LYS A . n 
A 1 49  LYS 49  49  49  LYS LYS A . n 
A 1 50  ALA 50  50  50  ALA ALA A . n 
A 1 51  THR 51  51  51  THR THR A . n 
A 1 52  GLU 52  52  52  GLU GLU A . n 
A 1 53  LEU 53  53  53  LEU LEU A . n 
A 1 54  LYS 54  54  54  LYS LYS A . n 
A 1 55  HIS 55  55  55  HIS HIS A . n 
A 1 56  LEU 56  56  56  LEU LEU A . n 
A 1 57  GLN 57  57  57  GLN GLN A . n 
A 1 58  CYS 58  58  58  CYS CYS A . n 
A 1 59  LEU 59  59  59  LEU LEU A . n 
A 1 60  GLU 60  60  60  GLU GLU A . n 
A 1 61  GLU 61  61  61  GLU GLU A . n 
A 1 62  GLU 62  62  62  GLU GLU A . n 
A 1 63  LEU 63  63  63  LEU LEU A . n 
A 1 64  LYS 64  64  64  LYS LYS A . n 
A 1 65  PRO 65  65  65  PRO PRO A . n 
A 1 66  LEU 66  66  66  LEU LEU A . n 
A 1 67  GLU 67  67  67  GLU GLU A . n 
A 1 68  GLU 68  68  68  GLU GLU A . n 
A 1 69  VAL 69  69  69  VAL VAL A . n 
A 1 70  LEU 70  70  70  LEU LEU A . n 
A 1 71  ASN 71  71  71  ASN ASN A . n 
A 1 72  LEU 72  72  72  LEU LEU A . n 
A 1 73  ALA 73  73  73  ALA ALA A . n 
A 1 74  GLN 74  74  ?   ?   ?   A . n 
A 1 75  SER 75  75  ?   ?   ?   A . n 
A 1 76  LYS 76  76  ?   ?   ?   A . n 
A 1 77  ASN 77  77  ?   ?   ?   A . n 
A 1 78  PHE 78  78  ?   ?   ?   A . n 
A 1 79  HIS 79  79  ?   ?   ?   A . n 
A 1 80  LEU 80  80  ?   ?   ?   A . n 
A 1 81  ARG 81  81  ?   ?   ?   A . n 
A 1 82  PRO 82  82  ?   ?   ?   A . n 
A 1 83  ARG 83  83  83  ARG ARG A . n 
A 1 84  ASP 84  84  84  ASP ASP A . n 
A 1 85  LEU 85  85  85  LEU LEU A . n 
A 1 86  ILE 86  86  86  ILE ILE A . n 
A 1 87  SER 87  87  87  SER SER A . n 
A 1 88  ASN 88  88  88  ASN ASN A . n 
A 1 89  ILE 89  89  89  ILE ILE A . n 
A 1 90  ASN 90  90  90  ASN ASN A . n 
A 1 91  VAL 91  91  91  VAL VAL A . n 
A 1 92  ILE 92  92  92  ILE ILE A . n 
A 1 93  VAL 93  93  93  VAL VAL A . n 
A 1 94  LEU 94  94  94  LEU LEU A . n 
A 1 95  GLU 95  95  95  GLU GLU A . n 
A 1 96  LEU 96  96  96  LEU LEU A . n 
A 1 97  LYS 97  97  97  LYS LYS A . n 
A 1 98  GLY 98  98  98  GLY GLY A . n 
A 1 99  SER 99  99  ?   ?   ?   A . n 
A 1 100 GLU 100 100 ?   ?   ?   A . n 
A 1 101 THR 101 101 ?   ?   ?   A . n 
A 1 102 THR 102 102 ?   ?   ?   A . n 
A 1 103 PHE 103 103 103 PHE PHE A . n 
A 1 104 MET 104 104 104 MET MET A . n 
A 1 105 CYS 105 105 105 CYS CYS A . n 
A 1 106 GLU 106 106 106 GLU GLU A . n 
A 1 107 TYR 107 107 107 TYR TYR A . n 
A 1 108 ALA 108 108 108 ALA ALA A . n 
A 1 109 ASP 109 109 109 ASP ASP A . n 
A 1 110 GLU 110 110 110 GLU GLU A . n 
A 1 111 THR 111 111 111 THR THR A . n 
A 1 112 ALA 112 112 112 ALA ALA A . n 
A 1 113 THR 113 113 113 THR THR A . n 
A 1 114 ILE 114 114 114 ILE ILE A . n 
A 1 115 VAL 115 115 115 VAL VAL A . n 
A 1 116 GLU 116 116 116 GLU GLU A . n 
A 1 117 PHE 117 117 117 PHE PHE A . n 
A 1 118 LEU 118 118 118 LEU LEU A . n 
A 1 119 ASN 119 119 119 ASN ASN A . n 
A 1 120 ARG 120 120 120 ARG ARG A . n 
A 1 121 TRP 121 121 121 TRP TRP A . n 
A 1 122 ILE 122 122 122 ILE ILE A . n 
A 1 123 THR 123 123 123 THR THR A . n 
A 1 124 PHE 124 124 124 PHE PHE A . n 
A 1 125 CYS 125 125 125 CYS CYS A . n 
A 1 126 GLN 126 126 126 GLN GLN A . n 
A 1 127 SER 127 127 127 SER SER A . n 
A 1 128 ILE 128 128 128 ILE ILE A . n 
A 1 129 ILE 129 129 129 ILE ILE A . n 
A 1 130 SER 130 130 130 SER SER A . n 
A 1 131 THR 131 131 131 THR THR A . n 
A 1 132 LEU 132 132 132 LEU LEU A . n 
A 1 133 THR 133 133 133 THR THR A . n 
# 
loop_
_pdbx_nonpoly_scheme.asym_id 
_pdbx_nonpoly_scheme.entity_id 
_pdbx_nonpoly_scheme.mon_id 
_pdbx_nonpoly_scheme.ndb_seq_num 
_pdbx_nonpoly_scheme.pdb_seq_num 
_pdbx_nonpoly_scheme.auth_seq_num 
_pdbx_nonpoly_scheme.pdb_mon_id 
_pdbx_nonpoly_scheme.auth_mon_id 
_pdbx_nonpoly_scheme.pdb_strand_id 
_pdbx_nonpoly_scheme.pdb_ins_code 
B 2 NMP 1  201 101 NMP FRG A . 
C 3 HOH 1  202 1   HOH HOH A . 
C 3 HOH 2  203 2   HOH HOH A . 
C 3 HOH 3  204 3   HOH HOH A . 
C 3 HOH 4  205 4   HOH HOH A . 
C 3 HOH 5  206 5   HOH HOH A . 
C 3 HOH 6  207 6   HOH HOH A . 
C 3 HOH 7  208 7   HOH HOH A . 
C 3 HOH 8  209 8   HOH HOH A . 
C 3 HOH 9  210 9   HOH HOH A . 
C 3 HOH 10 211 10  HOH HOH A . 
C 3 HOH 11 212 11  HOH HOH A . 
C 3 HOH 12 213 12  HOH HOH A . 
C 3 HOH 13 214 13  HOH HOH A . 
C 3 HOH 14 215 14  HOH HOH A . 
C 3 HOH 15 216 15  HOH HOH A . 
C 3 HOH 16 217 16  HOH HOH A . 
C 3 HOH 17 218 17  HOH HOH A . 
C 3 HOH 18 219 18  HOH HOH A . 
C 3 HOH 19 220 19  HOH HOH A . 
# 
loop_
_software.name 
_software.classification 
_software.version 
_software.citation_id 
_software.pdbx_ordinal 
d*TREK 'data reduction' .      ? 1 
AMoRE  phasing          .      ? 2 
REFMAC refinement       5.1.19 ? 3 
d*TREK 'data scaling'   .      ? 4 
# 
_cell.entry_id           1M4B 
_cell.length_a           98.488 
_cell.length_b           35.102 
_cell.length_c           36.642 
_cell.angle_alpha        90.00 
_cell.angle_beta         97.52 
_cell.angle_gamma        90.00 
_cell.Z_PDB              4 
_cell.pdbx_unique_axis   ? 
# 
_symmetry.entry_id                         1M4B 
_symmetry.space_group_name_H-M             'C 1 2 1' 
_symmetry.pdbx_full_space_group_name_H-M   ? 
_symmetry.cell_setting                     ? 
_symmetry.Int_Tables_number                5 
# 
_exptl.entry_id          1M4B 
_exptl.method            'X-RAY DIFFRACTION' 
_exptl.crystals_number   1 
# 
_exptl_crystal.id                    1 
_exptl_crystal.density_meas          ? 
_exptl_crystal.density_percent_sol   39.61 
_exptl_crystal.density_Matthews      2.04 
_exptl_crystal.description           ? 
# 
_exptl_crystal_grow.crystal_id      1 
_exptl_crystal_grow.method          'VAPOR DIFFUSION, HANGING DROP' 
_exptl_crystal_grow.temp            298 
_exptl_crystal_grow.temp_details    ? 
_exptl_crystal_grow.pH              7.0 
_exptl_crystal_grow.pdbx_details    'pH 7.0, VAPOR DIFFUSION, HANGING DROP, temperature 298K' 
_exptl_crystal_grow.pdbx_pH_range   ? 
# 
_diffrn.id                     1 
_diffrn.ambient_temp           100 
_diffrn.ambient_temp_details   ? 
_diffrn.crystal_id             1 
# 
_diffrn_detector.diffrn_id              1 
_diffrn_detector.detector               'IMAGE PLATE' 
_diffrn_detector.type                   'RIGAKU RAXIS IV' 
_diffrn_detector.pdbx_collection_date   2000-12-18 
_diffrn_detector.details                mirror 
# 
_diffrn_radiation.diffrn_id                        1 
_diffrn_radiation.wavelength_id                    1 
_diffrn_radiation.pdbx_monochromatic_or_laue_m_l   M 
_diffrn_radiation.monochromator                    'yale mirrors' 
_diffrn_radiation.pdbx_diffrn_protocol             'SINGLE WAVELENGTH' 
_diffrn_radiation.pdbx_scattering_type             x-ray 
# 
_diffrn_radiation_wavelength.id           1 
_diffrn_radiation_wavelength.wavelength   1.5418 
_diffrn_radiation_wavelength.wt           1.0 
# 
_diffrn_source.diffrn_id                   1 
_diffrn_source.source                      'ROTATING ANODE' 
_diffrn_source.type                        RIGAKU 
_diffrn_source.pdbx_synchrotron_site       ? 
_diffrn_source.pdbx_synchrotron_beamline   ? 
_diffrn_source.pdbx_wavelength             ? 
_diffrn_source.pdbx_wavelength_list        1.5418 
# 
_reflns.entry_id                     1M4B 
_reflns.observed_criterion_sigma_F   0 
_reflns.observed_criterion_sigma_I   0 
_reflns.d_resolution_high            2.13 
_reflns.d_resolution_low             10.0 
_reflns.number_all                   6926 
_reflns.number_obs                   6926 
_reflns.percent_possible_obs         97.5 
_reflns.pdbx_Rmerge_I_obs            0.067 
_reflns.pdbx_Rsym_value              0.067 
_reflns.pdbx_netI_over_sigmaI        12.7 
_reflns.B_iso_Wilson_estimate        33.0 
_reflns.pdbx_redundancy              4.9 
_reflns.R_free_details               ? 
_reflns.limit_h_max                  ? 
_reflns.limit_h_min                  ? 
_reflns.limit_k_max                  ? 
_reflns.limit_k_min                  ? 
_reflns.limit_l_max                  ? 
_reflns.limit_l_min                  ? 
_reflns.observed_criterion_F_max     ? 
_reflns.observed_criterion_F_min     ? 
_reflns.pdbx_diffrn_id               1 
_reflns.pdbx_ordinal                 1 
# 
_reflns_shell.d_res_high             2.13 
_reflns_shell.d_res_low              2.21 
_reflns_shell.percent_possible_all   78.0 
_reflns_shell.Rmerge_I_obs           0.34 
_reflns_shell.pdbx_Rsym_value        0.34 
_reflns_shell.meanI_over_sigI_obs    6.7 
_reflns_shell.pdbx_redundancy        3.8 
_reflns_shell.percent_possible_obs   ? 
_reflns_shell.number_unique_all      558 
_reflns_shell.pdbx_diffrn_id         ? 
_reflns_shell.pdbx_ordinal           1 
# 
_refine.entry_id                                 1M4B 
_refine.ls_number_reflns_obs                     6490 
_refine.ls_number_reflns_all                     6490 
_refine.pdbx_ls_sigma_I                          0 
_refine.pdbx_ls_sigma_F                          0 
_refine.pdbx_data_cutoff_high_absF               ? 
_refine.pdbx_data_cutoff_low_absF                ? 
_refine.ls_d_res_low                             10.00 
_refine.ls_d_res_high                            2.15 
_refine.ls_percent_reflns_obs                    99.37 
_refine.ls_R_factor_obs                          0.24686 
_refine.ls_R_factor_all                          0.24686 
_refine.ls_R_factor_R_work                       0.24505 
_refine.ls_R_factor_R_free                       0.28584 
_refine.ls_R_factor_R_free_error                 ? 
_refine.ls_R_factor_R_free_error_details         ? 
_refine.ls_percent_reflns_R_free                 4.7 
_refine.ls_number_reflns_R_free                  320 
_refine.ls_number_parameters                     ? 
_refine.ls_number_restraints                     ? 
_refine.occupancy_min                            ? 
_refine.occupancy_max                            ? 
_refine.correlation_coeff_Fo_to_Fc               0.922 
_refine.correlation_coeff_Fo_to_Fc_free          0.898 
_refine.B_iso_mean                               36.291 
_refine.aniso_B[1][1]                            -0.76 
_refine.aniso_B[2][2]                            0.92 
_refine.aniso_B[3][3]                            -0.50 
_refine.aniso_B[1][2]                            0.00 
_refine.aniso_B[1][3]                            -1.30 
_refine.aniso_B[2][3]                            0.00 
_refine.solvent_model_details                    MASK 
_refine.solvent_model_param_ksol                 ? 
_refine.solvent_model_param_bsol                 ? 
_refine.pdbx_solvent_vdw_probe_radii             1.40 
_refine.pdbx_solvent_ion_probe_radii             0.80 
_refine.pdbx_solvent_shrinkage_radii             0.80 
_refine.pdbx_ls_cross_valid_method               THROUGHOUT 
_refine.details                                  ? 
_refine.pdbx_starting_model                      ? 
_refine.pdbx_method_to_determine_struct          'MOLECULAR REPLACEMENT' 
_refine.pdbx_isotropic_thermal_model             isotropic 
_refine.pdbx_stereochemistry_target_values       'MAXIMUM LIKELIHOOD' 
_refine.pdbx_stereochem_target_val_spec_case     ? 
_refine.pdbx_R_Free_selection_details            RANDOM 
_refine.pdbx_overall_ESU_R_Free                  0.244 
_refine.overall_SU_B                             ? 
_refine.ls_redundancy_reflns_obs                 ? 
_refine.B_iso_min                                ? 
_refine.B_iso_max                                ? 
_refine.overall_SU_R_Cruickshank_DPI             ? 
_refine.overall_SU_R_free                        ? 
_refine.overall_SU_ML                            ? 
_refine.pdbx_overall_ESU_R                       0.336 
_refine.pdbx_data_cutoff_high_rms_absF           ? 
_refine.pdbx_refine_id                           'X-RAY DIFFRACTION' 
_refine.pdbx_diffrn_id                           1 
_refine.pdbx_TLS_residual_ADP_flag               ? 
_refine.pdbx_overall_phase_error                 ? 
_refine.pdbx_overall_SU_R_free_Cruickshank_DPI   ? 
_refine.pdbx_overall_SU_R_Blow_DPI               ? 
_refine.pdbx_overall_SU_R_free_Blow_DPI          ? 
# 
_refine_hist.pdbx_refine_id                   'X-RAY DIFFRACTION' 
_refine_hist.cycle_id                         LAST 
_refine_hist.pdbx_number_atoms_protein        944 
_refine_hist.pdbx_number_atoms_nucleic_acid   0 
_refine_hist.pdbx_number_atoms_ligand         27 
_refine_hist.number_atoms_solvent             19 
_refine_hist.number_atoms_total               990 
_refine_hist.d_res_high                       2.15 
_refine_hist.d_res_low                        10.00 
# 
loop_
_refine_ls_restr.type 
_refine_ls_restr.dev_ideal 
_refine_ls_restr.dev_ideal_target 
_refine_ls_restr.weight 
_refine_ls_restr.number 
_refine_ls_restr.pdbx_refine_id 
_refine_ls_restr.pdbx_restraint_function 
r_bond_refined_d         0.004 0.022 ? 985  'X-RAY DIFFRACTION' ? 
r_angle_refined_deg      0.771 2.013 ? 1324 'X-RAY DIFFRACTION' ? 
r_dihedral_angle_1_deg   1.920 5.000 ? 113  'X-RAY DIFFRACTION' ? 
r_chiral_restr           0.059 0.200 ? 161  'X-RAY DIFFRACTION' ? 
r_gen_planes_refined     0.002 0.020 ? 684  'X-RAY DIFFRACTION' ? 
r_nbd_refined            0.224 0.200 ? 491  'X-RAY DIFFRACTION' ? 
r_xyhbond_nbd_refined    0.169 0.200 ? 29   'X-RAY DIFFRACTION' ? 
r_symmetry_vdw_refined   0.270 0.200 ? 38   'X-RAY DIFFRACTION' ? 
r_symmetry_hbond_refined 0.527 0.200 ? 2    'X-RAY DIFFRACTION' ? 
r_mcbond_it              3.189 2.500 ? 578  'X-RAY DIFFRACTION' ? 
r_mcangle_it             5.481 5.000 ? 941  'X-RAY DIFFRACTION' ? 
r_scbond_it              3.558 2.500 ? 407  'X-RAY DIFFRACTION' ? 
r_scangle_it             5.652 5.000 ? 383  'X-RAY DIFFRACTION' ? 
# 
_refine_ls_shell.pdbx_total_number_of_bins_used   15 
_refine_ls_shell.d_res_high                       2.150 
_refine_ls_shell.d_res_low                        2.222 
_refine_ls_shell.number_reflns_R_work             578 
_refine_ls_shell.R_factor_R_work                  0.328 
_refine_ls_shell.percent_reflns_obs               67.6 
_refine_ls_shell.R_factor_R_free                  0.435 
_refine_ls_shell.R_factor_R_free_error            ? 
_refine_ls_shell.percent_reflns_R_free            ? 
_refine_ls_shell.number_reflns_R_free             38 
_refine_ls_shell.number_reflns_obs                616 
_refine_ls_shell.redundancy_reflns_obs            ? 
_refine_ls_shell.number_reflns_all                ? 
_refine_ls_shell.pdbx_refine_id                   'X-RAY DIFFRACTION' 
_refine_ls_shell.R_factor_all                     ? 
# 
_struct.entry_id                  1M4B 
_struct.title                     
;Crystal Structure of Human Interleukin-2 K43C Covalently Modified at C43 with 2-[2-(2-Cyclohexyl-2-guanidino-acetylamino)-acetylamino]-N-(3-mercapto-propyl)-propionamide
;
_struct.pdbx_model_details        ? 
_struct.pdbx_CASP_flag            ? 
_struct.pdbx_model_type_details   ? 
# 
_struct_keywords.entry_id        1M4B 
_struct_keywords.pdbx_keywords   CYTOKINE 
_struct_keywords.text            'cytokine, four-helix bundle, small molecule complex' 
# 
loop_
_struct_asym.id 
_struct_asym.pdbx_blank_PDB_chainid_flag 
_struct_asym.pdbx_modified 
_struct_asym.entity_id 
_struct_asym.details 
A N N 1 ? 
B N N 2 ? 
C N N 3 ? 
# 
_struct_ref.id                         1 
_struct_ref.db_name                    UNP 
_struct_ref.db_code                    IL2_HUMAN 
_struct_ref.entity_id                  1 
_struct_ref.pdbx_seq_one_letter_code   
;APTSSSTKKTQLQLEHLLLDLQMILNGINNYKNPKLTRMLTFKFYMPKKATELKHLQCLEEELKPLEEVLNLAQSKNFHL
RPRDLISNINVIVLELKGSETTFMCEYADETATIVEFLNRWITFCQSIISTLT
;
_struct_ref.pdbx_align_begin           21 
_struct_ref.pdbx_db_accession          P60568 
_struct_ref.pdbx_db_isoform            ? 
# 
_struct_ref_seq.align_id                      1 
_struct_ref_seq.ref_id                        1 
_struct_ref_seq.pdbx_PDB_id_code              1M4B 
_struct_ref_seq.pdbx_strand_id                A 
_struct_ref_seq.seq_align_beg                 1 
_struct_ref_seq.pdbx_seq_align_beg_ins_code   ? 
_struct_ref_seq.seq_align_end                 133 
_struct_ref_seq.pdbx_seq_align_end_ins_code   ? 
_struct_ref_seq.pdbx_db_accession             P60568 
_struct_ref_seq.db_align_beg                  21 
_struct_ref_seq.pdbx_db_align_beg_ins_code    ? 
_struct_ref_seq.db_align_end                  153 
_struct_ref_seq.pdbx_db_align_end_ins_code    ? 
_struct_ref_seq.pdbx_auth_seq_align_beg       1 
_struct_ref_seq.pdbx_auth_seq_align_end       133 
# 
_struct_ref_seq_dif.align_id                     1 
_struct_ref_seq_dif.pdbx_pdb_id_code             1M4B 
_struct_ref_seq_dif.mon_id                       CYS 
_struct_ref_seq_dif.pdbx_pdb_strand_id           A 
_struct_ref_seq_dif.seq_num                      43 
_struct_ref_seq_dif.pdbx_pdb_ins_code            ? 
_struct_ref_seq_dif.pdbx_seq_db_name             UNP 
_struct_ref_seq_dif.pdbx_seq_db_accession_code   P60568 
_struct_ref_seq_dif.db_mon_id                    LYS 
_struct_ref_seq_dif.pdbx_seq_db_seq_num          63 
_struct_ref_seq_dif.details                      'engineered mutation' 
_struct_ref_seq_dif.pdbx_auth_seq_num            43 
_struct_ref_seq_dif.pdbx_ordinal                 1 
# 
_pdbx_struct_assembly.id                   1 
_pdbx_struct_assembly.details              author_defined_assembly 
_pdbx_struct_assembly.method_details       ? 
_pdbx_struct_assembly.oligomeric_details   monomeric 
_pdbx_struct_assembly.oligomeric_count     1 
# 
_pdbx_struct_assembly_gen.assembly_id       1 
_pdbx_struct_assembly_gen.oper_expression   1 
_pdbx_struct_assembly_gen.asym_id_list      A,B,C 
# 
_pdbx_struct_oper_list.id                   1 
_pdbx_struct_oper_list.type                 'identity operation' 
_pdbx_struct_oper_list.name                 1_555 
_pdbx_struct_oper_list.symmetry_operation   x,y,z 
_pdbx_struct_oper_list.matrix[1][1]         1.0000000000 
_pdbx_struct_oper_list.matrix[1][2]         0.0000000000 
_pdbx_struct_oper_list.matrix[1][3]         0.0000000000 
_pdbx_struct_oper_list.vector[1]            0.0000000000 
_pdbx_struct_oper_list.matrix[2][1]         0.0000000000 
_pdbx_struct_oper_list.matrix[2][2]         1.0000000000 
_pdbx_struct_oper_list.matrix[2][3]         0.0000000000 
_pdbx_struct_oper_list.vector[2]            0.0000000000 
_pdbx_struct_oper_list.matrix[3][1]         0.0000000000 
_pdbx_struct_oper_list.matrix[3][2]         0.0000000000 
_pdbx_struct_oper_list.matrix[3][3]         1.0000000000 
_pdbx_struct_oper_list.vector[3]            0.0000000000 
# 
loop_
_struct_conf.conf_type_id 
_struct_conf.id 
_struct_conf.pdbx_PDB_helix_id 
_struct_conf.beg_label_comp_id 
_struct_conf.beg_label_asym_id 
_struct_conf.beg_label_seq_id 
_struct_conf.pdbx_beg_PDB_ins_code 
_struct_conf.end_label_comp_id 
_struct_conf.end_label_asym_id 
_struct_conf.end_label_seq_id 
_struct_conf.pdbx_end_PDB_ins_code 
_struct_conf.beg_auth_comp_id 
_struct_conf.beg_auth_asym_id 
_struct_conf.beg_auth_seq_id 
_struct_conf.end_auth_comp_id 
_struct_conf.end_auth_asym_id 
_struct_conf.end_auth_seq_id 
_struct_conf.pdbx_PDB_helix_class 
_struct_conf.details 
_struct_conf.pdbx_PDB_helix_length 
HELX_P HELX_P1 1 SER A 5   ? ASN A 30  ? SER A 5   ASN A 30  1 ? 26 
HELX_P HELX_P2 2 LYS A 35  ? LEU A 40  ? LYS A 35  LEU A 40  1 ? 6  
HELX_P HELX_P3 3 GLU A 52  ? HIS A 55  ? GLU A 52  HIS A 55  5 ? 4  
HELX_P HELX_P4 4 LEU A 56  ? GLU A 61  ? LEU A 56  GLU A 61  1 ? 6  
HELX_P HELX_P5 5 GLU A 62  ? ASN A 71  ? GLU A 62  ASN A 71  1 ? 10 
HELX_P HELX_P6 6 ARG A 83  ? GLY A 98  ? ARG A 83  GLY A 98  1 ? 16 
HELX_P HELX_P7 7 THR A 113 ? LEU A 132 ? THR A 113 LEU A 132 1 ? 20 
# 
_struct_conf_type.id          HELX_P 
_struct_conf_type.criteria    ? 
_struct_conf_type.reference   ? 
# 
loop_
_struct_conn.id 
_struct_conn.conn_type_id 
_struct_conn.pdbx_leaving_atom_flag 
_struct_conn.pdbx_PDB_id 
_struct_conn.ptnr1_label_asym_id 
_struct_conn.ptnr1_label_comp_id 
_struct_conn.ptnr1_label_seq_id 
_struct_conn.ptnr1_label_atom_id 
_struct_conn.pdbx_ptnr1_label_alt_id 
_struct_conn.pdbx_ptnr1_PDB_ins_code 
_struct_conn.pdbx_ptnr1_standard_comp_id 
_struct_conn.ptnr1_symmetry 
_struct_conn.ptnr2_label_asym_id 
_struct_conn.ptnr2_label_comp_id 
_struct_conn.ptnr2_label_seq_id 
_struct_conn.ptnr2_label_atom_id 
_struct_conn.pdbx_ptnr2_label_alt_id 
_struct_conn.pdbx_ptnr2_PDB_ins_code 
_struct_conn.ptnr1_auth_asym_id 
_struct_conn.ptnr1_auth_comp_id 
_struct_conn.ptnr1_auth_seq_id 
_struct_conn.ptnr2_auth_asym_id 
_struct_conn.ptnr2_auth_comp_id 
_struct_conn.ptnr2_auth_seq_id 
_struct_conn.ptnr2_symmetry 
_struct_conn.pdbx_ptnr3_label_atom_id 
_struct_conn.pdbx_ptnr3_label_seq_id 
_struct_conn.pdbx_ptnr3_label_comp_id 
_struct_conn.pdbx_ptnr3_label_asym_id 
_struct_conn.pdbx_ptnr3_label_alt_id 
_struct_conn.pdbx_ptnr3_PDB_ins_code 
_struct_conn.details 
_struct_conn.pdbx_dist_value 
_struct_conn.pdbx_value_order 
_struct_conn.pdbx_role 
disulf1 disulf ?    ? A CYS 58 SG ? ? ? 1_555 A CYS 105 SG  ? ? A CYS 58 A CYS 105 1_555 ? ? ? ? ? ? ? 2.029 ? ? 
covale1 covale none ? A CYS 43 SG ? ? ? 1_555 B NMP .   S27 ? ? A CYS 43 A NMP 201 1_555 ? ? ? ? ? ? ? 2.038 ? ? 
# 
loop_
_struct_conn_type.id 
_struct_conn_type.criteria 
_struct_conn_type.reference 
disulf ? ? 
covale ? ? 
# 
loop_
_pdbx_modification_feature.ordinal 
_pdbx_modification_feature.label_comp_id 
_pdbx_modification_feature.label_asym_id 
_pdbx_modification_feature.label_seq_id 
_pdbx_modification_feature.label_alt_id 
_pdbx_modification_feature.modified_residue_label_comp_id 
_pdbx_modification_feature.modified_residue_label_asym_id 
_pdbx_modification_feature.modified_residue_label_seq_id 
_pdbx_modification_feature.modified_residue_label_alt_id 
_pdbx_modification_feature.auth_comp_id 
_pdbx_modification_feature.auth_asym_id 
_pdbx_modification_feature.auth_seq_id 
_pdbx_modification_feature.PDB_ins_code 
_pdbx_modification_feature.symmetry 
_pdbx_modification_feature.modified_residue_auth_comp_id 
_pdbx_modification_feature.modified_residue_auth_asym_id 
_pdbx_modification_feature.modified_residue_auth_seq_id 
_pdbx_modification_feature.modified_residue_PDB_ins_code 
_pdbx_modification_feature.modified_residue_symmetry 
_pdbx_modification_feature.comp_id_linking_atom 
_pdbx_modification_feature.modified_residue_id_linking_atom 
_pdbx_modification_feature.modified_residue_id 
_pdbx_modification_feature.ref_pcm_id 
_pdbx_modification_feature.ref_comp_id 
_pdbx_modification_feature.type 
_pdbx_modification_feature.category 
1 NMP B .  ? CYS A 43  ? NMP A 201 ? 1_555 CYS A 43  ? 1_555 S27 SG CYS 1 NMP None 'Covalent chemical modification' 
2 CYS A 58 ? CYS A 105 ? CYS A 58  ? 1_555 CYS A 105 ? 1_555 SG  SG .   . .   None 'Disulfide bridge'               
# 
_struct_site.id                   AC1 
_struct_site.pdbx_evidence_code   Software 
_struct_site.pdbx_auth_asym_id    A 
_struct_site.pdbx_auth_comp_id    NMP 
_struct_site.pdbx_auth_seq_id     201 
_struct_site.pdbx_auth_ins_code   ? 
_struct_site.pdbx_num_residues    7 
_struct_site.details              'BINDING SITE FOR RESIDUE NMP A 201' 
# 
loop_
_struct_site_gen.id 
_struct_site_gen.site_id 
_struct_site_gen.pdbx_num_res 
_struct_site_gen.label_comp_id 
_struct_site_gen.label_asym_id 
_struct_site_gen.label_seq_id 
_struct_site_gen.pdbx_auth_ins_code 
_struct_site_gen.auth_comp_id 
_struct_site_gen.auth_asym_id 
_struct_site_gen.auth_seq_id 
_struct_site_gen.label_atom_id 
_struct_site_gen.label_alt_id 
_struct_site_gen.symmetry 
_struct_site_gen.details 
1 AC1 7 PHE A 42 ? PHE A 42  . ? 1_555 ? 
2 AC1 7 CYS A 43 ? CYS A 43  . ? 1_555 ? 
3 AC1 7 TYR A 45 ? TYR A 45  . ? 1_555 ? 
4 AC1 7 GLU A 62 ? GLU A 62  . ? 1_555 ? 
5 AC1 7 PRO A 65 ? PRO A 65  . ? 1_555 ? 
6 AC1 7 ILE A 86 ? ILE A 86  . ? 4_545 ? 
7 AC1 7 HOH C .  ? HOH A 203 . ? 1_555 ? 
# 
_pdbx_entry_details.entry_id                   1M4B 
_pdbx_entry_details.compound_details           ? 
_pdbx_entry_details.source_details             ? 
_pdbx_entry_details.nonpolymer_details         ? 
_pdbx_entry_details.sequence_details           ? 
_pdbx_entry_details.has_ligand_of_interest     ? 
_pdbx_entry_details.has_protein_modification   Y 
# 
_pdbx_validate_symm_contact.id                1 
_pdbx_validate_symm_contact.PDB_model_num     1 
_pdbx_validate_symm_contact.auth_atom_id_1    O 
_pdbx_validate_symm_contact.auth_asym_id_1    A 
_pdbx_validate_symm_contact.auth_comp_id_1    SER 
_pdbx_validate_symm_contact.auth_seq_id_1     6 
_pdbx_validate_symm_contact.PDB_ins_code_1    ? 
_pdbx_validate_symm_contact.label_alt_id_1    ? 
_pdbx_validate_symm_contact.site_symmetry_1   1_555 
_pdbx_validate_symm_contact.auth_atom_id_2    OG 
_pdbx_validate_symm_contact.auth_asym_id_2    A 
_pdbx_validate_symm_contact.auth_comp_id_2    SER 
_pdbx_validate_symm_contact.auth_seq_id_2     6 
_pdbx_validate_symm_contact.PDB_ins_code_2    ? 
_pdbx_validate_symm_contact.label_alt_id_2    ? 
_pdbx_validate_symm_contact.site_symmetry_2   2_656 
_pdbx_validate_symm_contact.dist              2.16 
# 
loop_
_pdbx_unobs_or_zero_occ_residues.id 
_pdbx_unobs_or_zero_occ_residues.PDB_model_num 
_pdbx_unobs_or_zero_occ_residues.polymer_flag 
_pdbx_unobs_or_zero_occ_residues.occupancy_flag 
_pdbx_unobs_or_zero_occ_residues.auth_asym_id 
_pdbx_unobs_or_zero_occ_residues.auth_comp_id 
_pdbx_unobs_or_zero_occ_residues.auth_seq_id 
_pdbx_unobs_or_zero_occ_residues.PDB_ins_code 
_pdbx_unobs_or_zero_occ_residues.label_asym_id 
_pdbx_unobs_or_zero_occ_residues.label_comp_id 
_pdbx_unobs_or_zero_occ_residues.label_seq_id 
1  1 Y 1 A ALA 1   ? A ALA 1   
2  1 Y 1 A PRO 2   ? A PRO 2   
3  1 Y 1 A THR 3   ? A THR 3   
4  1 Y 1 A SER 4   ? A SER 4   
5  1 Y 1 A GLN 74  ? A GLN 74  
6  1 Y 1 A SER 75  ? A SER 75  
7  1 Y 1 A LYS 76  ? A LYS 76  
8  1 Y 1 A ASN 77  ? A ASN 77  
9  1 Y 1 A PHE 78  ? A PHE 78  
10 1 Y 1 A HIS 79  ? A HIS 79  
11 1 Y 1 A LEU 80  ? A LEU 80  
12 1 Y 1 A ARG 81  ? A ARG 81  
13 1 Y 1 A PRO 82  ? A PRO 82  
14 1 Y 1 A SER 99  ? A SER 99  
15 1 Y 1 A GLU 100 ? A GLU 100 
16 1 Y 1 A THR 101 ? A THR 101 
17 1 Y 1 A THR 102 ? A THR 102 
# 
loop_
_chem_comp_atom.comp_id 
_chem_comp_atom.atom_id 
_chem_comp_atom.type_symbol 
_chem_comp_atom.pdbx_aromatic_flag 
_chem_comp_atom.pdbx_stereo_config 
_chem_comp_atom.pdbx_ordinal 
ALA N    N N N 1   
ALA CA   C N S 2   
ALA C    C N N 3   
ALA O    O N N 4   
ALA CB   C N N 5   
ALA OXT  O N N 6   
ALA H    H N N 7   
ALA H2   H N N 8   
ALA HA   H N N 9   
ALA HB1  H N N 10  
ALA HB2  H N N 11  
ALA HB3  H N N 12  
ALA HXT  H N N 13  
ARG N    N N N 14  
ARG CA   C N S 15  
ARG C    C N N 16  
ARG O    O N N 17  
ARG CB   C N N 18  
ARG CG   C N N 19  
ARG CD   C N N 20  
ARG NE   N N N 21  
ARG CZ   C N N 22  
ARG NH1  N N N 23  
ARG NH2  N N N 24  
ARG OXT  O N N 25  
ARG H    H N N 26  
ARG H2   H N N 27  
ARG HA   H N N 28  
ARG HB2  H N N 29  
ARG HB3  H N N 30  
ARG HG2  H N N 31  
ARG HG3  H N N 32  
ARG HD2  H N N 33  
ARG HD3  H N N 34  
ARG HE   H N N 35  
ARG HH11 H N N 36  
ARG HH12 H N N 37  
ARG HH21 H N N 38  
ARG HH22 H N N 39  
ARG HXT  H N N 40  
ASN N    N N N 41  
ASN CA   C N S 42  
ASN C    C N N 43  
ASN O    O N N 44  
ASN CB   C N N 45  
ASN CG   C N N 46  
ASN OD1  O N N 47  
ASN ND2  N N N 48  
ASN OXT  O N N 49  
ASN H    H N N 50  
ASN H2   H N N 51  
ASN HA   H N N 52  
ASN HB2  H N N 53  
ASN HB3  H N N 54  
ASN HD21 H N N 55  
ASN HD22 H N N 56  
ASN HXT  H N N 57  
ASP N    N N N 58  
ASP CA   C N S 59  
ASP C    C N N 60  
ASP O    O N N 61  
ASP CB   C N N 62  
ASP CG   C N N 63  
ASP OD1  O N N 64  
ASP OD2  O N N 65  
ASP OXT  O N N 66  
ASP H    H N N 67  
ASP H2   H N N 68  
ASP HA   H N N 69  
ASP HB2  H N N 70  
ASP HB3  H N N 71  
ASP HD2  H N N 72  
ASP HXT  H N N 73  
CYS N    N N N 74  
CYS CA   C N R 75  
CYS C    C N N 76  
CYS O    O N N 77  
CYS CB   C N N 78  
CYS SG   S N N 79  
CYS OXT  O N N 80  
CYS H    H N N 81  
CYS H2   H N N 82  
CYS HA   H N N 83  
CYS HB2  H N N 84  
CYS HB3  H N N 85  
CYS HG   H N N 86  
CYS HXT  H N N 87  
GLN N    N N N 88  
GLN CA   C N S 89  
GLN C    C N N 90  
GLN O    O N N 91  
GLN CB   C N N 92  
GLN CG   C N N 93  
GLN CD   C N N 94  
GLN OE1  O N N 95  
GLN NE2  N N N 96  
GLN OXT  O N N 97  
GLN H    H N N 98  
GLN H2   H N N 99  
GLN HA   H N N 100 
GLN HB2  H N N 101 
GLN HB3  H N N 102 
GLN HG2  H N N 103 
GLN HG3  H N N 104 
GLN HE21 H N N 105 
GLN HE22 H N N 106 
GLN HXT  H N N 107 
GLU N    N N N 108 
GLU CA   C N S 109 
GLU C    C N N 110 
GLU O    O N N 111 
GLU CB   C N N 112 
GLU CG   C N N 113 
GLU CD   C N N 114 
GLU OE1  O N N 115 
GLU OE2  O N N 116 
GLU OXT  O N N 117 
GLU H    H N N 118 
GLU H2   H N N 119 
GLU HA   H N N 120 
GLU HB2  H N N 121 
GLU HB3  H N N 122 
GLU HG2  H N N 123 
GLU HG3  H N N 124 
GLU HE2  H N N 125 
GLU HXT  H N N 126 
GLY N    N N N 127 
GLY CA   C N N 128 
GLY C    C N N 129 
GLY O    O N N 130 
GLY OXT  O N N 131 
GLY H    H N N 132 
GLY H2   H N N 133 
GLY HA2  H N N 134 
GLY HA3  H N N 135 
GLY HXT  H N N 136 
HIS N    N N N 137 
HIS CA   C N S 138 
HIS C    C N N 139 
HIS O    O N N 140 
HIS CB   C N N 141 
HIS CG   C Y N 142 
HIS ND1  N Y N 143 
HIS CD2  C Y N 144 
HIS CE1  C Y N 145 
HIS NE2  N Y N 146 
HIS OXT  O N N 147 
HIS H    H N N 148 
HIS H2   H N N 149 
HIS HA   H N N 150 
HIS HB2  H N N 151 
HIS HB3  H N N 152 
HIS HD1  H N N 153 
HIS HD2  H N N 154 
HIS HE1  H N N 155 
HIS HE2  H N N 156 
HIS HXT  H N N 157 
HOH O    O N N 158 
HOH H1   H N N 159 
HOH H2   H N N 160 
ILE N    N N N 161 
ILE CA   C N S 162 
ILE C    C N N 163 
ILE O    O N N 164 
ILE CB   C N S 165 
ILE CG1  C N N 166 
ILE CG2  C N N 167 
ILE CD1  C N N 168 
ILE OXT  O N N 169 
ILE H    H N N 170 
ILE H2   H N N 171 
ILE HA   H N N 172 
ILE HB   H N N 173 
ILE HG12 H N N 174 
ILE HG13 H N N 175 
ILE HG21 H N N 176 
ILE HG22 H N N 177 
ILE HG23 H N N 178 
ILE HD11 H N N 179 
ILE HD12 H N N 180 
ILE HD13 H N N 181 
ILE HXT  H N N 182 
LEU N    N N N 183 
LEU CA   C N S 184 
LEU C    C N N 185 
LEU O    O N N 186 
LEU CB   C N N 187 
LEU CG   C N N 188 
LEU CD1  C N N 189 
LEU CD2  C N N 190 
LEU OXT  O N N 191 
LEU H    H N N 192 
LEU H2   H N N 193 
LEU HA   H N N 194 
LEU HB2  H N N 195 
LEU HB3  H N N 196 
LEU HG   H N N 197 
LEU HD11 H N N 198 
LEU HD12 H N N 199 
LEU HD13 H N N 200 
LEU HD21 H N N 201 
LEU HD22 H N N 202 
LEU HD23 H N N 203 
LEU HXT  H N N 204 
LYS N    N N N 205 
LYS CA   C N S 206 
LYS C    C N N 207 
LYS O    O N N 208 
LYS CB   C N N 209 
LYS CG   C N N 210 
LYS CD   C N N 211 
LYS CE   C N N 212 
LYS NZ   N N N 213 
LYS OXT  O N N 214 
LYS H    H N N 215 
LYS H2   H N N 216 
LYS HA   H N N 217 
LYS HB2  H N N 218 
LYS HB3  H N N 219 
LYS HG2  H N N 220 
LYS HG3  H N N 221 
LYS HD2  H N N 222 
LYS HD3  H N N 223 
LYS HE2  H N N 224 
LYS HE3  H N N 225 
LYS HZ1  H N N 226 
LYS HZ2  H N N 227 
LYS HZ3  H N N 228 
LYS HXT  H N N 229 
MET N    N N N 230 
MET CA   C N S 231 
MET C    C N N 232 
MET O    O N N 233 
MET CB   C N N 234 
MET CG   C N N 235 
MET SD   S N N 236 
MET CE   C N N 237 
MET OXT  O N N 238 
MET H    H N N 239 
MET H2   H N N 240 
MET HA   H N N 241 
MET HB2  H N N 242 
MET HB3  H N N 243 
MET HG2  H N N 244 
MET HG3  H N N 245 
MET HE1  H N N 246 
MET HE2  H N N 247 
MET HE3  H N N 248 
MET HXT  H N N 249 
NMP S27  S N N 250 
NMP C26  C N N 251 
NMP C25  C N N 252 
NMP C24  C N N 253 
NMP N23  N N N 254 
NMP C20  C N N 255 
NMP O21  O N N 256 
NMP C19  C N S 257 
NMP C22  C N N 258 
NMP N18  N N N 259 
NMP C16  C N N 260 
NMP O17  O N N 261 
NMP C15  C N N 262 
NMP N14  N N N 263 
NMP C6   C N N 264 
NMP O7   O N N 265 
NMP C5   C N R 266 
NMP N4   N N N 267 
NMP C2   C N N 268 
NMP N3   N N N 269 
NMP N1   N N N 270 
NMP C8   C N N 271 
NMP C9   C N N 272 
NMP C10  C N N 273 
NMP C11  C N N 274 
NMP C12  C N N 275 
NMP C13  C N N 276 
NMP H27  H N N 277 
NMP H261 H N N 278 
NMP H262 H N N 279 
NMP H251 H N N 280 
NMP H252 H N N 281 
NMP H241 H N N 282 
NMP H242 H N N 283 
NMP H23  H N N 284 
NMP H19  H N N 285 
NMP H221 H N N 286 
NMP H222 H N N 287 
NMP H223 H N N 288 
NMP H18  H N N 289 
NMP H151 H N N 290 
NMP H152 H N N 291 
NMP H14  H N N 292 
NMP H5   H N N 293 
NMP H4   H N N 294 
NMP H31  H N N 295 
NMP H32  H N N 296 
NMP H1   H N N 297 
NMP H8   H N N 298 
NMP H91  H N N 299 
NMP H92  H N N 300 
NMP H101 H N N 301 
NMP H102 H N N 302 
NMP H111 H N N 303 
NMP H112 H N N 304 
NMP H121 H N N 305 
NMP H122 H N N 306 
NMP H131 H N N 307 
NMP H132 H N N 308 
PHE N    N N N 309 
PHE CA   C N S 310 
PHE C    C N N 311 
PHE O    O N N 312 
PHE CB   C N N 313 
PHE CG   C Y N 314 
PHE CD1  C Y N 315 
PHE CD2  C Y N 316 
PHE CE1  C Y N 317 
PHE CE2  C Y N 318 
PHE CZ   C Y N 319 
PHE OXT  O N N 320 
PHE H    H N N 321 
PHE H2   H N N 322 
PHE HA   H N N 323 
PHE HB2  H N N 324 
PHE HB3  H N N 325 
PHE HD1  H N N 326 
PHE HD2  H N N 327 
PHE HE1  H N N 328 
PHE HE2  H N N 329 
PHE HZ   H N N 330 
PHE HXT  H N N 331 
PRO N    N N N 332 
PRO CA   C N S 333 
PRO C    C N N 334 
PRO O    O N N 335 
PRO CB   C N N 336 
PRO CG   C N N 337 
PRO CD   C N N 338 
PRO OXT  O N N 339 
PRO H    H N N 340 
PRO HA   H N N 341 
PRO HB2  H N N 342 
PRO HB3  H N N 343 
PRO HG2  H N N 344 
PRO HG3  H N N 345 
PRO HD2  H N N 346 
PRO HD3  H N N 347 
PRO HXT  H N N 348 
SER N    N N N 349 
SER CA   C N S 350 
SER C    C N N 351 
SER O    O N N 352 
SER CB   C N N 353 
SER OG   O N N 354 
SER OXT  O N N 355 
SER H    H N N 356 
SER H2   H N N 357 
SER HA   H N N 358 
SER HB2  H N N 359 
SER HB3  H N N 360 
SER HG   H N N 361 
SER HXT  H N N 362 
THR N    N N N 363 
THR CA   C N S 364 
THR C    C N N 365 
THR O    O N N 366 
THR CB   C N R 367 
THR OG1  O N N 368 
THR CG2  C N N 369 
THR OXT  O N N 370 
THR H    H N N 371 
THR H2   H N N 372 
THR HA   H N N 373 
THR HB   H N N 374 
THR HG1  H N N 375 
THR HG21 H N N 376 
THR HG22 H N N 377 
THR HG23 H N N 378 
THR HXT  H N N 379 
TRP N    N N N 380 
TRP CA   C N S 381 
TRP C    C N N 382 
TRP O    O N N 383 
TRP CB   C N N 384 
TRP CG   C Y N 385 
TRP CD1  C Y N 386 
TRP CD2  C Y N 387 
TRP NE1  N Y N 388 
TRP CE2  C Y N 389 
TRP CE3  C Y N 390 
TRP CZ2  C Y N 391 
TRP CZ3  C Y N 392 
TRP CH2  C Y N 393 
TRP OXT  O N N 394 
TRP H    H N N 395 
TRP H2   H N N 396 
TRP HA   H N N 397 
TRP HB2  H N N 398 
TRP HB3  H N N 399 
TRP HD1  H N N 400 
TRP HE1  H N N 401 
TRP HE3  H N N 402 
TRP HZ2  H N N 403 
TRP HZ3  H N N 404 
TRP HH2  H N N 405 
TRP HXT  H N N 406 
TYR N    N N N 407 
TYR CA   C N S 408 
TYR C    C N N 409 
TYR O    O N N 410 
TYR CB   C N N 411 
TYR CG   C Y N 412 
TYR CD1  C Y N 413 
TYR CD2  C Y N 414 
TYR CE1  C Y N 415 
TYR CE2  C Y N 416 
TYR CZ   C Y N 417 
TYR OH   O N N 418 
TYR OXT  O N N 419 
TYR H    H N N 420 
TYR H2   H N N 421 
TYR HA   H N N 422 
TYR HB2  H N N 423 
TYR HB3  H N N 424 
TYR HD1  H N N 425 
TYR HD2  H N N 426 
TYR HE1  H N N 427 
TYR HE2  H N N 428 
TYR HH   H N N 429 
TYR HXT  H N N 430 
VAL N    N N N 431 
VAL CA   C N S 432 
VAL C    C N N 433 
VAL O    O N N 434 
VAL CB   C N N 435 
VAL CG1  C N N 436 
VAL CG2  C N N 437 
VAL OXT  O N N 438 
VAL H    H N N 439 
VAL H2   H N N 440 
VAL HA   H N N 441 
VAL HB   H N N 442 
VAL HG11 H N N 443 
VAL HG12 H N N 444 
VAL HG13 H N N 445 
VAL HG21 H N N 446 
VAL HG22 H N N 447 
VAL HG23 H N N 448 
VAL HXT  H N N 449 
# 
loop_
_chem_comp_bond.comp_id 
_chem_comp_bond.atom_id_1 
_chem_comp_bond.atom_id_2 
_chem_comp_bond.value_order 
_chem_comp_bond.pdbx_aromatic_flag 
_chem_comp_bond.pdbx_stereo_config 
_chem_comp_bond.pdbx_ordinal 
ALA N   CA   sing N N 1   
ALA N   H    sing N N 2   
ALA N   H2   sing N N 3   
ALA CA  C    sing N N 4   
ALA CA  CB   sing N N 5   
ALA CA  HA   sing N N 6   
ALA C   O    doub N N 7   
ALA C   OXT  sing N N 8   
ALA CB  HB1  sing N N 9   
ALA CB  HB2  sing N N 10  
ALA CB  HB3  sing N N 11  
ALA OXT HXT  sing N N 12  
ARG N   CA   sing N N 13  
ARG N   H    sing N N 14  
ARG N   H2   sing N N 15  
ARG CA  C    sing N N 16  
ARG CA  CB   sing N N 17  
ARG CA  HA   sing N N 18  
ARG C   O    doub N N 19  
ARG C   OXT  sing N N 20  
ARG CB  CG   sing N N 21  
ARG CB  HB2  sing N N 22  
ARG CB  HB3  sing N N 23  
ARG CG  CD   sing N N 24  
ARG CG  HG2  sing N N 25  
ARG CG  HG3  sing N N 26  
ARG CD  NE   sing N N 27  
ARG CD  HD2  sing N N 28  
ARG CD  HD3  sing N N 29  
ARG NE  CZ   sing N N 30  
ARG NE  HE   sing N N 31  
ARG CZ  NH1  sing N N 32  
ARG CZ  NH2  doub N N 33  
ARG NH1 HH11 sing N N 34  
ARG NH1 HH12 sing N N 35  
ARG NH2 HH21 sing N N 36  
ARG NH2 HH22 sing N N 37  
ARG OXT HXT  sing N N 38  
ASN N   CA   sing N N 39  
ASN N   H    sing N N 40  
ASN N   H2   sing N N 41  
ASN CA  C    sing N N 42  
ASN CA  CB   sing N N 43  
ASN CA  HA   sing N N 44  
ASN C   O    doub N N 45  
ASN C   OXT  sing N N 46  
ASN CB  CG   sing N N 47  
ASN CB  HB2  sing N N 48  
ASN CB  HB3  sing N N 49  
ASN CG  OD1  doub N N 50  
ASN CG  ND2  sing N N 51  
ASN ND2 HD21 sing N N 52  
ASN ND2 HD22 sing N N 53  
ASN OXT HXT  sing N N 54  
ASP N   CA   sing N N 55  
ASP N   H    sing N N 56  
ASP N   H2   sing N N 57  
ASP CA  C    sing N N 58  
ASP CA  CB   sing N N 59  
ASP CA  HA   sing N N 60  
ASP C   O    doub N N 61  
ASP C   OXT  sing N N 62  
ASP CB  CG   sing N N 63  
ASP CB  HB2  sing N N 64  
ASP CB  HB3  sing N N 65  
ASP CG  OD1  doub N N 66  
ASP CG  OD2  sing N N 67  
ASP OD2 HD2  sing N N 68  
ASP OXT HXT  sing N N 69  
CYS N   CA   sing N N 70  
CYS N   H    sing N N 71  
CYS N   H2   sing N N 72  
CYS CA  C    sing N N 73  
CYS CA  CB   sing N N 74  
CYS CA  HA   sing N N 75  
CYS C   O    doub N N 76  
CYS C   OXT  sing N N 77  
CYS CB  SG   sing N N 78  
CYS CB  HB2  sing N N 79  
CYS CB  HB3  sing N N 80  
CYS SG  HG   sing N N 81  
CYS OXT HXT  sing N N 82  
GLN N   CA   sing N N 83  
GLN N   H    sing N N 84  
GLN N   H2   sing N N 85  
GLN CA  C    sing N N 86  
GLN CA  CB   sing N N 87  
GLN CA  HA   sing N N 88  
GLN C   O    doub N N 89  
GLN C   OXT  sing N N 90  
GLN CB  CG   sing N N 91  
GLN CB  HB2  sing N N 92  
GLN CB  HB3  sing N N 93  
GLN CG  CD   sing N N 94  
GLN CG  HG2  sing N N 95  
GLN CG  HG3  sing N N 96  
GLN CD  OE1  doub N N 97  
GLN CD  NE2  sing N N 98  
GLN NE2 HE21 sing N N 99  
GLN NE2 HE22 sing N N 100 
GLN OXT HXT  sing N N 101 
GLU N   CA   sing N N 102 
GLU N   H    sing N N 103 
GLU N   H2   sing N N 104 
GLU CA  C    sing N N 105 
GLU CA  CB   sing N N 106 
GLU CA  HA   sing N N 107 
GLU C   O    doub N N 108 
GLU C   OXT  sing N N 109 
GLU CB  CG   sing N N 110 
GLU CB  HB2  sing N N 111 
GLU CB  HB3  sing N N 112 
GLU CG  CD   sing N N 113 
GLU CG  HG2  sing N N 114 
GLU CG  HG3  sing N N 115 
GLU CD  OE1  doub N N 116 
GLU CD  OE2  sing N N 117 
GLU OE2 HE2  sing N N 118 
GLU OXT HXT  sing N N 119 
GLY N   CA   sing N N 120 
GLY N   H    sing N N 121 
GLY N   H2   sing N N 122 
GLY CA  C    sing N N 123 
GLY CA  HA2  sing N N 124 
GLY CA  HA3  sing N N 125 
GLY C   O    doub N N 126 
GLY C   OXT  sing N N 127 
GLY OXT HXT  sing N N 128 
HIS N   CA   sing N N 129 
HIS N   H    sing N N 130 
HIS N   H2   sing N N 131 
HIS CA  C    sing N N 132 
HIS CA  CB   sing N N 133 
HIS CA  HA   sing N N 134 
HIS C   O    doub N N 135 
HIS C   OXT  sing N N 136 
HIS CB  CG   sing N N 137 
HIS CB  HB2  sing N N 138 
HIS CB  HB3  sing N N 139 
HIS CG  ND1  sing Y N 140 
HIS CG  CD2  doub Y N 141 
HIS ND1 CE1  doub Y N 142 
HIS ND1 HD1  sing N N 143 
HIS CD2 NE2  sing Y N 144 
HIS CD2 HD2  sing N N 145 
HIS CE1 NE2  sing Y N 146 
HIS CE1 HE1  sing N N 147 
HIS NE2 HE2  sing N N 148 
HIS OXT HXT  sing N N 149 
HOH O   H1   sing N N 150 
HOH O   H2   sing N N 151 
ILE N   CA   sing N N 152 
ILE N   H    sing N N 153 
ILE N   H2   sing N N 154 
ILE CA  C    sing N N 155 
ILE CA  CB   sing N N 156 
ILE CA  HA   sing N N 157 
ILE C   O    doub N N 158 
ILE C   OXT  sing N N 159 
ILE CB  CG1  sing N N 160 
ILE CB  CG2  sing N N 161 
ILE CB  HB   sing N N 162 
ILE CG1 CD1  sing N N 163 
ILE CG1 HG12 sing N N 164 
ILE CG1 HG13 sing N N 165 
ILE CG2 HG21 sing N N 166 
ILE CG2 HG22 sing N N 167 
ILE CG2 HG23 sing N N 168 
ILE CD1 HD11 sing N N 169 
ILE CD1 HD12 sing N N 170 
ILE CD1 HD13 sing N N 171 
ILE OXT HXT  sing N N 172 
LEU N   CA   sing N N 173 
LEU N   H    sing N N 174 
LEU N   H2   sing N N 175 
LEU CA  C    sing N N 176 
LEU CA  CB   sing N N 177 
LEU CA  HA   sing N N 178 
LEU C   O    doub N N 179 
LEU C   OXT  sing N N 180 
LEU CB  CG   sing N N 181 
LEU CB  HB2  sing N N 182 
LEU CB  HB3  sing N N 183 
LEU CG  CD1  sing N N 184 
LEU CG  CD2  sing N N 185 
LEU CG  HG   sing N N 186 
LEU CD1 HD11 sing N N 187 
LEU CD1 HD12 sing N N 188 
LEU CD1 HD13 sing N N 189 
LEU CD2 HD21 sing N N 190 
LEU CD2 HD22 sing N N 191 
LEU CD2 HD23 sing N N 192 
LEU OXT HXT  sing N N 193 
LYS N   CA   sing N N 194 
LYS N   H    sing N N 195 
LYS N   H2   sing N N 196 
LYS CA  C    sing N N 197 
LYS CA  CB   sing N N 198 
LYS CA  HA   sing N N 199 
LYS C   O    doub N N 200 
LYS C   OXT  sing N N 201 
LYS CB  CG   sing N N 202 
LYS CB  HB2  sing N N 203 
LYS CB  HB3  sing N N 204 
LYS CG  CD   sing N N 205 
LYS CG  HG2  sing N N 206 
LYS CG  HG3  sing N N 207 
LYS CD  CE   sing N N 208 
LYS CD  HD2  sing N N 209 
LYS CD  HD3  sing N N 210 
LYS CE  NZ   sing N N 211 
LYS CE  HE2  sing N N 212 
LYS CE  HE3  sing N N 213 
LYS NZ  HZ1  sing N N 214 
LYS NZ  HZ2  sing N N 215 
LYS NZ  HZ3  sing N N 216 
LYS OXT HXT  sing N N 217 
MET N   CA   sing N N 218 
MET N   H    sing N N 219 
MET N   H2   sing N N 220 
MET CA  C    sing N N 221 
MET CA  CB   sing N N 222 
MET CA  HA   sing N N 223 
MET C   O    doub N N 224 
MET C   OXT  sing N N 225 
MET CB  CG   sing N N 226 
MET CB  HB2  sing N N 227 
MET CB  HB3  sing N N 228 
MET CG  SD   sing N N 229 
MET CG  HG2  sing N N 230 
MET CG  HG3  sing N N 231 
MET SD  CE   sing N N 232 
MET CE  HE1  sing N N 233 
MET CE  HE2  sing N N 234 
MET CE  HE3  sing N N 235 
MET OXT HXT  sing N N 236 
NMP S27 C26  sing N N 237 
NMP S27 H27  sing N N 238 
NMP C26 C25  sing N N 239 
NMP C26 H261 sing N N 240 
NMP C26 H262 sing N N 241 
NMP C25 C24  sing N N 242 
NMP C25 H251 sing N N 243 
NMP C25 H252 sing N N 244 
NMP C24 N23  sing N N 245 
NMP C24 H241 sing N N 246 
NMP C24 H242 sing N N 247 
NMP N23 C20  sing N N 248 
NMP N23 H23  sing N N 249 
NMP C20 O21  doub N N 250 
NMP C20 C19  sing N N 251 
NMP C19 C22  sing N N 252 
NMP C19 N18  sing N N 253 
NMP C19 H19  sing N N 254 
NMP C22 H221 sing N N 255 
NMP C22 H222 sing N N 256 
NMP C22 H223 sing N N 257 
NMP N18 C16  sing N N 258 
NMP N18 H18  sing N N 259 
NMP C16 O17  doub N N 260 
NMP C16 C15  sing N N 261 
NMP C15 N14  sing N N 262 
NMP C15 H151 sing N N 263 
NMP C15 H152 sing N N 264 
NMP N14 C6   sing N N 265 
NMP N14 H14  sing N N 266 
NMP C6  O7   doub N N 267 
NMP C6  C5   sing N N 268 
NMP C5  N4   sing N N 269 
NMP C5  C8   sing N N 270 
NMP C5  H5   sing N N 271 
NMP N4  C2   sing N N 272 
NMP N4  H4   sing N N 273 
NMP C2  N3   sing N N 274 
NMP C2  N1   doub N N 275 
NMP N3  H31  sing N N 276 
NMP N3  H32  sing N N 277 
NMP N1  H1   sing N N 278 
NMP C8  C9   sing N N 279 
NMP C8  C13  sing N N 280 
NMP C8  H8   sing N N 281 
NMP C9  C10  sing N N 282 
NMP C9  H91  sing N N 283 
NMP C9  H92  sing N N 284 
NMP C10 C11  sing N N 285 
NMP C10 H101 sing N N 286 
NMP C10 H102 sing N N 287 
NMP C11 C12  sing N N 288 
NMP C11 H111 sing N N 289 
NMP C11 H112 sing N N 290 
NMP C12 C13  sing N N 291 
NMP C12 H121 sing N N 292 
NMP C12 H122 sing N N 293 
NMP C13 H131 sing N N 294 
NMP C13 H132 sing N N 295 
PHE N   CA   sing N N 296 
PHE N   H    sing N N 297 
PHE N   H2   sing N N 298 
PHE CA  C    sing N N 299 
PHE CA  CB   sing N N 300 
PHE CA  HA   sing N N 301 
PHE C   O    doub N N 302 
PHE C   OXT  sing N N 303 
PHE CB  CG   sing N N 304 
PHE CB  HB2  sing N N 305 
PHE CB  HB3  sing N N 306 
PHE CG  CD1  doub Y N 307 
PHE CG  CD2  sing Y N 308 
PHE CD1 CE1  sing Y N 309 
PHE CD1 HD1  sing N N 310 
PHE CD2 CE2  doub Y N 311 
PHE CD2 HD2  sing N N 312 
PHE CE1 CZ   doub Y N 313 
PHE CE1 HE1  sing N N 314 
PHE CE2 CZ   sing Y N 315 
PHE CE2 HE2  sing N N 316 
PHE CZ  HZ   sing N N 317 
PHE OXT HXT  sing N N 318 
PRO N   CA   sing N N 319 
PRO N   CD   sing N N 320 
PRO N   H    sing N N 321 
PRO CA  C    sing N N 322 
PRO CA  CB   sing N N 323 
PRO CA  HA   sing N N 324 
PRO C   O    doub N N 325 
PRO C   OXT  sing N N 326 
PRO CB  CG   sing N N 327 
PRO CB  HB2  sing N N 328 
PRO CB  HB3  sing N N 329 
PRO CG  CD   sing N N 330 
PRO CG  HG2  sing N N 331 
PRO CG  HG3  sing N N 332 
PRO CD  HD2  sing N N 333 
PRO CD  HD3  sing N N 334 
PRO OXT HXT  sing N N 335 
SER N   CA   sing N N 336 
SER N   H    sing N N 337 
SER N   H2   sing N N 338 
SER CA  C    sing N N 339 
SER CA  CB   sing N N 340 
SER CA  HA   sing N N 341 
SER C   O    doub N N 342 
SER C   OXT  sing N N 343 
SER CB  OG   sing N N 344 
SER CB  HB2  sing N N 345 
SER CB  HB3  sing N N 346 
SER OG  HG   sing N N 347 
SER OXT HXT  sing N N 348 
THR N   CA   sing N N 349 
THR N   H    sing N N 350 
THR N   H2   sing N N 351 
THR CA  C    sing N N 352 
THR CA  CB   sing N N 353 
THR CA  HA   sing N N 354 
THR C   O    doub N N 355 
THR C   OXT  sing N N 356 
THR CB  OG1  sing N N 357 
THR CB  CG2  sing N N 358 
THR CB  HB   sing N N 359 
THR OG1 HG1  sing N N 360 
THR CG2 HG21 sing N N 361 
THR CG2 HG22 sing N N 362 
THR CG2 HG23 sing N N 363 
THR OXT HXT  sing N N 364 
TRP N   CA   sing N N 365 
TRP N   H    sing N N 366 
TRP N   H2   sing N N 367 
TRP CA  C    sing N N 368 
TRP CA  CB   sing N N 369 
TRP CA  HA   sing N N 370 
TRP C   O    doub N N 371 
TRP C   OXT  sing N N 372 
TRP CB  CG   sing N N 373 
TRP CB  HB2  sing N N 374 
TRP CB  HB3  sing N N 375 
TRP CG  CD1  doub Y N 376 
TRP CG  CD2  sing Y N 377 
TRP CD1 NE1  sing Y N 378 
TRP CD1 HD1  sing N N 379 
TRP CD2 CE2  doub Y N 380 
TRP CD2 CE3  sing Y N 381 
TRP NE1 CE2  sing Y N 382 
TRP NE1 HE1  sing N N 383 
TRP CE2 CZ2  sing Y N 384 
TRP CE3 CZ3  doub Y N 385 
TRP CE3 HE3  sing N N 386 
TRP CZ2 CH2  doub Y N 387 
TRP CZ2 HZ2  sing N N 388 
TRP CZ3 CH2  sing Y N 389 
TRP CZ3 HZ3  sing N N 390 
TRP CH2 HH2  sing N N 391 
TRP OXT HXT  sing N N 392 
TYR N   CA   sing N N 393 
TYR N   H    sing N N 394 
TYR N   H2   sing N N 395 
TYR CA  C    sing N N 396 
TYR CA  CB   sing N N 397 
TYR CA  HA   sing N N 398 
TYR C   O    doub N N 399 
TYR C   OXT  sing N N 400 
TYR CB  CG   sing N N 401 
TYR CB  HB2  sing N N 402 
TYR CB  HB3  sing N N 403 
TYR CG  CD1  doub Y N 404 
TYR CG  CD2  sing Y N 405 
TYR CD1 CE1  sing Y N 406 
TYR CD1 HD1  sing N N 407 
TYR CD2 CE2  doub Y N 408 
TYR CD2 HD2  sing N N 409 
TYR CE1 CZ   doub Y N 410 
TYR CE1 HE1  sing N N 411 
TYR CE2 CZ   sing Y N 412 
TYR CE2 HE2  sing N N 413 
TYR CZ  OH   sing N N 414 
TYR OH  HH   sing N N 415 
TYR OXT HXT  sing N N 416 
VAL N   CA   sing N N 417 
VAL N   H    sing N N 418 
VAL N   H2   sing N N 419 
VAL CA  C    sing N N 420 
VAL CA  CB   sing N N 421 
VAL CA  HA   sing N N 422 
VAL C   O    doub N N 423 
VAL C   OXT  sing N N 424 
VAL CB  CG1  sing N N 425 
VAL CB  CG2  sing N N 426 
VAL CB  HB   sing N N 427 
VAL CG1 HG11 sing N N 428 
VAL CG1 HG12 sing N N 429 
VAL CG1 HG13 sing N N 430 
VAL CG2 HG21 sing N N 431 
VAL CG2 HG22 sing N N 432 
VAL CG2 HG23 sing N N 433 
VAL OXT HXT  sing N N 434 
# 
_atom_sites.entry_id                    1M4B 
_atom_sites.fract_transf_matrix[1][1]   0.00731727 
_atom_sites.fract_transf_matrix[1][2]   -0.00498997 
_atom_sites.fract_transf_matrix[1][3]   0.00514365 
_atom_sites.fract_transf_matrix[2][1]   -0.00312923 
_atom_sites.fract_transf_matrix[2][2]   -0.02241845 
_atom_sites.fract_transf_matrix[2][3]   -0.01729703 
_atom_sites.fract_transf_matrix[3][1]   0.02143138 
_atom_sites.fract_transf_matrix[3][2]   0.00857798 
_atom_sites.fract_transf_matrix[3][3]   -0.01499500 
_atom_sites.fract_transf_vector[1]      0.327900 
_atom_sites.fract_transf_vector[2]      -0.006562 
_atom_sites.fract_transf_vector[3]      0.310268 
# 
loop_
_atom_type.symbol 
C 
N 
O 
S 
# 
loop_
_atom_site.group_PDB 
_atom_site.id 
_atom_site.type_symbol 
_atom_site.label_atom_id 
_atom_site.label_alt_id 
_atom_site.label_comp_id 
_atom_site.label_asym_id 
_atom_site.label_entity_id 
_atom_site.label_seq_id 
_atom_site.pdbx_PDB_ins_code 
_atom_site.Cartn_x 
_atom_site.Cartn_y 
_atom_site.Cartn_z 
_atom_site.occupancy 
_atom_site.B_iso_or_equiv 
_atom_site.pdbx_formal_charge 
_atom_site.auth_seq_id 
_atom_site.auth_comp_id 
_atom_site.auth_asym_id 
_atom_site.auth_atom_id 
_atom_site.pdbx_PDB_model_num 
ATOM   1   N N   . SER A 1 5   ? 19.027  -16.086 -5.913  1.00 67.55  ? 5   SER A N   1 
ATOM   2   C CA  . SER A 1 5   ? 17.741  -16.169 -6.667  1.00 67.78  ? 5   SER A CA  1 
ATOM   3   C C   . SER A 1 5   ? 16.538  -16.037 -5.741  1.00 64.15  ? 5   SER A C   1 
ATOM   4   O O   . SER A 1 5   ? 15.414  -15.827 -6.195  1.00 63.54  ? 5   SER A O   1 
ATOM   5   C CB  . SER A 1 5   ? 17.655  -17.484 -7.445  1.00 69.02  ? 5   SER A CB  1 
ATOM   6   O OG  . SER A 1 5   ? 16.306  -17.819 -7.729  1.00 69.51  ? 5   SER A OG  1 
ATOM   7   N N   . SER A 1 6   ? 16.779  -16.172 -4.442  1.00 59.57  ? 6   SER A N   1 
ATOM   8   C CA  . SER A 1 6   ? 15.712  -16.066 -3.458  1.00 54.78  ? 6   SER A CA  1 
ATOM   9   C C   . SER A 1 6   ? 15.594  -14.623 -2.987  1.00 47.30  ? 6   SER A C   1 
ATOM   10  O O   . SER A 1 6   ? 14.495  -14.077 -2.871  1.00 41.65  ? 6   SER A O   1 
ATOM   11  C CB  . SER A 1 6   ? 15.985  -16.988 -2.272  1.00 57.37  ? 6   SER A CB  1 
ATOM   12  O OG  . SER A 1 6   ? 14.955  -16.900 -1.304  1.00 56.48  ? 6   SER A OG  1 
ATOM   13  N N   . THR A 1 7   ? 16.741  -14.013 -2.721  1.00 40.78  ? 7   THR A N   1 
ATOM   14  C CA  . THR A 1 7   ? 16.785  -12.621 -2.311  1.00 38.00  ? 7   THR A CA  1 
ATOM   15  C C   . THR A 1 7   ? 16.351  -11.715 -3.461  1.00 37.04  ? 7   THR A C   1 
ATOM   16  O O   . THR A 1 7   ? 15.654  -10.727 -3.253  1.00 37.43  ? 7   THR A O   1 
ATOM   17  C CB  . THR A 1 7   ? 18.195  -12.260 -1.823  1.00 37.15  ? 7   THR A CB  1 
ATOM   18  O OG1 . THR A 1 7   ? 18.286  -12.522 -0.417  1.00 36.83  ? 7   THR A OG1 1 
ATOM   19  C CG2 . THR A 1 7   ? 18.429  -10.761 -1.911  1.00 38.63  ? 7   THR A CG2 1 
ATOM   20  N N   . LYS A 1 8   ? 16.757  -12.068 -4.675  1.00 36.94  ? 8   LYS A N   1 
ATOM   21  C CA  . LYS A 1 8   ? 16.392  -11.301 -5.858  1.00 42.37  ? 8   LYS A CA  1 
ATOM   22  C C   . LYS A 1 8   ? 14.883  -11.342 -6.065  1.00 39.05  ? 8   LYS A C   1 
ATOM   23  O O   . LYS A 1 8   ? 14.256  -10.315 -6.315  1.00 39.08  ? 8   LYS A O   1 
ATOM   24  C CB  . LYS A 1 8   ? 17.119  -11.846 -7.093  1.00 49.51  ? 8   LYS A CB  1 
ATOM   25  C CG  . LYS A 1 8   ? 16.572  -11.352 -8.429  1.00 55.24  ? 8   LYS A CG  1 
ATOM   26  C CD  . LYS A 1 8   ? 16.852  -9.870  -8.657  1.00 58.53  ? 8   LYS A CD  1 
ATOM   27  C CE  . LYS A 1 8   ? 18.302  -9.625  -9.039  1.00 60.57  ? 8   LYS A CE  1 
ATOM   28  N NZ  . LYS A 1 8   ? 18.522  -8.218  -9.478  1.00 62.62  ? 8   LYS A NZ  1 
ATOM   29  N N   . LYS A 1 9   ? 14.309  -12.536 -5.953  1.00 38.36  ? 9   LYS A N   1 
ATOM   30  C CA  . LYS A 1 9   ? 12.873  -12.729 -6.113  1.00 38.35  ? 9   LYS A CA  1 
ATOM   31  C C   . LYS A 1 9   ? 12.094  -11.867 -5.125  1.00 37.60  ? 9   LYS A C   1 
ATOM   32  O O   . LYS A 1 9   ? 11.120  -11.206 -5.492  1.00 37.49  ? 9   LYS A O   1 
ATOM   33  C CB  . LYS A 1 9   ? 12.516  -14.206 -5.926  1.00 44.26  ? 9   LYS A CB  1 
ATOM   34  C CG  . LYS A 1 9   ? 11.034  -14.527 -6.048  1.00 50.53  ? 9   LYS A CG  1 
ATOM   35  C CD  . LYS A 1 9   ? 10.779  -16.017 -5.828  1.00 56.07  ? 9   LYS A CD  1 
ATOM   36  C CE  . LYS A 1 9   ? 9.292   -16.335 -5.796  1.00 58.12  ? 9   LYS A CE  1 
ATOM   37  N NZ  . LYS A 1 9   ? 8.981   -17.443 -4.848  1.00 58.00  ? 9   LYS A NZ  1 
ATOM   38  N N   . THR A 1 10  ? 12.534  -11.877 -3.871  1.00 35.16  ? 10  THR A N   1 
ATOM   39  C CA  . THR A 1 10  ? 11.901  -11.082 -2.827  1.00 31.45  ? 10  THR A CA  1 
ATOM   40  C C   . THR A 1 10  ? 11.986  -9.604  -3.192  1.00 28.74  ? 10  THR A C   1 
ATOM   41  O O   . THR A 1 10  ? 11.032  -8.846  -3.016  1.00 25.64  ? 10  THR A O   1 
ATOM   42  C CB  . THR A 1 10  ? 12.585  -11.345 -1.472  1.00 26.29  ? 10  THR A CB  1 
ATOM   43  O OG1 . THR A 1 10  ? 12.332  -12.695 -1.060  1.00 27.62  ? 10  THR A OG1 1 
ATOM   44  C CG2 . THR A 1 10  ? 11.942  -10.508 -0.367  1.00 27.63  ? 10  THR A CG2 1 
ATOM   45  N N   . GLN A 1 11  ? 13.137  -9.213  -3.722  1.00 27.51  ? 11  GLN A N   1 
ATOM   46  C CA  . GLN A 1 11  ? 13.378  -7.837  -4.128  1.00 29.55  ? 11  GLN A CA  1 
ATOM   47  C C   . GLN A 1 11  ? 12.444  -7.432  -5.268  1.00 28.96  ? 11  GLN A C   1 
ATOM   48  O O   . GLN A 1 11  ? 11.905  -6.321  -5.283  1.00 25.31  ? 11  GLN A O   1 
ATOM   49  C CB  . GLN A 1 11  ? 14.835  -7.679  -4.555  1.00 29.91  ? 11  GLN A CB  1 
ATOM   50  C CG  . GLN A 1 11  ? 15.248  -6.264  -4.883  1.00 39.80  ? 11  GLN A CG  1 
ATOM   51  C CD  . GLN A 1 11  ? 16.626  -6.206  -5.509  1.00 47.32  ? 11  GLN A CD  1 
ATOM   52  O OE1 . GLN A 1 11  ? 17.423  -7.137  -5.356  1.00 48.82  ? 11  GLN A OE1 1 
ATOM   53  N NE2 . GLN A 1 11  ? 16.911  -5.118  -6.218  1.00 49.47  ? 11  GLN A NE2 1 
ATOM   54  N N   . LEU A 1 12  ? 12.258  -8.341  -6.219  1.00 28.41  ? 12  LEU A N   1 
ATOM   55  C CA  . LEU A 1 12  ? 11.381  -8.096  -7.355  1.00 32.81  ? 12  LEU A CA  1 
ATOM   56  C C   . LEU A 1 12  ? 9.934   -8.004  -6.892  1.00 33.73  ? 12  LEU A C   1 
ATOM   57  O O   . LEU A 1 12  ? 9.164   -7.184  -7.395  1.00 31.24  ? 12  LEU A O   1 
ATOM   58  C CB  . LEU A 1 12  ? 11.525  -9.206  -8.396  1.00 35.43  ? 12  LEU A CB  1 
ATOM   59  C CG  . LEU A 1 12  ? 12.878  -9.295  -9.103  1.00 41.90  ? 12  LEU A CG  1 
ATOM   60  C CD1 . LEU A 1 12  ? 12.943  -10.537 -9.980  1.00 43.63  ? 12  LEU A CD1 1 
ATOM   61  C CD2 . LEU A 1 12  ? 13.154  -8.035  -9.918  1.00 42.35  ? 12  LEU A CD2 1 
ATOM   62  N N   . GLN A 1 13  ? 9.570   -8.858  -5.940  1.00 32.16  ? 13  GLN A N   1 
ATOM   63  C CA  . GLN A 1 13  ? 8.223   -8.855  -5.386  1.00 32.33  ? 13  GLN A CA  1 
ATOM   64  C C   . GLN A 1 13  ? 7.928   -7.509  -4.714  1.00 29.64  ? 13  GLN A C   1 
ATOM   65  O O   . GLN A 1 13  ? 6.816   -6.991  -4.811  1.00 28.72  ? 13  GLN A O   1 
ATOM   66  C CB  . GLN A 1 13  ? 8.034   -10.008 -4.395  1.00 37.68  ? 13  GLN A CB  1 
ATOM   67  C CG  . GLN A 1 13  ? 7.978   -11.387 -5.033  1.00 44.75  ? 13  GLN A CG  1 
ATOM   68  C CD  . GLN A 1 13  ? 7.776   -12.495 -4.015  1.00 47.39  ? 13  GLN A CD  1 
ATOM   69  O OE1 . GLN A 1 13  ? 7.714   -12.239 -2.812  1.00 48.36  ? 13  GLN A OE1 1 
ATOM   70  N NE2 . GLN A 1 13  ? 7.673   -13.728 -4.495  1.00 53.75  ? 13  GLN A NE2 1 
ATOM   71  N N   . LEU A 1 14  ? 8.929   -6.944  -4.041  1.00 26.70  ? 14  LEU A N   1 
ATOM   72  C CA  . LEU A 1 14  ? 8.772   -5.644  -3.401  1.00 25.46  ? 14  LEU A CA  1 
ATOM   73  C C   . LEU A 1 14  ? 8.744   -4.530  -4.439  1.00 25.52  ? 14  LEU A C   1 
ATOM   74  O O   . LEU A 1 14  ? 7.985   -3.573  -4.304  1.00 24.77  ? 14  LEU A O   1 
ATOM   75  C CB  . LEU A 1 14  ? 9.891   -5.393  -2.387  1.00 21.83  ? 14  LEU A CB  1 
ATOM   76  C CG  . LEU A 1 14  ? 9.829   -6.231  -1.109  1.00 22.03  ? 14  LEU A CG  1 
ATOM   77  C CD1 . LEU A 1 14  ? 11.189  -6.302  -0.435  1.00 26.05  ? 14  LEU A CD1 1 
ATOM   78  C CD2 . LEU A 1 14  ? 8.776   -5.687  -0.160  1.00 20.53  ? 14  LEU A CD2 1 
ATOM   79  N N   . GLU A 1 15  ? 9.571   -4.660  -5.474  1.00 27.39  ? 15  GLU A N   1 
ATOM   80  C CA  . GLU A 1 15  ? 9.624   -3.658  -6.538  1.00 30.09  ? 15  GLU A CA  1 
ATOM   81  C C   . GLU A 1 15  ? 8.278   -3.510  -7.244  1.00 25.74  ? 15  GLU A C   1 
ATOM   82  O O   . GLU A 1 15  ? 7.856   -2.396  -7.559  1.00 24.98  ? 15  GLU A O   1 
ATOM   83  C CB  . GLU A 1 15  ? 10.730  -3.982  -7.549  1.00 37.05  ? 15  GLU A CB  1 
ATOM   84  C CG  . GLU A 1 15  ? 12.106  -3.486  -7.133  1.00 47.45  ? 15  GLU A CG  1 
ATOM   85  C CD  . GLU A 1 15  ? 13.200  -3.896  -8.102  1.00 53.13  ? 15  GLU A CD  1 
ATOM   86  O OE1 . GLU A 1 15  ? 12.981  -3.800  -9.331  1.00 53.43  ? 15  GLU A OE1 1 
ATOM   87  O OE2 . GLU A 1 15  ? 14.281  -4.313  -7.630  1.00 53.98  ? 15  GLU A OE2 1 
ATOM   88  N N   . HIS A 1 16  ? 7.614   -4.634  -7.499  1.00 20.80  ? 16  HIS A N   1 
ATOM   89  C CA  . HIS A 1 16  ? 6.294   -4.614  -8.113  1.00 19.44  ? 16  HIS A CA  1 
ATOM   90  C C   . HIS A 1 16  ? 5.291   -3.968  -7.160  1.00 18.29  ? 16  HIS A C   1 
ATOM   91  O O   . HIS A 1 16  ? 4.444   -3.180  -7.580  1.00 21.31  ? 16  HIS A O   1 
ATOM   92  C CB  . HIS A 1 16  ? 5.832   -6.027  -8.463  1.00 20.26  ? 16  HIS A CB  1 
ATOM   93  C CG  . HIS A 1 16  ? 6.228   -6.476  -9.836  1.00 23.48  ? 16  HIS A CG  1 
ATOM   94  N ND1 . HIS A 1 16  ? 5.472   -6.203  -10.954 1.00 24.86  ? 16  HIS A ND1 1 
ATOM   95  C CD2 . HIS A 1 16  ? 7.289   -7.199  -10.267 1.00 22.08  ? 16  HIS A CD2 1 
ATOM   96  C CE1 . HIS A 1 16  ? 6.058   -6.723  -12.018 1.00 26.19  ? 16  HIS A CE1 1 
ATOM   97  N NE2 . HIS A 1 16  ? 7.161   -7.337  -11.628 1.00 21.74  ? 16  HIS A NE2 1 
ATOM   98  N N   . LEU A 1 17  ? 5.392   -4.308  -5.878  1.00 13.45  ? 17  LEU A N   1 
ATOM   99  C CA  . LEU A 1 17  ? 4.507   -3.740  -4.866  1.00 18.85  ? 17  LEU A CA  1 
ATOM   100 C C   . LEU A 1 17  ? 4.661   -2.220  -4.849  1.00 22.00  ? 17  LEU A C   1 
ATOM   101 O O   . LEU A 1 17  ? 3.677   -1.488  -4.932  1.00 22.35  ? 17  LEU A O   1 
ATOM   102 C CB  . LEU A 1 17  ? 4.815   -4.320  -3.482  1.00 12.48  ? 17  LEU A CB  1 
ATOM   103 C CG  . LEU A 1 17  ? 3.915   -3.804  -2.355  1.00 13.19  ? 17  LEU A CG  1 
ATOM   104 C CD1 . LEU A 1 17  ? 2.443   -4.060  -2.676  1.00 15.32  ? 17  LEU A CD1 1 
ATOM   105 C CD2 . LEU A 1 17  ? 4.292   -4.434  -1.020  1.00 14.67  ? 17  LEU A CD2 1 
ATOM   106 N N   . LEU A 1 18  ? 5.907   -1.766  -4.753  1.00 20.47  ? 18  LEU A N   1 
ATOM   107 C CA  . LEU A 1 18  ? 6.235   -0.349  -4.781  1.00 20.50  ? 18  LEU A CA  1 
ATOM   108 C C   . LEU A 1 18  ? 5.601   0.339   -5.986  1.00 18.86  ? 18  LEU A C   1 
ATOM   109 O O   . LEU A 1 18  ? 4.904   1.345   -5.850  1.00 19.94  ? 18  LEU A O   1 
ATOM   110 C CB  . LEU A 1 18  ? 7.758   -0.171  -4.826  1.00 19.38  ? 18  LEU A CB  1 
ATOM   111 C CG  . LEU A 1 18  ? 8.289   1.238   -5.094  1.00 19.77  ? 18  LEU A CG  1 
ATOM   112 C CD1 . LEU A 1 18  ? 7.658   2.224   -4.152  1.00 17.25  ? 18  LEU A CD1 1 
ATOM   113 C CD2 . LEU A 1 18  ? 9.811   1.290   -4.971  1.00 22.78  ? 18  LEU A CD2 1 
ATOM   114 N N   . LEU A 1 19  ? 5.846   -0.218  -7.165  1.00 15.20  ? 19  LEU A N   1 
ATOM   115 C CA  . LEU A 1 19  ? 5.335   0.360   -8.399  1.00 18.18  ? 19  LEU A CA  1 
ATOM   116 C C   . LEU A 1 19  ? 3.809   0.364   -8.459  1.00 18.31  ? 19  LEU A C   1 
ATOM   117 O O   . LEU A 1 19  ? 3.206   1.327   -8.941  1.00 17.77  ? 19  LEU A O   1 
ATOM   118 C CB  . LEU A 1 19  ? 5.922   -0.367  -9.610  1.00 20.83  ? 19  LEU A CB  1 
ATOM   119 C CG  . LEU A 1 19  ? 7.448   -0.301  -9.741  1.00 28.66  ? 19  LEU A CG  1 
ATOM   120 C CD1 . LEU A 1 19  ? 7.935   -1.224  -10.843 1.00 26.00  ? 19  LEU A CD1 1 
ATOM   121 C CD2 . LEU A 1 19  ? 7.932   1.126   -9.981  1.00 28.49  ? 19  LEU A CD2 1 
ATOM   122 N N   . ASP A 1 20  ? 3.187   -0.707  -7.970  1.00 14.83  ? 20  ASP A N   1 
ATOM   123 C CA  . ASP A 1 20  ? 1.730   -0.800  -7.956  1.00 18.33  ? 20  ASP A CA  1 
ATOM   124 C C   . ASP A 1 20  ? 1.127   0.343   -7.160  1.00 19.44  ? 20  ASP A C   1 
ATOM   125 O O   . ASP A 1 20  ? 0.174   0.981   -7.603  1.00 19.62  ? 20  ASP A O   1 
ATOM   126 C CB  . ASP A 1 20  ? 1.269   -2.126  -7.356  1.00 20.54  ? 20  ASP A CB  1 
ATOM   127 C CG  . ASP A 1 20  ? 1.464   -3.285  -8.299  1.00 22.38  ? 20  ASP A CG  1 
ATOM   128 O OD1 . ASP A 1 20  ? 1.853   -3.042  -9.459  1.00 19.70  ? 20  ASP A OD1 1 
ATOM   129 O OD2 . ASP A 1 20  ? 1.260   -4.472  -7.964  1.00 24.77  ? 20  ASP A OD2 1 
ATOM   130 N N   . LEU A 1 21  ? 1.691   0.593   -5.980  1.00 21.11  ? 21  LEU A N   1 
ATOM   131 C CA  . LEU A 1 21  ? 1.209   1.661   -5.113  1.00 23.62  ? 21  LEU A CA  1 
ATOM   132 C C   . LEU A 1 21  ? 1.409   3.014   -5.782  1.00 25.31  ? 21  LEU A C   1 
ATOM   133 O O   . LEU A 1 21  ? 0.558   3.896   -5.681  1.00 20.56  ? 21  LEU A O   1 
ATOM   134 C CB  . LEU A 1 21  ? 1.918   1.626   -3.755  1.00 18.03  ? 21  LEU A CB  1 
ATOM   135 C CG  . LEU A 1 21  ? 1.780   0.338   -2.939  1.00 18.92  ? 21  LEU A CG  1 
ATOM   136 C CD1 . LEU A 1 21  ? 2.758   0.365   -1.768  1.00 20.35  ? 21  LEU A CD1 1 
ATOM   137 C CD2 . LEU A 1 21  ? 0.351   0.105   -2.443  1.00 17.55  ? 21  LEU A CD2 1 
ATOM   138 N N   . GLN A 1 22  ? 2.533   3.169   -6.472  1.00 29.54  ? 22  GLN A N   1 
ATOM   139 C CA  . GLN A 1 22  ? 2.816   4.411   -7.176  1.00 27.27  ? 22  GLN A CA  1 
ATOM   140 C C   . GLN A 1 22  ? 1.798   4.654   -8.284  1.00 25.88  ? 22  GLN A C   1 
ATOM   141 O O   . GLN A 1 22  ? 1.325   5.777   -8.458  1.00 27.95  ? 22  GLN A O   1 
ATOM   142 C CB  . GLN A 1 22  ? 4.242   4.424   -7.731  1.00 33.02  ? 22  GLN A CB  1 
ATOM   143 C CG  . GLN A 1 22  ? 5.302   4.763   -6.695  1.00 37.24  ? 22  GLN A CG  1 
ATOM   144 C CD  . GLN A 1 22  ? 6.710   4.602   -7.232  1.00 43.79  ? 22  GLN A CD  1 
ATOM   145 O OE1 . GLN A 1 22  ? 7.665   5.110   -6.648  1.00 46.51  ? 22  GLN A OE1 1 
ATOM   146 N NE2 . GLN A 1 22  ? 6.841   3.894   -8.344  1.00 47.29  ? 22  GLN A NE2 1 
ATOM   147 N N   . MET A 1 23  ? 1.452   3.602   -9.019  1.00 29.73  ? 23  MET A N   1 
ATOM   148 C CA  . MET A 1 23  ? 0.466   3.725   -10.089 1.00 32.20  ? 23  MET A CA  1 
ATOM   149 C C   . MET A 1 23  ? -0.871  4.228   -9.538  1.00 31.60  ? 23  MET A C   1 
ATOM   150 O O   . MET A 1 23  ? -1.544  5.039   -10.173 1.00 27.95  ? 23  MET A O   1 
ATOM   151 C CB  . MET A 1 23  ? 0.296   2.406   -10.853 1.00 31.72  ? 23  MET A CB  1 
ATOM   152 C CG  . MET A 1 23  ? 1.514   2.008   -11.679 1.00 35.14  ? 23  MET A CG  1 
ATOM   153 S SD  . MET A 1 23  ? 1.229   0.551   -12.705 1.00 35.15  ? 23  MET A SD  1 
ATOM   154 C CE  . MET A 1 23  ? 2.895   0.115   -13.128 1.00 39.09  ? 23  MET A CE  1 
ATOM   155 N N   . ILE A 1 24  ? -1.248  3.751   -8.352  1.00 31.59  ? 24  ILE A N   1 
ATOM   156 C CA  . ILE A 1 24  ? -2.476  4.209   -7.709  1.00 27.93  ? 24  ILE A CA  1 
ATOM   157 C C   . ILE A 1 24  ? -2.363  5.693   -7.372  1.00 28.24  ? 24  ILE A C   1 
ATOM   158 O O   . ILE A 1 24  ? -3.251  6.481   -7.695  1.00 26.40  ? 24  ILE A O   1 
ATOM   159 C CB  . ILE A 1 24  ? -2.761  3.403   -6.430  1.00 26.42  ? 24  ILE A CB  1 
ATOM   160 C CG1 . ILE A 1 24  ? -3.012  1.936   -6.772  1.00 24.95  ? 24  ILE A CG1 1 
ATOM   161 C CG2 . ILE A 1 24  ? -3.965  3.989   -5.695  1.00 22.36  ? 24  ILE A CG2 1 
ATOM   162 C CD1 . ILE A 1 24  ? -3.315  1.083   -5.573  1.00 27.38  ? 24  ILE A CD1 1 
ATOM   163 N N   . LEU A 1 25  ? -1.256  6.066   -6.735  1.00 27.30  ? 25  LEU A N   1 
ATOM   164 C CA  . LEU A 1 25  ? -1.004  7.454   -6.365  1.00 32.49  ? 25  LEU A CA  1 
ATOM   165 C C   . LEU A 1 25  ? -1.020  8.375   -7.582  1.00 36.06  ? 25  LEU A C   1 
ATOM   166 O O   . LEU A 1 25  ? -1.521  9.500   -7.510  1.00 38.85  ? 25  LEU A O   1 
ATOM   167 C CB  . LEU A 1 25  ? 0.338   7.573   -5.641  1.00 31.42  ? 25  LEU A CB  1 
ATOM   168 C CG  . LEU A 1 25  ? 0.649   8.949   -5.049  1.00 32.87  ? 25  LEU A CG  1 
ATOM   169 C CD1 . LEU A 1 25  ? -0.422  9.338   -4.044  1.00 31.64  ? 25  LEU A CD1 1 
ATOM   170 C CD2 . LEU A 1 25  ? 2.025   8.969   -4.407  1.00 31.15  ? 25  LEU A CD2 1 
ATOM   171 N N   . ASN A 1 26  ? -0.469  7.895   -8.692  1.00 34.10  ? 26  ASN A N   1 
ATOM   172 C CA  . ASN A 1 26  ? -0.429  8.666   -9.929  1.00 37.12  ? 26  ASN A CA  1 
ATOM   173 C C   . ASN A 1 26  ? -1.811  8.876   -10.532 1.00 35.57  ? 26  ASN A C   1 
ATOM   174 O O   . ASN A 1 26  ? -2.125  9.959   -11.020 1.00 36.68  ? 26  ASN A O   1 
ATOM   175 C CB  . ASN A 1 26  ? 0.475   7.984   -10.958 1.00 39.62  ? 26  ASN A CB  1 
ATOM   176 C CG  . ASN A 1 26  ? 1.941   8.141   -10.637 1.00 41.97  ? 26  ASN A CG  1 
ATOM   177 O OD1 . ASN A 1 26  ? 2.777   7.375   -11.118 1.00 46.39  ? 26  ASN A OD1 1 
ATOM   178 N ND2 . ASN A 1 26  ? 2.266   9.136   -9.819  1.00 39.69  ? 26  ASN A ND2 1 
ATOM   179 N N   . GLY A 1 27  ? -2.632  7.833   -10.501 1.00 30.59  ? 27  GLY A N   1 
ATOM   180 C CA  . GLY A 1 27  ? -3.970  7.910   -11.054 1.00 33.28  ? 27  GLY A CA  1 
ATOM   181 C C   . GLY A 1 27  ? -4.880  8.784   -10.222 1.00 32.22  ? 27  GLY A C   1 
ATOM   182 O O   . GLY A 1 27  ? -5.893  9.284   -10.706 1.00 38.96  ? 27  GLY A O   1 
ATOM   183 N N   . ILE A 1 28  ? -4.511  8.963   -8.960  1.00 27.46  ? 28  ILE A N   1 
ATOM   184 C CA  . ILE A 1 28  ? -5.281  9.794   -8.050  1.00 26.27  ? 28  ILE A CA  1 
ATOM   185 C C   . ILE A 1 28  ? -4.894  11.256  -8.230  1.00 24.30  ? 28  ILE A C   1 
ATOM   186 O O   . ILE A 1 28  ? -5.730  12.151  -8.105  1.00 23.18  ? 28  ILE A O   1 
ATOM   187 C CB  . ILE A 1 28  ? -5.039  9.348   -6.597  1.00 30.15  ? 28  ILE A CB  1 
ATOM   188 C CG1 . ILE A 1 28  ? -5.634  7.961   -6.369  1.00 28.85  ? 28  ILE A CG1 1 
ATOM   189 C CG2 . ILE A 1 28  ? -5.624  10.347  -5.622  1.00 34.44  ? 28  ILE A CG2 1 
ATOM   190 C CD1 . ILE A 1 28  ? -6.926  7.743   -7.110  1.00 31.32  ? 28  ILE A CD1 1 
ATOM   191 N N   . ASN A 1 29  ? -3.624  11.495  -8.536  1.00 22.64  ? 29  ASN A N   1 
ATOM   192 C CA  . ASN A 1 29  ? -3.133  12.859  -8.712  1.00 27.12  ? 29  ASN A CA  1 
ATOM   193 C C   . ASN A 1 29  ? -3.303  13.389  -10.132 1.00 30.47  ? 29  ASN A C   1 
ATOM   194 O O   . ASN A 1 29  ? -3.003  14.550  -10.405 1.00 32.08  ? 29  ASN A O   1 
ATOM   195 C CB  . ASN A 1 29  ? -1.676  12.981  -8.258  1.00 29.17  ? 29  ASN A CB  1 
ATOM   196 C CG  . ASN A 1 29  ? -1.543  13.085  -6.749  1.00 29.94  ? 29  ASN A CG  1 
ATOM   197 O OD1 . ASN A 1 29  ? -2.293  13.813  -6.101  1.00 31.50  ? 29  ASN A OD1 1 
ATOM   198 N ND2 . ASN A 1 29  ? -0.590  12.352  -6.184  1.00 29.63  ? 29  ASN A ND2 1 
ATOM   199 N N   . ASN A 1 30  ? -3.767  12.529  -11.033 1.00 32.47  ? 30  ASN A N   1 
ATOM   200 C CA  . ASN A 1 30  ? -4.037  12.929  -12.409 1.00 32.15  ? 30  ASN A CA  1 
ATOM   201 C C   . ASN A 1 30  ? -5.161  13.957  -12.386 1.00 32.27  ? 30  ASN A C   1 
ATOM   202 O O   . ASN A 1 30  ? -6.159  13.769  -11.691 1.00 27.36  ? 30  ASN A O   1 
ATOM   203 C CB  . ASN A 1 30  ? -4.434  11.716  -13.258 1.00 34.73  ? 30  ASN A CB  1 
ATOM   204 C CG  . ASN A 1 30  ? -4.549  12.044  -14.743 1.00 36.97  ? 30  ASN A CG  1 
ATOM   205 O OD1 . ASN A 1 30  ? -5.095  13.080  -15.122 1.00 36.66  ? 30  ASN A OD1 1 
ATOM   206 N ND2 . ASN A 1 30  ? -4.032  11.153  -15.587 1.00 38.67  ? 30  ASN A ND2 1 
ATOM   207 N N   . TYR A 1 31  ? -5.004  15.043  -13.137 1.00 36.53  ? 31  TYR A N   1 
ATOM   208 C CA  . TYR A 1 31  ? -6.008  16.104  -13.117 1.00 41.20  ? 31  TYR A CA  1 
ATOM   209 C C   . TYR A 1 31  ? -7.328  15.674  -13.741 1.00 40.69  ? 31  TYR A C   1 
ATOM   210 O O   . TYR A 1 31  ? -8.328  16.386  -13.653 1.00 41.40  ? 31  TYR A O   1 
ATOM   211 C CB  . TYR A 1 31  ? -5.483  17.384  -13.772 1.00 45.55  ? 31  TYR A CB  1 
ATOM   212 C CG  . TYR A 1 31  ? -5.395  17.352  -15.280 1.00 49.69  ? 31  TYR A CG  1 
ATOM   213 C CD1 . TYR A 1 31  ? -4.270  16.850  -15.919 1.00 51.72  ? 31  TYR A CD1 1 
ATOM   214 C CD2 . TYR A 1 31  ? -6.427  17.849  -16.067 1.00 51.96  ? 31  TYR A CD2 1 
ATOM   215 C CE1 . TYR A 1 31  ? -4.181  16.828  -17.298 1.00 54.30  ? 31  TYR A CE1 1 
ATOM   216 C CE2 . TYR A 1 31  ? -6.346  17.833  -17.447 1.00 53.59  ? 31  TYR A CE2 1 
ATOM   217 C CZ  . TYR A 1 31  ? -5.220  17.321  -18.057 1.00 53.99  ? 31  TYR A CZ  1 
ATOM   218 O OH  . TYR A 1 31  ? -5.131  17.301  -19.430 1.00 55.11  ? 31  TYR A OH  1 
ATOM   219 N N   . LYS A 1 32  ? -7.323  14.502  -14.363 1.00 41.46  ? 32  LYS A N   1 
ATOM   220 C CA  . LYS A 1 32  ? -8.529  13.960  -14.971 1.00 43.07  ? 32  LYS A CA  1 
ATOM   221 C C   . LYS A 1 32  ? -9.439  13.320  -13.926 1.00 39.52  ? 32  LYS A C   1 
ATOM   222 O O   . LYS A 1 32  ? -10.620 13.109  -14.181 1.00 42.85  ? 32  LYS A O   1 
ATOM   223 C CB  . LYS A 1 32  ? -8.184  12.945  -16.065 1.00 50.15  ? 32  LYS A CB  1 
ATOM   224 C CG  . LYS A 1 32  ? -7.598  13.562  -17.325 1.00 55.02  ? 32  LYS A CG  1 
ATOM   225 C CD  . LYS A 1 32  ? -8.508  14.645  -17.871 1.00 61.02  ? 32  LYS A CD  1 
ATOM   226 C CE  . LYS A 1 32  ? -8.078  15.087  -19.260 1.00 65.81  ? 32  LYS A CE  1 
ATOM   227 N NZ  . LYS A 1 32  ? -8.938  16.197  -19.763 1.00 69.42  ? 32  LYS A NZ  1 
ATOM   228 N N   . ASN A 1 33  ? -8.885  13.007  -12.756 1.00 34.61  ? 33  ASN A N   1 
ATOM   229 C CA  . ASN A 1 33  ? -9.670  12.421  -11.670 1.00 32.59  ? 33  ASN A CA  1 
ATOM   230 C C   . ASN A 1 33  ? -10.639 13.447  -11.096 1.00 28.95  ? 33  ASN A C   1 
ATOM   231 O O   . ASN A 1 33  ? -10.220 14.443  -10.514 1.00 26.21  ? 33  ASN A O   1 
ATOM   232 C CB  . ASN A 1 33  ? -8.752  11.879  -10.570 1.00 31.02  ? 33  ASN A CB  1 
ATOM   233 C CG  . ASN A 1 33  ? -9.520  11.345  -9.370  1.00 30.28  ? 33  ASN A CG  1 
ATOM   234 O OD1 . ASN A 1 33  ? -10.672 10.924  -9.484  1.00 29.15  ? 33  ASN A OD1 1 
ATOM   235 N ND2 . ASN A 1 33  ? -8.874  11.353  -8.210  1.00 26.37  ? 33  ASN A ND2 1 
ATOM   236 N N   . PRO A 1 34  ? -11.934 13.196  -11.260 1.00 32.32  ? 34  PRO A N   1 
ATOM   237 C CA  . PRO A 1 34  ? -12.971 14.136  -10.832 1.00 31.52  ? 34  PRO A CA  1 
ATOM   238 C C   . PRO A 1 34  ? -13.415 13.940  -9.391  1.00 29.12  ? 34  PRO A C   1 
ATOM   239 O O   . PRO A 1 34  ? -14.234 14.719  -8.912  1.00 26.81  ? 34  PRO A O   1 
ATOM   240 C CB  . PRO A 1 34  ? -14.147 13.791  -11.757 1.00 33.63  ? 34  PRO A CB  1 
ATOM   241 C CG  . PRO A 1 34  ? -13.656 12.639  -12.625 1.00 33.90  ? 34  PRO A CG  1 
ATOM   242 C CD  . PRO A 1 34  ? -12.519 12.000  -11.886 1.00 32.56  ? 34  PRO A CD  1 
ATOM   243 N N   . LYS A 1 35  ? -12.895 12.929  -8.708  1.00 28.44  ? 35  LYS A N   1 
ATOM   244 C CA  . LYS A 1 35  ? -13.343 12.665  -7.344  1.00 32.18  ? 35  LYS A CA  1 
ATOM   245 C C   . LYS A 1 35  ? -12.248 12.714  -6.282  1.00 33.48  ? 35  LYS A C   1 
ATOM   246 O O   . LYS A 1 35  ? -12.343 12.028  -5.264  1.00 33.44  ? 35  LYS A O   1 
ATOM   247 C CB  . LYS A 1 35  ? -14.072 11.321  -7.279  1.00 37.96  ? 35  LYS A CB  1 
ATOM   248 C CG  . LYS A 1 35  ? -15.424 11.317  -7.978  1.00 42.01  ? 35  LYS A CG  1 
ATOM   249 C CD  . LYS A 1 35  ? -16.399 12.262  -7.294  1.00 45.18  ? 35  LYS A CD  1 
ATOM   250 C CE  . LYS A 1 35  ? -17.780 12.183  -7.921  1.00 46.81  ? 35  LYS A CE  1 
ATOM   251 N NZ  . LYS A 1 35  ? -18.734 13.120  -7.267  1.00 47.37  ? 35  LYS A NZ  1 
ATOM   252 N N   . LEU A 1 36  ? -11.219 13.528  -6.505  1.00 32.28  ? 36  LEU A N   1 
ATOM   253 C CA  . LEU A 1 36  ? -10.126 13.632  -5.539  1.00 34.00  ? 36  LEU A CA  1 
ATOM   254 C C   . LEU A 1 36  ? -10.604 14.193  -4.199  1.00 34.67  ? 36  LEU A C   1 
ATOM   255 O O   . LEU A 1 36  ? -10.211 13.702  -3.140  1.00 35.00  ? 36  LEU A O   1 
ATOM   256 C CB  . LEU A 1 36  ? -8.966  14.467  -6.089  1.00 31.93  ? 36  LEU A CB  1 
ATOM   257 C CG  . LEU A 1 36  ? -7.743  14.584  -5.172  1.00 34.71  ? 36  LEU A CG  1 
ATOM   258 C CD1 . LEU A 1 36  ? -7.323  13.224  -4.640  1.00 36.37  ? 36  LEU A CD1 1 
ATOM   259 C CD2 . LEU A 1 36  ? -6.582  15.258  -5.886  1.00 36.72  ? 36  LEU A CD2 1 
ATOM   260 N N   . THR A 1 37  ? -11.459 15.211  -4.250  1.00 34.19  ? 37  THR A N   1 
ATOM   261 C CA  . THR A 1 37  ? -11.997 15.818  -3.036  1.00 35.95  ? 37  THR A CA  1 
ATOM   262 C C   . THR A 1 37  ? -12.767 14.806  -2.186  1.00 34.88  ? 37  THR A C   1 
ATOM   263 O O   . THR A 1 37  ? -12.623 14.770  -0.964  1.00 32.54  ? 37  THR A O   1 
ATOM   264 C CB  . THR A 1 37  ? -12.900 17.018  -3.381  1.00 41.41  ? 37  THR A CB  1 
ATOM   265 O OG1 . THR A 1 37  ? -12.127 18.026  -4.046  1.00 44.22  ? 37  THR A OG1 1 
ATOM   266 C CG2 . THR A 1 37  ? -13.369 17.716  -2.108  1.00 43.00  ? 37  THR A CG2 1 
ATOM   267 N N   . ARG A 1 38  ? -13.588 13.986  -2.833  1.00 32.57  ? 38  ARG A N   1 
ATOM   268 C CA  . ARG A 1 38  ? -14.350 12.978  -2.111  1.00 32.62  ? 38  ARG A CA  1 
ATOM   269 C C   . ARG A 1 38  ? -13.424 11.887  -1.580  1.00 30.14  ? 38  ARG A C   1 
ATOM   270 O O   . ARG A 1 38  ? -13.545 11.465  -0.431  1.00 26.45  ? 38  ARG A O   1 
ATOM   271 C CB  . ARG A 1 38  ? -15.437 12.372  -2.997  1.00 37.45  ? 38  ARG A CB  1 
ATOM   272 C CG  . ARG A 1 38  ? -16.395 11.469  -2.246  1.00 47.81  ? 38  ARG A CG  1 
ATOM   273 C CD  . ARG A 1 38  ? -17.616 11.059  -3.045  1.00 56.36  ? 38  ARG A CD  1 
ATOM   274 N NE  . ARG A 1 38  ? -18.452 10.122  -2.303  1.00 62.07  ? 38  ARG A NE  1 
ATOM   275 C CZ  . ARG A 1 38  ? -19.508 9.504   -2.810  1.00 66.69  ? 38  ARG A CZ  1 
ATOM   276 N NH1 . ARG A 1 38  ? -19.866 9.723   -4.069  1.00 66.35  ? 38  ARG A NH1 1 
ATOM   277 N NH2 . ARG A 1 38  ? -20.210 8.667   -2.059  1.00 69.86  ? 38  ARG A NH2 1 
ATOM   278 N N   . MET A 1 39  ? -12.494 11.445  -2.419  1.00 22.92  ? 39  MET A N   1 
ATOM   279 C CA  . MET A 1 39  ? -11.533 10.421  -2.028  1.00 22.87  ? 39  MET A CA  1 
ATOM   280 C C   . MET A 1 39  ? -10.803 10.777  -0.738  1.00 18.15  ? 39  MET A C   1 
ATOM   281 O O   . MET A 1 39  ? -10.576 9.919   0.110   1.00 17.92  ? 39  MET A O   1 
ATOM   282 C CB  . MET A 1 39  ? -10.510 10.192  -3.143  1.00 25.15  ? 39  MET A CB  1 
ATOM   283 C CG  . MET A 1 39  ? -11.052 9.465   -4.359  1.00 28.89  ? 39  MET A CG  1 
ATOM   284 S SD  . MET A 1 39  ? -9.743  9.171   -5.559  1.00 32.57  ? 39  MET A SD  1 
ATOM   285 C CE  . MET A 1 39  ? -8.529  8.458   -4.489  1.00 37.52  ? 39  MET A CE  1 
ATOM   286 N N   . LEU A 1 40  ? -10.442 12.047  -0.589  1.00 19.00  ? 40  LEU A N   1 
ATOM   287 C CA  . LEU A 1 40  ? -9.693  12.489  0.585   1.00 20.47  ? 40  LEU A CA  1 
ATOM   288 C C   . LEU A 1 40  ? -10.499 12.472  1.886   1.00 18.57  ? 40  LEU A C   1 
ATOM   289 O O   . LEU A 1 40  ? -9.930  12.584  2.970   1.00 15.94  ? 40  LEU A O   1 
ATOM   290 C CB  . LEU A 1 40  ? -9.072  13.868  0.343   1.00 24.92  ? 40  LEU A CB  1 
ATOM   291 C CG  . LEU A 1 40  ? -7.970  13.882  -0.721  1.00 27.62  ? 40  LEU A CG  1 
ATOM   292 C CD1 . LEU A 1 40  ? -7.632  15.301  -1.167  1.00 27.21  ? 40  LEU A CD1 1 
ATOM   293 C CD2 . LEU A 1 40  ? -6.728  13.158  -0.214  1.00 28.68  ? 40  LEU A CD2 1 
ATOM   294 N N   . THR A 1 41  ? -11.816 12.327  1.785   1.00 17.66  ? 41  THR A N   1 
ATOM   295 C CA  . THR A 1 41  ? -12.647 12.256  2.986   1.00 20.39  ? 41  THR A CA  1 
ATOM   296 C C   . THR A 1 41  ? -12.600 10.869  3.612   1.00 21.44  ? 41  THR A C   1 
ATOM   297 O O   . THR A 1 41  ? -13.052 10.674  4.740   1.00 23.66  ? 41  THR A O   1 
ATOM   298 C CB  . THR A 1 41  ? -14.108 12.628  2.678   1.00 24.00  ? 41  THR A CB  1 
ATOM   299 O OG1 . THR A 1 41  ? -14.656 11.698  1.732   1.00 24.36  ? 41  THR A OG1 1 
ATOM   300 C CG2 . THR A 1 41  ? -14.187 13.972  1.959   1.00 20.48  ? 41  THR A CG2 1 
ATOM   301 N N   . PHE A 1 42  ? -12.061 9.901   2.876   1.00 21.02  ? 42  PHE A N   1 
ATOM   302 C CA  . PHE A 1 42  ? -11.979 8.534   3.379   1.00 20.95  ? 42  PHE A CA  1 
ATOM   303 C C   . PHE A 1 42  ? -10.927 8.400   4.475   1.00 19.97  ? 42  PHE A C   1 
ATOM   304 O O   . PHE A 1 42  ? -9.908  9.086   4.453   1.00 21.35  ? 42  PHE A O   1 
ATOM   305 C CB  . PHE A 1 42  ? -11.719 7.541   2.242   1.00 21.71  ? 42  PHE A CB  1 
ATOM   306 C CG  . PHE A 1 42  ? -12.964 7.121   1.504   1.00 27.08  ? 42  PHE A CG  1 
ATOM   307 C CD1 . PHE A 1 42  ? -13.974 8.033   1.241   1.00 28.76  ? 42  PHE A CD1 1 
ATOM   308 C CD2 . PHE A 1 42  ? -13.124 5.808   1.073   1.00 27.79  ? 42  PHE A CD2 1 
ATOM   309 C CE1 . PHE A 1 42  ? -15.118 7.641   0.559   1.00 29.26  ? 42  PHE A CE1 1 
ATOM   310 C CE2 . PHE A 1 42  ? -14.264 5.417   0.398   1.00 28.99  ? 42  PHE A CE2 1 
ATOM   311 C CZ  . PHE A 1 42  ? -15.261 6.336   0.143   1.00 30.83  ? 42  PHE A CZ  1 
ATOM   312 N N   . CYS A 1 43  ? -11.194 7.522   5.440   1.00 21.62  ? 43  CYS A N   1 
ATOM   313 C CA  . CYS A 1 43  ? -10.283 7.286   6.558   1.00 24.32  ? 43  CYS A CA  1 
ATOM   314 C C   . CYS A 1 43  ? -9.583  5.933   6.425   1.00 26.66  ? 43  CYS A C   1 
ATOM   315 O O   . CYS A 1 43  ? -10.233 4.902   6.249   1.00 22.74  ? 43  CYS A O   1 
ATOM   316 C CB  . CYS A 1 43  ? -11.043 7.345   7.887   1.00 28.21  ? 43  CYS A CB  1 
ATOM   317 S SG  . CYS A 1 43  ? -11.854 8.927   8.208   1.00 38.91  ? 43  CYS A SG  1 
ATOM   318 N N   . PHE A 1 44  ? -8.256  5.949   6.512   1.00 23.61  ? 44  PHE A N   1 
ATOM   319 C CA  . PHE A 1 44  ? -7.460  4.728   6.433   1.00 23.65  ? 44  PHE A CA  1 
ATOM   320 C C   . PHE A 1 44  ? -6.684  4.501   7.724   1.00 24.34  ? 44  PHE A C   1 
ATOM   321 O O   . PHE A 1 44  ? -6.315  5.451   8.414   1.00 21.30  ? 44  PHE A O   1 
ATOM   322 C CB  . PHE A 1 44  ? -6.489  4.786   5.247   1.00 21.77  ? 44  PHE A CB  1 
ATOM   323 C CG  . PHE A 1 44  ? -7.153  4.587   3.918   1.00 20.45  ? 44  PHE A CG  1 
ATOM   324 C CD1 . PHE A 1 44  ? -7.771  5.645   3.270   1.00 17.48  ? 44  PHE A CD1 1 
ATOM   325 C CD2 . PHE A 1 44  ? -7.171  3.339   3.321   1.00 21.08  ? 44  PHE A CD2 1 
ATOM   326 C CE1 . PHE A 1 44  ? -8.396  5.457   2.048   1.00 16.84  ? 44  PHE A CE1 1 
ATOM   327 C CE2 . PHE A 1 44  ? -7.791  3.148   2.100   1.00 20.06  ? 44  PHE A CE2 1 
ATOM   328 C CZ  . PHE A 1 44  ? -8.405  4.208   1.465   1.00 16.10  ? 44  PHE A CZ  1 
ATOM   329 N N   . TYR A 1 45  ? -6.437  3.238   8.048   1.00 25.85  ? 45  TYR A N   1 
ATOM   330 C CA  . TYR A 1 45  ? -5.668  2.906   9.239   1.00 27.97  ? 45  TYR A CA  1 
ATOM   331 C C   . TYR A 1 45  ? -4.203  2.669   8.885   1.00 29.21  ? 45  TYR A C   1 
ATOM   332 O O   . TYR A 1 45  ? -3.886  2.083   7.850   1.00 24.20  ? 45  TYR A O   1 
ATOM   333 C CB  . TYR A 1 45  ? -6.244  1.673   9.935   1.00 30.28  ? 45  TYR A CB  1 
ATOM   334 C CG  . TYR A 1 45  ? -7.548  1.916   10.661  1.00 37.44  ? 45  TYR A CG  1 
ATOM   335 C CD1 . TYR A 1 45  ? -7.647  2.882   11.657  1.00 39.95  ? 45  TYR A CD1 1 
ATOM   336 C CD2 . TYR A 1 45  ? -8.679  1.170   10.358  1.00 41.09  ? 45  TYR A CD2 1 
ATOM   337 C CE1 . TYR A 1 45  ? -8.842  3.098   12.327  1.00 42.35  ? 45  TYR A CE1 1 
ATOM   338 C CE2 . TYR A 1 45  ? -9.874  1.379   11.021  1.00 44.59  ? 45  TYR A CE2 1 
ATOM   339 C CZ  . TYR A 1 45  ? -9.950  2.342   12.003  1.00 44.64  ? 45  TYR A CZ  1 
ATOM   340 O OH  . TYR A 1 45  ? -11.143 2.544   12.657  1.00 46.56  ? 45  TYR A OH  1 
ATOM   341 N N   . MET A 1 46  ? -3.315  3.136   9.754   1.00 28.16  ? 46  MET A N   1 
ATOM   342 C CA  . MET A 1 46  ? -1.886  2.956   9.569   1.00 33.03  ? 46  MET A CA  1 
ATOM   343 C C   . MET A 1 46  ? -1.307  2.224   10.765  1.00 34.39  ? 46  MET A C   1 
ATOM   344 O O   . MET A 1 46  ? -1.753  2.422   11.893  1.00 38.54  ? 46  MET A O   1 
ATOM   345 C CB  . MET A 1 46  ? -1.203  4.308   9.421   1.00 37.51  ? 46  MET A CB  1 
ATOM   346 C CG  . MET A 1 46  ? -1.832  5.193   8.374   1.00 46.38  ? 46  MET A CG  1 
ATOM   347 S SD  . MET A 1 46  ? -0.842  5.253   6.878   1.00 51.48  ? 46  MET A SD  1 
ATOM   348 C CE  . MET A 1 46  ? -0.550  3.509   6.581   1.00 46.56  ? 46  MET A CE  1 
ATOM   349 N N   . PRO A 1 47  ? -0.307  1.386   10.524  1.00 33.62  ? 47  PRO A N   1 
ATOM   350 C CA  . PRO A 1 47  ? 0.336   0.636   11.605  1.00 35.99  ? 47  PRO A CA  1 
ATOM   351 C C   . PRO A 1 47  ? 1.196   1.563   12.454  1.00 38.00  ? 47  PRO A C   1 
ATOM   352 O O   . PRO A 1 47  ? 1.701   2.562   11.942  1.00 30.41  ? 47  PRO A O   1 
ATOM   353 C CB  . PRO A 1 47  ? 1.219   -0.367  10.862  1.00 37.60  ? 47  PRO A CB  1 
ATOM   354 C CG  . PRO A 1 47  ? 1.471   0.246   9.524   1.00 34.76  ? 47  PRO A CG  1 
ATOM   355 C CD  . PRO A 1 47  ? 0.289   1.110   9.206   1.00 33.49  ? 47  PRO A CD  1 
ATOM   356 N N   . LYS A 1 48  ? 1.344   1.248   13.736  1.00 45.39  ? 48  LYS A N   1 
ATOM   357 C CA  . LYS A 1 48  ? 2.178   2.059   14.612  1.00 54.10  ? 48  LYS A CA  1 
ATOM   358 C C   . LYS A 1 48  ? 3.619   1.984   14.137  1.00 55.49  ? 48  LYS A C   1 
ATOM   359 O O   . LYS A 1 48  ? 4.326   2.991   14.085  1.00 57.57  ? 48  LYS A O   1 
ATOM   360 C CB  . LYS A 1 48  ? 2.071   1.585   16.062  1.00 57.99  ? 48  LYS A CB  1 
ATOM   361 C CG  . LYS A 1 48  ? 0.754   1.946   16.725  1.00 63.02  ? 48  LYS A CG  1 
ATOM   362 C CD  . LYS A 1 48  ? 0.795   1.696   18.222  1.00 67.64  ? 48  LYS A CD  1 
ATOM   363 C CE  . LYS A 1 48  ? -0.412  2.311   18.915  1.00 68.55  ? 48  LYS A CE  1 
ATOM   364 N NZ  . LYS A 1 48  ? -0.373  2.108   20.387  1.00 68.70  ? 48  LYS A NZ  1 
ATOM   365 N N   . LYS A 1 49  ? 4.037   0.777   13.777  1.00 56.61  ? 49  LYS A N   1 
ATOM   366 C CA  . LYS A 1 49  ? 5.381   0.537   13.282  1.00 57.04  ? 49  LYS A CA  1 
ATOM   367 C C   . LYS A 1 49  ? 5.284   -0.170  11.934  1.00 51.15  ? 49  LYS A C   1 
ATOM   368 O O   . LYS A 1 49  ? 4.411   -1.012  11.729  1.00 52.73  ? 49  LYS A O   1 
ATOM   369 C CB  . LYS A 1 49  ? 6.153   -0.327  14.280  1.00 64.05  ? 49  LYS A CB  1 
ATOM   370 C CG  . LYS A 1 49  ? 7.665   -0.276  14.137  1.00 71.59  ? 49  LYS A CG  1 
ATOM   371 C CD  . LYS A 1 49  ? 8.338   -1.173  15.170  1.00 77.16  ? 49  LYS A CD  1 
ATOM   372 C CE  . LYS A 1 49  ? 9.853   -1.167  15.014  1.00 81.10  ? 49  LYS A CE  1 
ATOM   373 N NZ  . LYS A 1 49  ? 10.502  -2.222  15.842  1.00 83.30  ? 49  LYS A NZ  1 
ATOM   374 N N   . ALA A 1 50  ? 6.166   0.189   11.011  1.00 44.83  ? 50  ALA A N   1 
ATOM   375 C CA  . ALA A 1 50  ? 6.193   -0.430  9.693   1.00 41.13  ? 50  ALA A CA  1 
ATOM   376 C C   . ALA A 1 50  ? 7.639   -0.601  9.257   1.00 38.57  ? 50  ALA A C   1 
ATOM   377 O O   . ALA A 1 50  ? 8.174   0.224   8.516   1.00 39.61  ? 50  ALA A O   1 
ATOM   378 C CB  . ALA A 1 50  ? 5.431   0.418   8.688   1.00 41.35  ? 50  ALA A CB  1 
ATOM   379 N N   . THR A 1 51  ? 8.270   -1.675  9.718   1.00 37.10  ? 51  THR A N   1 
ATOM   380 C CA  . THR A 1 51  ? 9.677   -1.909  9.423   1.00 38.55  ? 51  THR A CA  1 
ATOM   381 C C   . THR A 1 51  ? 9.980   -3.370  9.129   1.00 40.06  ? 51  THR A C   1 
ATOM   382 O O   . THR A 1 51  ? 11.125  -3.728  8.861   1.00 43.84  ? 51  THR A O   1 
ATOM   383 C CB  . THR A 1 51  ? 10.534  -1.466  10.615  1.00 37.75  ? 51  THR A CB  1 
ATOM   384 O OG1 . THR A 1 51  ? 10.070  -2.125  11.800  1.00 36.63  ? 51  THR A OG1 1 
ATOM   385 C CG2 . THR A 1 51  ? 10.314  0.010   10.918  1.00 32.95  ? 51  THR A CG2 1 
ATOM   386 N N   . GLU A 1 52  ? 8.959   -4.216  9.187   1.00 39.24  ? 52  GLU A N   1 
ATOM   387 C CA  . GLU A 1 52  ? 9.158   -5.646  8.984   1.00 37.24  ? 52  GLU A CA  1 
ATOM   388 C C   . GLU A 1 52  ? 8.103   -6.249  8.060   1.00 35.55  ? 52  GLU A C   1 
ATOM   389 O O   . GLU A 1 52  ? 6.944   -5.839  8.076   1.00 34.48  ? 52  GLU A O   1 
ATOM   390 C CB  . GLU A 1 52  ? 9.171   -6.358  10.338  1.00 39.84  ? 52  GLU A CB  1 
ATOM   391 C CG  . GLU A 1 52  ? 10.107  -5.705  11.346  1.00 44.32  ? 52  GLU A CG  1 
ATOM   392 C CD  . GLU A 1 52  ? 9.969   -6.274  12.744  1.00 48.14  ? 52  GLU A CD  1 
ATOM   393 O OE1 . GLU A 1 52  ? 9.519   -7.433  12.877  1.00 47.52  ? 52  GLU A OE1 1 
ATOM   394 O OE2 . GLU A 1 52  ? 10.311  -5.560  13.712  1.00 49.02  ? 52  GLU A OE2 1 
ATOM   395 N N   . LEU A 1 53  ? 8.509   -7.228  7.256   1.00 34.57  ? 53  LEU A N   1 
ATOM   396 C CA  . LEU A 1 53  ? 7.603   -7.860  6.301   1.00 29.43  ? 53  LEU A CA  1 
ATOM   397 C C   . LEU A 1 53  ? 6.246   -8.213  6.914   1.00 29.59  ? 53  LEU A C   1 
ATOM   398 O O   . LEU A 1 53  ? 5.207   -7.950  6.320   1.00 29.87  ? 53  LEU A O   1 
ATOM   399 C CB  . LEU A 1 53  ? 8.250   -9.092  5.672   1.00 30.28  ? 53  LEU A CB  1 
ATOM   400 C CG  . LEU A 1 53  ? 9.338   -8.807  4.633   1.00 33.19  ? 53  LEU A CG  1 
ATOM   401 C CD1 . LEU A 1 53  ? 9.806   -10.094 3.976   1.00 33.37  ? 53  LEU A CD1 1 
ATOM   402 C CD2 . LEU A 1 53  ? 8.830   -7.827  3.584   1.00 35.74  ? 53  LEU A CD2 1 
ATOM   403 N N   . LYS A 1 54  ? 6.255   -8.798  8.105   1.00 27.72  ? 54  LYS A N   1 
ATOM   404 C CA  . LYS A 1 54  ? 5.008   -9.185  8.754   1.00 31.14  ? 54  LYS A CA  1 
ATOM   405 C C   . LYS A 1 54  ? 4.023   -8.020  8.874   1.00 28.43  ? 54  LYS A C   1 
ATOM   406 O O   . LYS A 1 54  ? 2.816   -8.229  9.004   1.00 22.76  ? 54  LYS A O   1 
ATOM   407 C CB  . LYS A 1 54  ? 5.278   -9.794  10.132  1.00 36.89  ? 54  LYS A CB  1 
ATOM   408 C CG  . LYS A 1 54  ? 5.803   -8.814  11.164  1.00 45.64  ? 54  LYS A CG  1 
ATOM   409 C CD  . LYS A 1 54  ? 5.950   -9.491  12.522  1.00 53.78  ? 54  LYS A CD  1 
ATOM   410 C CE  . LYS A 1 54  ? 6.608   -8.577  13.546  1.00 58.07  ? 54  LYS A CE  1 
ATOM   411 N NZ  . LYS A 1 54  ? 6.849   -9.274  14.843  1.00 60.39  ? 54  LYS A NZ  1 
ATOM   412 N N   . HIS A 1 55  ? 4.537   -6.795  8.815   1.00 26.32  ? 55  HIS A N   1 
ATOM   413 C CA  . HIS A 1 55  ? 3.690   -5.612  8.939   1.00 27.16  ? 55  HIS A CA  1 
ATOM   414 C C   . HIS A 1 55  ? 2.821   -5.389  7.706   1.00 23.62  ? 55  HIS A C   1 
ATOM   415 O O   . HIS A 1 55  ? 1.935   -4.534  7.707   1.00 24.27  ? 55  HIS A O   1 
ATOM   416 C CB  . HIS A 1 55  ? 4.526   -4.361  9.233   1.00 28.30  ? 55  HIS A CB  1 
ATOM   417 C CG  . HIS A 1 55  ? 5.154   -4.358  10.593  1.00 32.82  ? 55  HIS A CG  1 
ATOM   418 N ND1 . HIS A 1 55  ? 6.404   -3.828  10.834  1.00 34.13  ? 55  HIS A ND1 1 
ATOM   419 C CD2 . HIS A 1 55  ? 4.703   -4.815  11.785  1.00 31.91  ? 55  HIS A CD2 1 
ATOM   420 C CE1 . HIS A 1 55  ? 6.697   -3.962  12.116  1.00 33.99  ? 55  HIS A CE1 1 
ATOM   421 N NE2 . HIS A 1 55  ? 5.682   -4.557  12.714  1.00 34.85  ? 55  HIS A NE2 1 
ATOM   422 N N   . LEU A 1 56  ? 3.072   -6.154  6.652   1.00 23.23  ? 56  LEU A N   1 
ATOM   423 C CA  . LEU A 1 56  ? 2.268   -6.027  5.445   1.00 21.77  ? 56  LEU A CA  1 
ATOM   424 C C   . LEU A 1 56  ? 0.848   -6.525  5.714   1.00 25.34  ? 56  LEU A C   1 
ATOM   425 O O   . LEU A 1 56  ? -0.074  -6.277  4.927   1.00 19.96  ? 56  LEU A O   1 
ATOM   426 C CB  . LEU A 1 56  ? 2.913   -6.771  4.275   1.00 22.89  ? 56  LEU A CB  1 
ATOM   427 C CG  . LEU A 1 56  ? 4.165   -6.091  3.704   1.00 24.39  ? 56  LEU A CG  1 
ATOM   428 C CD1 . LEU A 1 56  ? 5.055   -7.092  2.994   1.00 22.19  ? 56  LEU A CD1 1 
ATOM   429 C CD2 . LEU A 1 56  ? 3.785   -4.930  2.768   1.00 24.91  ? 56  LEU A CD2 1 
ATOM   430 N N   . GLN A 1 57  ? 0.676   -7.222  6.833   1.00 23.26  ? 57  GLN A N   1 
ATOM   431 C CA  . GLN A 1 57  ? -0.640  -7.689  7.234   1.00 26.61  ? 57  GLN A CA  1 
ATOM   432 C C   . GLN A 1 57  ? -1.515  -6.456  7.407   1.00 24.87  ? 57  GLN A C   1 
ATOM   433 O O   . GLN A 1 57  ? -2.717  -6.497  7.167   1.00 24.49  ? 57  GLN A O   1 
ATOM   434 C CB  . GLN A 1 57  ? -0.557  -8.461  8.552   1.00 24.79  ? 57  GLN A CB  1 
ATOM   435 C CG  . GLN A 1 57  ? -1.903  -8.831  9.162   1.00 30.71  ? 57  GLN A CG  1 
ATOM   436 C CD  . GLN A 1 57  ? -2.628  -9.917  8.387   1.00 34.16  ? 57  GLN A CD  1 
ATOM   437 O OE1 . GLN A 1 57  ? -1.999  -10.798 7.799   1.00 34.97  ? 57  GLN A OE1 1 
ATOM   438 N NE2 . GLN A 1 57  ? -3.956  -9.860  8.391   1.00 34.70  ? 57  GLN A NE2 1 
ATOM   439 N N   . CYS A 1 58  ? -0.886  -5.355  7.809   1.00 23.99  ? 58  CYS A N   1 
ATOM   440 C CA  . CYS A 1 58  ? -1.583  -4.096  8.039   1.00 23.67  ? 58  CYS A CA  1 
ATOM   441 C C   . CYS A 1 58  ? -2.034  -3.469  6.727   1.00 19.92  ? 58  CYS A C   1 
ATOM   442 O O   . CYS A 1 58  ? -3.034  -2.757  6.682   1.00 19.74  ? 58  CYS A O   1 
ATOM   443 C CB  . CYS A 1 58  ? -0.686  -3.122  8.798   1.00 33.35  ? 58  CYS A CB  1 
ATOM   444 S SG  . CYS A 1 58  ? -0.098  -3.727  10.394  1.00 40.56  ? 58  CYS A SG  1 
ATOM   445 N N   . LEU A 1 59  ? -1.284  -3.727  5.664   1.00 15.61  ? 59  LEU A N   1 
ATOM   446 C CA  . LEU A 1 59  ? -1.638  -3.225  4.349   1.00 16.64  ? 59  LEU A CA  1 
ATOM   447 C C   . LEU A 1 59  ? -2.758  -4.095  3.788   1.00 17.97  ? 59  LEU A C   1 
ATOM   448 O O   . LEU A 1 59  ? -3.751  -3.595  3.258   1.00 19.02  ? 59  LEU A O   1 
ATOM   449 C CB  . LEU A 1 59  ? -0.418  -3.254  3.427   1.00 14.22  ? 59  LEU A CB  1 
ATOM   450 C CG  . LEU A 1 59  ? -0.642  -2.969  1.938   1.00 14.92  ? 59  LEU A CG  1 
ATOM   451 C CD1 . LEU A 1 59  ? -1.484  -1.732  1.733   1.00 12.66  ? 59  LEU A CD1 1 
ATOM   452 C CD2 . LEU A 1 59  ? 0.693   -2.830  1.217   1.00 17.23  ? 59  LEU A CD2 1 
ATOM   453 N N   . GLU A 1 60  ? -2.586  -5.403  3.924   1.00 22.71  ? 60  GLU A N   1 
ATOM   454 C CA  . GLU A 1 60  ? -3.561  -6.373  3.447   1.00 24.52  ? 60  GLU A CA  1 
ATOM   455 C C   . GLU A 1 60  ? -4.940  -6.056  4.007   1.00 24.43  ? 60  GLU A C   1 
ATOM   456 O O   . GLU A 1 60  ? -5.938  -6.061  3.287   1.00 17.05  ? 60  GLU A O   1 
ATOM   457 C CB  . GLU A 1 60  ? -3.135  -7.781  3.867   1.00 32.08  ? 60  GLU A CB  1 
ATOM   458 C CG  . GLU A 1 60  ? -4.182  -8.857  3.634   1.00 39.26  ? 60  GLU A CG  1 
ATOM   459 C CD  . GLU A 1 60  ? -3.772  -10.194 4.220   1.00 47.32  ? 60  GLU A CD  1 
ATOM   460 O OE1 . GLU A 1 60  ? -2.944  -10.202 5.157   1.00 50.46  ? 60  GLU A OE1 1 
ATOM   461 O OE2 . GLU A 1 60  ? -4.277  -11.236 3.747   1.00 48.96  ? 60  GLU A OE2 1 
ATOM   462 N N   . GLU A 1 61  ? -4.983  -5.752  5.298   1.00 26.47  ? 61  GLU A N   1 
ATOM   463 C CA  . GLU A 1 61  ? -6.244  -5.463  5.974   1.00 29.48  ? 61  GLU A CA  1 
ATOM   464 C C   . GLU A 1 61  ? -6.975  -4.237  5.422   1.00 27.58  ? 61  GLU A C   1 
ATOM   465 O O   . GLU A 1 61  ? -8.156  -4.040  5.709   1.00 27.07  ? 61  GLU A O   1 
ATOM   466 C CB  . GLU A 1 61  ? -6.022  -5.296  7.485   1.00 30.11  ? 61  GLU A CB  1 
ATOM   467 C CG  . GLU A 1 61  ? -5.735  -6.591  8.231   1.00 37.92  ? 61  GLU A CG  1 
ATOM   468 C CD  . GLU A 1 61  ? -5.581  -6.389  9.730   1.00 41.91  ? 61  GLU A CD  1 
ATOM   469 O OE1 . GLU A 1 61  ? -5.809  -5.261  10.213  1.00 42.83  ? 61  GLU A OE1 1 
ATOM   470 O OE2 . GLU A 1 61  ? -5.234  -7.364  10.429  1.00 45.60  ? 61  GLU A OE2 1 
ATOM   471 N N   . GLU A 1 62  ? -6.288  -3.418  4.629   1.00 24.20  ? 62  GLU A N   1 
ATOM   472 C CA  . GLU A 1 62  ? -6.887  -2.175  4.147   1.00 21.48  ? 62  GLU A CA  1 
ATOM   473 C C   . GLU A 1 62  ? -7.207  -2.170  2.661   1.00 22.48  ? 62  GLU A C   1 
ATOM   474 O O   . GLU A 1 62  ? -7.634  -1.146  2.112   1.00 22.38  ? 62  GLU A O   1 
ATOM   475 C CB  . GLU A 1 62  ? -5.982  -0.983  4.477   1.00 22.56  ? 62  GLU A CB  1 
ATOM   476 C CG  . GLU A 1 62  ? -5.764  -0.746  5.962   1.00 22.26  ? 62  GLU A CG  1 
ATOM   477 C CD  . GLU A 1 62  ? -6.978  -0.145  6.643   1.00 25.60  ? 62  GLU A CD  1 
ATOM   478 O OE1 . GLU A 1 62  ? -7.356  0.992   6.290   1.00 21.52  ? 62  GLU A OE1 1 
ATOM   479 O OE2 . GLU A 1 62  ? -7.553  -0.808  7.531   1.00 27.25  ? 62  GLU A OE2 1 
ATOM   480 N N   . LEU A 1 63  ? -7.004  -3.302  2.005   1.00 17.89  ? 63  LEU A N   1 
ATOM   481 C CA  . LEU A 1 63  ? -7.252  -3.381  0.576   1.00 14.22  ? 63  LEU A CA  1 
ATOM   482 C C   . LEU A 1 63  ? -8.708  -3.074  0.223   1.00 16.59  ? 63  LEU A C   1 
ATOM   483 O O   . LEU A 1 63  ? -8.986  -2.518  -0.838  1.00 17.39  ? 63  LEU A O   1 
ATOM   484 C CB  . LEU A 1 63  ? -6.811  -4.737  0.032   1.00 15.40  ? 63  LEU A CB  1 
ATOM   485 C CG  . LEU A 1 63  ? -5.299  -4.967  0.149   1.00 17.03  ? 63  LEU A CG  1 
ATOM   486 C CD1 . LEU A 1 63  ? -4.877  -6.176  -0.657  1.00 10.78  ? 63  LEU A CD1 1 
ATOM   487 C CD2 . LEU A 1 63  ? -4.526  -3.738  -0.305  1.00 12.48  ? 63  LEU A CD2 1 
ATOM   488 N N   . LYS A 1 64  ? -9.626  -3.416  1.122   1.00 16.01  ? 64  LYS A N   1 
ATOM   489 C CA  . LYS A 1 64  ? -11.048 -3.147  0.911   1.00 18.99  ? 64  LYS A CA  1 
ATOM   490 C C   . LYS A 1 64  ? -11.357 -1.647  0.811   1.00 21.93  ? 64  LYS A C   1 
ATOM   491 O O   . LYS A 1 64  ? -11.895 -1.196  -0.198  1.00 14.83  ? 64  LYS A O   1 
ATOM   492 C CB  . LYS A 1 64  ? -11.903 -3.813  1.994   1.00 27.10  ? 64  LYS A CB  1 
ATOM   493 C CG  . LYS A 1 64  ? -13.373 -3.420  1.944   1.00 31.12  ? 64  LYS A CG  1 
ATOM   494 C CD  . LYS A 1 64  ? -14.245 -4.443  2.658   1.00 36.75  ? 64  LYS A CD  1 
ATOM   495 C CE  . LYS A 1 64  ? -15.710 -4.034  2.607   1.00 42.98  ? 64  LYS A CE  1 
ATOM   496 N NZ  . LYS A 1 64  ? -16.633 -5.200  2.724   1.00 45.01  ? 64  LYS A NZ  1 
ATOM   497 N N   . PRO A 1 65  ? -11.032 -0.866  1.841   1.00 21.08  ? 65  PRO A N   1 
ATOM   498 C CA  . PRO A 1 65  ? -11.247 0.580   1.770   1.00 20.54  ? 65  PRO A CA  1 
ATOM   499 C C   . PRO A 1 65  ? -10.478 1.178   0.597   1.00 20.47  ? 65  PRO A C   1 
ATOM   500 O O   . PRO A 1 65  ? -10.915 2.164   -0.002  1.00 18.67  ? 65  PRO A O   1 
ATOM   501 C CB  . PRO A 1 65  ? -10.658 1.083   3.087   1.00 24.28  ? 65  PRO A CB  1 
ATOM   502 C CG  . PRO A 1 65  ? -10.710 -0.087  3.998   1.00 27.48  ? 65  PRO A CG  1 
ATOM   503 C CD  . PRO A 1 65  ? -10.464 -1.279  3.136   1.00 24.52  ? 65  PRO A CD  1 
ATOM   504 N N   . LEU A 1 66  ? -9.334  0.584   0.285   1.00 16.47  ? 66  LEU A N   1 
ATOM   505 C CA  . LEU A 1 66  ? -8.531  1.043   -0.831  1.00 19.50  ? 66  LEU A CA  1 
ATOM   506 C C   . LEU A 1 66  ? -9.311  0.874   -2.136  1.00 20.23  ? 66  LEU A C   1 
ATOM   507 O O   . LEU A 1 66  ? -9.380  1.790   -2.953  1.00 23.25  ? 66  LEU A O   1 
ATOM   508 C CB  . LEU A 1 66  ? -7.216  0.271   -0.903  1.00 16.50  ? 66  LEU A CB  1 
ATOM   509 C CG  . LEU A 1 66  ? -6.402  0.543   -2.171  1.00 20.00  ? 66  LEU A CG  1 
ATOM   510 C CD1 . LEU A 1 66  ? -5.975  1.987   -2.213  1.00 19.73  ? 66  LEU A CD1 1 
ATOM   511 C CD2 . LEU A 1 66  ? -5.190  -0.369  -2.212  1.00 19.97  ? 66  LEU A CD2 1 
ATOM   512 N N   . GLU A 1 67  ? -9.894  -0.304  -2.333  1.00 22.39  ? 67  GLU A N   1 
ATOM   513 C CA  . GLU A 1 67  ? -10.680 -0.567  -3.534  1.00 24.69  ? 67  GLU A CA  1 
ATOM   514 C C   . GLU A 1 67  ? -11.848 0.410   -3.615  1.00 22.09  ? 67  GLU A C   1 
ATOM   515 O O   . GLU A 1 67  ? -12.116 0.994   -4.664  1.00 17.50  ? 67  GLU A O   1 
ATOM   516 C CB  . GLU A 1 67  ? -11.194 -2.010  -3.530  1.00 29.20  ? 67  GLU A CB  1 
ATOM   517 C CG  . GLU A 1 67  ? -11.665 -2.519  -4.884  1.00 34.40  ? 67  GLU A CG  1 
ATOM   518 C CD  . GLU A 1 67  ? -12.999 -1.935  -5.300  1.00 39.91  ? 67  GLU A CD  1 
ATOM   519 O OE1 . GLU A 1 67  ? -13.772 -1.523  -4.409  1.00 41.22  ? 67  GLU A OE1 1 
ATOM   520 O OE2 . GLU A 1 67  ? -13.273 -1.883  -6.517  1.00 41.64  ? 67  GLU A OE2 1 
ATOM   521 N N   . GLU A 1 68  ? -12.529 0.591   -2.491  1.00 20.43  ? 68  GLU A N   1 
ATOM   522 C CA  . GLU A 1 68  ? -13.690 1.471   -2.429  1.00 26.48  ? 68  GLU A CA  1 
ATOM   523 C C   . GLU A 1 68  ? -13.362 2.922   -2.743  1.00 28.63  ? 68  GLU A C   1 
ATOM   524 O O   . GLU A 1 68  ? -14.131 3.605   -3.406  1.00 25.25  ? 68  GLU A O   1 
ATOM   525 C CB  . GLU A 1 68  ? -14.353 1.371   -1.055  1.00 28.81  ? 68  GLU A CB  1 
ATOM   526 C CG  . GLU A 1 68  ? -14.640 -0.057  -0.629  1.00 36.29  ? 68  GLU A CG  1 
ATOM   527 C CD  . GLU A 1 68  ? -15.492 -0.135  0.619   1.00 37.67  ? 68  GLU A CD  1 
ATOM   528 O OE1 . GLU A 1 68  ? -15.250 0.654   1.561   1.00 38.39  ? 68  GLU A OE1 1 
ATOM   529 O OE2 . GLU A 1 68  ? -16.405 -0.989  0.652   1.00 39.92  ? 68  GLU A OE2 1 
ATOM   530 N N   . VAL A 1 69  ? -12.226 3.412   -2.265  1.00 29.79  ? 69  VAL A N   1 
ATOM   531 C CA  . VAL A 1 69  ? -11.906 4.809   -2.513  1.00 31.20  ? 69  VAL A CA  1 
ATOM   532 C C   . VAL A 1 69  ? -11.598 5.041   -3.994  1.00 33.98  ? 69  VAL A C   1 
ATOM   533 O O   . VAL A 1 69  ? -12.021 6.040   -4.576  1.00 28.64  ? 69  VAL A O   1 
ATOM   534 C CB  . VAL A 1 69  ? -10.776 5.329   -1.596  1.00 31.15  ? 69  VAL A CB  1 
ATOM   535 C CG1 . VAL A 1 69  ? -9.419  4.824   -2.052  1.00 30.05  ? 69  VAL A CG1 1 
ATOM   536 C CG2 . VAL A 1 69  ? -10.793 6.846   -1.545  1.00 33.42  ? 69  VAL A CG2 1 
ATOM   537 N N   . LEU A 1 70  ? -10.894 4.094   -4.603  1.00 35.66  ? 70  LEU A N   1 
ATOM   538 C CA  . LEU A 1 70  ? -10.545 4.179   -6.016  1.00 40.04  ? 70  LEU A CA  1 
ATOM   539 C C   . LEU A 1 70  ? -11.778 4.026   -6.890  1.00 47.91  ? 70  LEU A C   1 
ATOM   540 O O   . LEU A 1 70  ? -11.918 4.706   -7.902  1.00 49.29  ? 70  LEU A O   1 
ATOM   541 C CB  . LEU A 1 70  ? -9.531  3.097   -6.383  1.00 37.88  ? 70  LEU A CB  1 
ATOM   542 C CG  . LEU A 1 70  ? -8.213  3.141   -5.617  1.00 39.39  ? 70  LEU A CG  1 
ATOM   543 C CD1 . LEU A 1 70  ? -7.274  2.034   -6.078  1.00 40.28  ? 70  LEU A CD1 1 
ATOM   544 C CD2 . LEU A 1 70  ? -7.570  4.511   -5.782  1.00 37.79  ? 70  LEU A CD2 1 
ATOM   545 N N   . ASN A 1 71  ? -12.670 3.126   -6.490  1.00 56.02  ? 71  ASN A N   1 
ATOM   546 C CA  . ASN A 1 71  ? -13.895 2.870   -7.235  1.00 64.48  ? 71  ASN A CA  1 
ATOM   547 C C   . ASN A 1 71  ? -14.747 4.129   -7.403  1.00 66.66  ? 71  ASN A C   1 
ATOM   548 O O   . ASN A 1 71  ? -15.677 4.157   -8.208  1.00 65.87  ? 71  ASN A O   1 
ATOM   549 C CB  . ASN A 1 71  ? -14.704 1.764   -6.553  1.00 68.28  ? 71  ASN A CB  1 
ATOM   550 C CG  . ASN A 1 71  ? -15.705 1.109   -7.485  1.00 72.22  ? 71  ASN A CG  1 
ATOM   551 O OD1 . ASN A 1 71  ? -15.703 1.353   -8.692  1.00 74.36  ? 71  ASN A OD1 1 
ATOM   552 N ND2 . ASN A 1 71  ? -16.567 0.266   -6.927  1.00 73.30  ? 71  ASN A ND2 1 
ATOM   553 N N   . LEU A 1 72  ? -14.421 5.169   -6.643  1.00 70.12  ? 72  LEU A N   1 
ATOM   554 C CA  . LEU A 1 72  ? -15.150 6.433   -6.719  1.00 73.46  ? 72  LEU A CA  1 
ATOM   555 C C   . LEU A 1 72  ? -14.969 7.124   -8.067  1.00 76.68  ? 72  LEU A C   1 
ATOM   556 O O   . LEU A 1 72  ? -15.846 7.866   -8.509  1.00 78.81  ? 72  LEU A O   1 
ATOM   557 C CB  . LEU A 1 72  ? -14.722 7.376   -5.593  1.00 72.59  ? 72  LEU A CB  1 
ATOM   558 C CG  . LEU A 1 72  ? -15.470 7.251   -4.267  1.00 71.91  ? 72  LEU A CG  1 
ATOM   559 C CD1 . LEU A 1 72  ? -14.818 8.117   -3.204  1.00 71.44  ? 72  LEU A CD1 1 
ATOM   560 C CD2 . LEU A 1 72  ? -16.928 7.630   -4.451  1.00 72.40  ? 72  LEU A CD2 1 
ATOM   561 N N   . ALA A 1 73  ? -13.831 6.882   -8.711  1.00 77.19  ? 73  ALA A N   1 
ATOM   562 C CA  . ALA A 1 73  ? -13.547 7.490   -10.010 1.00 78.03  ? 73  ALA A CA  1 
ATOM   563 C C   . ALA A 1 73  ? -14.436 6.919   -11.116 1.00 77.48  ? 73  ALA A C   1 
ATOM   564 O O   . ALA A 1 73  ? -14.092 5.927   -11.758 1.00 76.37  ? 73  ALA A O   1 
ATOM   565 C CB  . ALA A 1 73  ? -12.070 7.330   -10.366 1.00 77.88  ? 73  ALA A CB  1 
ATOM   566 N N   . ARG A 1 83  ? -7.706  -1.836  -9.010  1.00 82.79  ? 83  ARG A N   1 
ATOM   567 C CA  . ARG A 1 83  ? -8.477  -3.073  -8.959  1.00 83.96  ? 83  ARG A CA  1 
ATOM   568 C C   . ARG A 1 83  ? -7.682  -4.215  -9.575  1.00 80.82  ? 83  ARG A C   1 
ATOM   569 O O   . ARG A 1 83  ? -7.392  -5.206  -8.906  1.00 81.29  ? 83  ARG A O   1 
ATOM   570 C CB  . ARG A 1 83  ? -9.819  -2.891  -9.660  1.00 88.25  ? 83  ARG A CB  1 
ATOM   571 C CG  . ARG A 1 83  ? -10.610 -1.724  -9.102  1.00 93.70  ? 83  ARG A CG  1 
ATOM   572 C CD  . ARG A 1 83  ? -11.681 -1.195  -10.031 1.00 98.17  ? 83  ARG A CD  1 
ATOM   573 N NE  . ARG A 1 83  ? -12.890 -2.011  -10.003 1.00 101.27 ? 83  ARG A NE  1 
ATOM   574 C CZ  . ARG A 1 83  ? -13.996 -1.713  -10.669 1.00 102.47 ? 83  ARG A CZ  1 
ATOM   575 N NH1 . ARG A 1 83  ? -14.043 -0.620  -11.418 1.00 102.94 ? 83  ARG A NH1 1 
ATOM   576 N NH2 . ARG A 1 83  ? -15.057 -2.506  -10.591 1.00 102.35 ? 83  ARG A NH2 1 
ATOM   577 N N   . ASP A 1 84  ? -7.343  -4.079  -10.854 1.00 75.41  ? 84  ASP A N   1 
ATOM   578 C CA  . ASP A 1 84  ? -6.458  -5.043  -11.483 1.00 70.90  ? 84  ASP A CA  1 
ATOM   579 C C   . ASP A 1 84  ? -5.171  -4.886  -10.696 1.00 64.72  ? 84  ASP A C   1 
ATOM   580 O O   . ASP A 1 84  ? -4.333  -5.786  -10.641 1.00 67.41  ? 84  ASP A O   1 
ATOM   581 C CB  . ASP A 1 84  ? -6.215  -4.693  -12.951 1.00 74.81  ? 84  ASP A CB  1 
ATOM   582 C CG  . ASP A 1 84  ? -7.476  -4.774  -13.789 1.00 78.29  ? 84  ASP A CG  1 
ATOM   583 O OD1 . ASP A 1 84  ? -8.153  -5.824  -13.754 1.00 78.67  ? 84  ASP A OD1 1 
ATOM   584 O OD2 . ASP A 1 84  ? -7.866  -3.839  -14.519 1.00 80.37  ? 84  ASP A OD2 1 
ATOM   585 N N   . LEU A 1 85  ? -5.047  -3.720  -10.070 1.00 54.19  ? 85  LEU A N   1 
ATOM   586 C CA  . LEU A 1 85  ? -3.891  -3.380  -9.261  1.00 45.42  ? 85  LEU A CA  1 
ATOM   587 C C   . LEU A 1 85  ? -4.074  -3.873  -7.827  1.00 37.90  ? 85  LEU A C   1 
ATOM   588 O O   . LEU A 1 85  ? -3.125  -4.357  -7.206  1.00 35.10  ? 85  LEU A O   1 
ATOM   589 C CB  . LEU A 1 85  ? -3.673  -1.868  -9.293  1.00 48.72  ? 85  LEU A CB  1 
ATOM   590 C CG  . LEU A 1 85  ? -2.230  -1.366  -9.395  1.00 54.60  ? 85  LEU A CG  1 
ATOM   591 C CD1 . LEU A 1 85  ? -1.395  -2.260  -10.302 1.00 54.87  ? 85  LEU A CD1 1 
ATOM   592 C CD2 . LEU A 1 85  ? -2.215  0.071   -9.895  1.00 55.50  ? 85  LEU A CD2 1 
ATOM   593 N N   . ILE A 1 86  ? -5.294  -3.757  -7.302  1.00 29.50  ? 86  ILE A N   1 
ATOM   594 C CA  . ILE A 1 86  ? -5.580  -4.227  -5.951  1.00 22.48  ? 86  ILE A CA  1 
ATOM   595 C C   . ILE A 1 86  ? -5.256  -5.702  -5.854  1.00 20.56  ? 86  ILE A C   1 
ATOM   596 O O   . ILE A 1 86  ? -4.530  -6.123  -4.956  1.00 21.22  ? 86  ILE A O   1 
ATOM   597 C CB  . ILE A 1 86  ? -7.050  -4.014  -5.577  1.00 24.62  ? 86  ILE A CB  1 
ATOM   598 C CG1 . ILE A 1 86  ? -7.426  -2.540  -5.682  1.00 28.25  ? 86  ILE A CG1 1 
ATOM   599 C CG2 . ILE A 1 86  ? -7.309  -4.525  -4.163  1.00 22.23  ? 86  ILE A CG2 1 
ATOM   600 C CD1 . ILE A 1 86  ? -6.940  -1.725  -4.537  1.00 24.56  ? 86  ILE A CD1 1 
ATOM   601 N N   . SER A 1 87  ? -5.796  -6.484  -6.785  1.00 21.54  ? 87  SER A N   1 
ATOM   602 C CA  . SER A 1 87  ? -5.553  -7.922  -6.808  1.00 27.10  ? 87  SER A CA  1 
ATOM   603 C C   . SER A 1 87  ? -4.059  -8.233  -6.887  1.00 21.50  ? 87  SER A C   1 
ATOM   604 O O   . SER A 1 87  ? -3.583  -9.158  -6.235  1.00 21.56  ? 87  SER A O   1 
ATOM   605 C CB  . SER A 1 87  ? -6.313  -8.594  -7.957  1.00 30.60  ? 87  SER A CB  1 
ATOM   606 O OG  . SER A 1 87  ? -5.938  -8.048  -9.208  1.00 41.28  ? 87  SER A OG  1 
ATOM   607 N N   . ASN A 1 88  ? -3.330  -7.456  -7.683  1.00 23.22  ? 88  ASN A N   1 
ATOM   608 C CA  . ASN A 1 88  ? -1.885  -7.630  -7.815  1.00 23.73  ? 88  ASN A CA  1 
ATOM   609 C C   . ASN A 1 88  ? -1.175  -7.381  -6.494  1.00 23.33  ? 88  ASN A C   1 
ATOM   610 O O   . ASN A 1 88  ? -0.223  -8.080  -6.146  1.00 23.42  ? 88  ASN A O   1 
ATOM   611 C CB  . ASN A 1 88  ? -1.320  -6.704  -8.892  1.00 31.88  ? 88  ASN A CB  1 
ATOM   612 C CG  . ASN A 1 88  ? -1.561  -7.227  -10.289 1.00 39.42  ? 88  ASN A CG  1 
ATOM   613 O OD1 . ASN A 1 88  ? -1.760  -8.425  -10.487 1.00 44.80  ? 88  ASN A OD1 1 
ATOM   614 N ND2 . ASN A 1 88  ? -1.546  -6.333  -11.269 1.00 43.37  ? 88  ASN A ND2 1 
ATOM   615 N N   . ILE A 1 89  ? -1.640  -6.375  -5.762  1.00 21.77  ? 89  ILE A N   1 
ATOM   616 C CA  . ILE A 1 89  ? -1.072  -6.083  -4.457  1.00 20.67  ? 89  ILE A CA  1 
ATOM   617 C C   . ILE A 1 89  ? -1.352  -7.260  -3.526  1.00 19.17  ? 89  ILE A C   1 
ATOM   618 O O   . ILE A 1 89  ? -0.451  -7.759  -2.852  1.00 18.47  ? 89  ILE A O   1 
ATOM   619 C CB  . ILE A 1 89  ? -1.649  -4.768  -3.896  1.00 16.59  ? 89  ILE A CB  1 
ATOM   620 C CG1 . ILE A 1 89  ? -1.097  -3.579  -4.683  1.00 16.96  ? 89  ILE A CG1 1 
ATOM   621 C CG2 . ILE A 1 89  ? -1.309  -4.615  -2.424  1.00 14.29  ? 89  ILE A CG2 1 
ATOM   622 C CD1 . ILE A 1 89  ? -1.666  -2.248  -4.245  1.00 16.64  ? 89  ILE A CD1 1 
ATOM   623 N N   . ASN A 1 90  ? -2.598  -7.718  -3.515  1.00 18.84  ? 90  ASN A N   1 
ATOM   624 C CA  . ASN A 1 90  ? -2.977  -8.842  -2.669  1.00 19.83  ? 90  ASN A CA  1 
ATOM   625 C C   . ASN A 1 90  ? -2.053  -10.044 -2.831  1.00 19.25  ? 90  ASN A C   1 
ATOM   626 O O   . ASN A 1 90  ? -1.550  -10.582 -1.845  1.00 16.81  ? 90  ASN A O   1 
ATOM   627 C CB  . ASN A 1 90  ? -4.415  -9.270  -2.934  1.00 20.31  ? 90  ASN A CB  1 
ATOM   628 C CG  . ASN A 1 90  ? -4.845  -10.410 -2.037  1.00 22.30  ? 90  ASN A CG  1 
ATOM   629 O OD1 . ASN A 1 90  ? -5.016  -10.232 -0.833  1.00 24.01  ? 90  ASN A OD1 1 
ATOM   630 N ND2 . ASN A 1 90  ? -5.001  -11.597 -2.616  1.00 23.06  ? 90  ASN A ND2 1 
ATOM   631 N N   . VAL A 1 91  ? -1.843  -10.463 -4.077  1.00 23.65  ? 91  VAL A N   1 
ATOM   632 C CA  . VAL A 1 91  ? -0.963  -11.591 -4.372  1.00 30.06  ? 91  VAL A CA  1 
ATOM   633 C C   . VAL A 1 91  ? 0.446   -11.386 -3.811  1.00 28.53  ? 91  VAL A C   1 
ATOM   634 O O   . VAL A 1 91  ? 0.984   -12.259 -3.136  1.00 30.63  ? 91  VAL A O   1 
ATOM   635 C CB  . VAL A 1 91  ? -0.868  -11.860 -5.889  1.00 34.23  ? 91  VAL A CB  1 
ATOM   636 C CG1 . VAL A 1 91  ? 0.211   -12.890 -6.172  1.00 37.75  ? 91  VAL A CG1 1 
ATOM   637 C CG2 . VAL A 1 91  ? -2.209  -12.328 -6.440  1.00 37.10  ? 91  VAL A CG2 1 
ATOM   638 N N   . ILE A 1 92  ? 1.037   -10.232 -4.093  1.00 29.81  ? 92  ILE A N   1 
ATOM   639 C CA  . ILE A 1 92  ? 2.375   -9.917  -3.603  1.00 30.88  ? 92  ILE A CA  1 
ATOM   640 C C   . ILE A 1 92  ? 2.439   -10.000 -2.085  1.00 29.21  ? 92  ILE A C   1 
ATOM   641 O O   . ILE A 1 92  ? 3.339   -10.624 -1.525  1.00 30.53  ? 92  ILE A O   1 
ATOM   642 C CB  . ILE A 1 92  ? 2.789   -8.506  -4.042  1.00 34.85  ? 92  ILE A CB  1 
ATOM   643 C CG1 . ILE A 1 92  ? 2.938   -8.431  -5.561  1.00 37.18  ? 92  ILE A CG1 1 
ATOM   644 C CG2 . ILE A 1 92  ? 4.092   -8.103  -3.370  1.00 32.83  ? 92  ILE A CG2 1 
ATOM   645 C CD1 . ILE A 1 92  ? 4.292   -8.834  -6.045  1.00 41.06  ? 92  ILE A CD1 1 
ATOM   646 N N   . VAL A 1 93  ? 1.476   -9.364  -1.423  1.00 26.59  ? 93  VAL A N   1 
ATOM   647 C CA  . VAL A 1 93  ? 1.449   -9.322  0.032   1.00 26.04  ? 93  VAL A CA  1 
ATOM   648 C C   . VAL A 1 93  ? 1.440   -10.718 0.646   1.00 29.78  ? 93  VAL A C   1 
ATOM   649 O O   . VAL A 1 93  ? 2.186   -10.994 1.586   1.00 27.98  ? 93  VAL A O   1 
ATOM   650 C CB  . VAL A 1 93  ? 0.250   -8.508  0.558   1.00 23.23  ? 93  VAL A CB  1 
ATOM   651 C CG1 . VAL A 1 93  ? 0.142   -8.631  2.068   1.00 21.79  ? 93  VAL A CG1 1 
ATOM   652 C CG2 . VAL A 1 93  ? 0.389   -7.054  0.158   1.00 21.60  ? 93  VAL A CG2 1 
ATOM   653 N N   . LEU A 1 94  ? 0.604   -11.597 0.105   1.00 33.39  ? 94  LEU A N   1 
ATOM   654 C CA  . LEU A 1 94  ? 0.515   -12.963 0.605   1.00 41.58  ? 94  LEU A CA  1 
ATOM   655 C C   . LEU A 1 94  ? 1.831   -13.716 0.410   1.00 43.35  ? 94  LEU A C   1 
ATOM   656 O O   . LEU A 1 94  ? 2.184   -14.580 1.213   1.00 44.58  ? 94  LEU A O   1 
ATOM   657 C CB  . LEU A 1 94  ? -0.634  -13.716 -0.071  1.00 43.08  ? 94  LEU A CB  1 
ATOM   658 C CG  . LEU A 1 94  ? -2.046  -13.176 0.176   1.00 46.49  ? 94  LEU A CG  1 
ATOM   659 C CD1 . LEU A 1 94  ? -3.084  -14.027 -0.542  1.00 48.55  ? 94  LEU A CD1 1 
ATOM   660 C CD2 . LEU A 1 94  ? -2.348  -13.107 1.665   1.00 47.38  ? 94  LEU A CD2 1 
ATOM   661 N N   . GLU A 1 95  ? 2.549   -13.383 -0.658  1.00 44.95  ? 95  GLU A N   1 
ATOM   662 C CA  . GLU A 1 95  ? 3.832   -14.020 -0.951  1.00 45.55  ? 95  GLU A CA  1 
ATOM   663 C C   . GLU A 1 95  ? 4.931   -13.536 -0.008  1.00 44.16  ? 95  GLU A C   1 
ATOM   664 O O   . GLU A 1 95  ? 5.882   -14.264 0.268   1.00 43.63  ? 95  GLU A O   1 
ATOM   665 C CB  . GLU A 1 95  ? 4.256   -13.752 -2.399  1.00 46.66  ? 95  GLU A CB  1 
ATOM   666 C CG  . GLU A 1 95  ? 3.454   -14.500 -3.454  1.00 47.49  ? 95  GLU A CG  1 
ATOM   667 C CD  . GLU A 1 95  ? 3.781   -15.980 -3.507  1.00 47.77  ? 95  GLU A CD  1 
ATOM   668 O OE1 . GLU A 1 95  ? 4.969   -16.339 -3.334  1.00 45.82  ? 95  GLU A OE1 1 
ATOM   669 O OE2 . GLU A 1 95  ? 2.848   -16.783 -3.725  1.00 46.66  ? 95  GLU A OE2 1 
ATOM   670 N N   . LEU A 1 96  ? 4.794   -12.309 0.483   1.00 42.26  ? 96  LEU A N   1 
ATOM   671 C CA  . LEU A 1 96  ? 5.817   -11.712 1.339   1.00 43.53  ? 96  LEU A CA  1 
ATOM   672 C C   . LEU A 1 96  ? 5.680   -12.033 2.825   1.00 46.91  ? 96  LEU A C   1 
ATOM   673 O O   . LEU A 1 96  ? 6.680   -12.235 3.509   1.00 48.69  ? 96  LEU A O   1 
ATOM   674 C CB  . LEU A 1 96  ? 5.864   -10.197 1.140   1.00 38.84  ? 96  LEU A CB  1 
ATOM   675 C CG  . LEU A 1 96  ? 6.533   -9.729  -0.149  1.00 33.97  ? 96  LEU A CG  1 
ATOM   676 C CD1 . LEU A 1 96  ? 6.340   -8.241  -0.322  1.00 31.52  ? 96  LEU A CD1 1 
ATOM   677 C CD2 . LEU A 1 96  ? 8.011   -10.092 -0.141  1.00 36.21  ? 96  LEU A CD2 1 
ATOM   678 N N   . LYS A 1 97  ? 4.453   -12.068 3.329   1.00 49.97  ? 97  LYS A N   1 
ATOM   679 C CA  . LYS A 1 97  ? 4.243   -12.337 4.750   1.00 53.75  ? 97  LYS A CA  1 
ATOM   680 C C   . LYS A 1 97  ? 3.672   -13.730 5.007   1.00 54.35  ? 97  LYS A C   1 
ATOM   681 O O   . LYS A 1 97  ? 3.507   -14.140 6.156   1.00 55.26  ? 97  LYS A O   1 
ATOM   682 C CB  . LYS A 1 97  ? 3.366   -11.250 5.390   1.00 55.39  ? 97  LYS A CB  1 
ATOM   683 C CG  . LYS A 1 97  ? 1.957   -11.137 4.823   1.00 55.39  ? 97  LYS A CG  1 
ATOM   684 C CD  . LYS A 1 97  ? 0.962   -11.952 5.630   1.00 57.95  ? 97  LYS A CD  1 
ATOM   685 C CE  . LYS A 1 97  ? -0.432  -11.852 5.039   1.00 58.56  ? 97  LYS A CE  1 
ATOM   686 N NZ  . LYS A 1 97  ? -1.452  -12.511 5.899   1.00 57.86  ? 97  LYS A NZ  1 
ATOM   687 N N   . GLY A 1 98  ? 3.382   -14.455 3.932   1.00 54.75  ? 98  GLY A N   1 
ATOM   688 C CA  . GLY A 1 98  ? 2.836   -15.794 4.050   1.00 58.14  ? 98  GLY A CA  1 
ATOM   689 C C   . GLY A 1 98  ? 1.355   -15.781 4.372   1.00 59.08  ? 98  GLY A C   1 
ATOM   690 O O   . GLY A 1 98  ? 0.639   -14.854 3.998   1.00 59.60  ? 98  GLY A O   1 
ATOM   691 N N   . PHE A 1 103 ? 0.012   -12.479 12.171  1.00 74.88  ? 103 PHE A N   1 
ATOM   692 C CA  . PHE A 1 103 ? 0.448   -11.337 12.967  1.00 76.03  ? 103 PHE A CA  1 
ATOM   693 C C   . PHE A 1 103 ? -0.712  -10.406 13.310  1.00 75.23  ? 103 PHE A C   1 
ATOM   694 O O   . PHE A 1 103 ? -1.547  -10.096 12.461  1.00 74.51  ? 103 PHE A O   1 
ATOM   695 C CB  . PHE A 1 103 ? 1.547   -10.561 12.235  1.00 76.62  ? 103 PHE A CB  1 
ATOM   696 C CG  . PHE A 1 103 ? 1.848   -9.221  12.841  1.00 77.31  ? 103 PHE A CG  1 
ATOM   697 C CD1 . PHE A 1 103 ? 2.550   -9.125  14.031  1.00 78.74  ? 103 PHE A CD1 1 
ATOM   698 C CD2 . PHE A 1 103 ? 1.427   -8.057  12.221  1.00 77.51  ? 103 PHE A CD2 1 
ATOM   699 C CE1 . PHE A 1 103 ? 2.828   -7.891  14.591  1.00 79.55  ? 103 PHE A CE1 1 
ATOM   700 C CE2 . PHE A 1 103 ? 1.702   -6.822  12.776  1.00 78.38  ? 103 PHE A CE2 1 
ATOM   701 C CZ  . PHE A 1 103 ? 2.403   -6.738  13.961  1.00 79.09  ? 103 PHE A CZ  1 
ATOM   702 N N   . MET A 1 104 ? -0.753  -9.960  14.561  1.00 75.73  ? 104 MET A N   1 
ATOM   703 C CA  . MET A 1 104 ? -1.798  -9.053  15.023  1.00 76.19  ? 104 MET A CA  1 
ATOM   704 C C   . MET A 1 104 ? -1.318  -7.612  14.899  1.00 70.63  ? 104 MET A C   1 
ATOM   705 O O   . MET A 1 104 ? -0.411  -7.184  15.612  1.00 69.42  ? 104 MET A O   1 
ATOM   706 C CB  . MET A 1 104 ? -2.177  -9.366  16.472  1.00 82.60  ? 104 MET A CB  1 
ATOM   707 C CG  . MET A 1 104 ? -3.396  -8.612  16.983  1.00 88.22  ? 104 MET A CG  1 
ATOM   708 S SD  . MET A 1 104 ? -3.854  -9.081  18.673  1.00 93.19  ? 104 MET A SD  1 
ATOM   709 C CE  . MET A 1 104 ? -4.296  -10.813 18.447  1.00 92.49  ? 104 MET A CE  1 
ATOM   710 N N   . CYS A 1 105 ? -1.935  -6.869  13.987  1.00 64.05  ? 105 CYS A N   1 
ATOM   711 C CA  . CYS A 1 105 ? -1.542  -5.489  13.729  1.00 60.95  ? 105 CYS A CA  1 
ATOM   712 C C   . CYS A 1 105 ? -1.926  -4.506  14.824  1.00 61.66  ? 105 CYS A C   1 
ATOM   713 O O   . CYS A 1 105 ? -3.003  -4.594  15.410  1.00 61.61  ? 105 CYS A O   1 
ATOM   714 C CB  . CYS A 1 105 ? -2.131  -5.014  12.399  1.00 55.75  ? 105 CYS A CB  1 
ATOM   715 S SG  . CYS A 1 105 ? -1.120  -5.387  10.955  1.00 52.48  ? 105 CYS A SG  1 
ATOM   716 N N   . GLU A 1 106 ? -1.022  -3.568  15.091  1.00 63.50  ? 106 GLU A N   1 
ATOM   717 C CA  . GLU A 1 106 ? -1.271  -2.485  16.033  1.00 66.37  ? 106 GLU A CA  1 
ATOM   718 C C   . GLU A 1 106 ? -1.342  -1.189  15.236  1.00 62.26  ? 106 GLU A C   1 
ATOM   719 O O   . GLU A 1 106 ? -0.350  -0.759  14.648  1.00 60.98  ? 106 GLU A O   1 
ATOM   720 C CB  . GLU A 1 106 ? -0.164  -2.394  17.085  1.00 72.63  ? 106 GLU A CB  1 
ATOM   721 C CG  . GLU A 1 106 ? -0.273  -3.416  18.204  1.00 79.50  ? 106 GLU A CG  1 
ATOM   722 C CD  . GLU A 1 106 ? 0.535   -3.026  19.429  1.00 83.60  ? 106 GLU A CD  1 
ATOM   723 O OE1 . GLU A 1 106 ? 1.508   -2.255  19.284  1.00 84.72  ? 106 GLU A OE1 1 
ATOM   724 O OE2 . GLU A 1 106 ? 0.192   -3.489  20.538  1.00 85.46  ? 106 GLU A OE2 1 
ATOM   725 N N   . TYR A 1 107 ? -2.518  -0.572  15.215  1.00 58.65  ? 107 TYR A N   1 
ATOM   726 C CA  . TYR A 1 107 ? -2.723  0.644   14.433  1.00 55.31  ? 107 TYR A CA  1 
ATOM   727 C C   . TYR A 1 107 ? -2.654  1.930   15.253  1.00 53.94  ? 107 TYR A C   1 
ATOM   728 O O   . TYR A 1 107 ? -3.059  1.966   16.414  1.00 54.25  ? 107 TYR A O   1 
ATOM   729 C CB  . TYR A 1 107 ? -4.059  0.572   13.690  1.00 50.20  ? 107 TYR A CB  1 
ATOM   730 C CG  . TYR A 1 107 ? -4.134  -0.553  12.686  1.00 46.82  ? 107 TYR A CG  1 
ATOM   731 C CD1 . TYR A 1 107 ? -3.520  -0.441  11.446  1.00 45.64  ? 107 TYR A CD1 1 
ATOM   732 C CD2 . TYR A 1 107 ? -4.815  -1.726  12.978  1.00 43.91  ? 107 TYR A CD2 1 
ATOM   733 C CE1 . TYR A 1 107 ? -3.586  -1.465  10.523  1.00 44.31  ? 107 TYR A CE1 1 
ATOM   734 C CE2 . TYR A 1 107 ? -4.887  -2.756  12.060  1.00 43.77  ? 107 TYR A CE2 1 
ATOM   735 C CZ  . TYR A 1 107 ? -4.269  -2.621  10.833  1.00 44.97  ? 107 TYR A CZ  1 
ATOM   736 O OH  . TYR A 1 107 ? -4.332  -3.643  9.912   1.00 41.47  ? 107 TYR A OH  1 
ATOM   737 N N   . ALA A 1 108 ? -2.136  2.984   14.628  1.00 51.38  ? 108 ALA A N   1 
ATOM   738 C CA  . ALA A 1 108 ? -2.043  4.294   15.257  1.00 50.37  ? 108 ALA A CA  1 
ATOM   739 C C   . ALA A 1 108 ? -3.441  4.868   15.434  1.00 48.64  ? 108 ALA A C   1 
ATOM   740 O O   . ALA A 1 108 ? -4.364  4.499   14.705  1.00 48.98  ? 108 ALA A O   1 
ATOM   741 C CB  . ALA A 1 108 ? -1.192  5.228   14.410  1.00 49.48  ? 108 ALA A CB  1 
ATOM   742 N N   . ASP A 1 109 ? -3.603  5.765   16.400  1.00 44.74  ? 109 ASP A N   1 
ATOM   743 C CA  . ASP A 1 109 ? -4.904  6.369   16.642  1.00 42.76  ? 109 ASP A CA  1 
ATOM   744 C C   . ASP A 1 109 ? -5.299  7.299   15.505  1.00 39.62  ? 109 ASP A C   1 
ATOM   745 O O   . ASP A 1 109 ? -6.453  7.330   15.087  1.00 38.10  ? 109 ASP A O   1 
ATOM   746 C CB  . ASP A 1 109 ? -4.910  7.148   17.952  1.00 45.06  ? 109 ASP A CB  1 
ATOM   747 C CG  . ASP A 1 109 ? -6.240  7.819   18.214  1.00 43.96  ? 109 ASP A CG  1 
ATOM   748 O OD1 . ASP A 1 109 ? -7.220  7.093   18.482  1.00 43.94  ? 109 ASP A OD1 1 
ATOM   749 O OD2 . ASP A 1 109 ? -6.405  9.058   18.158  1.00 40.32  ? 109 ASP A OD2 1 
ATOM   750 N N   . GLU A 1 110 ? -4.330  8.056   15.007  1.00 38.53  ? 110 GLU A N   1 
ATOM   751 C CA  . GLU A 1 110 ? -4.586  9.001   13.932  1.00 41.59  ? 110 GLU A CA  1 
ATOM   752 C C   . GLU A 1 110 ? -4.764  8.291   12.592  1.00 37.97  ? 110 GLU A C   1 
ATOM   753 O O   . GLU A 1 110 ? -3.851  7.620   12.112  1.00 37.36  ? 110 GLU A O   1 
ATOM   754 C CB  . GLU A 1 110 ? -3.447  10.019  13.842  1.00 47.73  ? 110 GLU A CB  1 
ATOM   755 C CG  . GLU A 1 110 ? -3.726  11.178  12.900  1.00 56.49  ? 110 GLU A CG  1 
ATOM   756 C CD  . GLU A 1 110 ? -2.611  12.207  12.894  1.00 63.09  ? 110 GLU A CD  1 
ATOM   757 O OE1 . GLU A 1 110 ? -2.467  12.944  13.898  1.00 65.37  ? 110 GLU A OE1 1 
ATOM   758 O OE2 . GLU A 1 110 ? -1.877  12.280  11.884  1.00 64.61  ? 110 GLU A OE2 1 
ATOM   759 N N   . THR A 1 111 ? -5.943  8.435   11.993  1.00 31.39  ? 111 THR A N   1 
ATOM   760 C CA  . THR A 1 111 ? -6.193  7.837   10.687  1.00 27.37  ? 111 THR A CA  1 
ATOM   761 C C   . THR A 1 111 ? -5.516  8.677   9.606   1.00 25.51  ? 111 THR A C   1 
ATOM   762 O O   . THR A 1 111 ? -5.034  9.779   9.876   1.00 22.46  ? 111 THR A O   1 
ATOM   763 C CB  . THR A 1 111 ? -7.703  7.700   10.405  1.00 24.98  ? 111 THR A CB  1 
ATOM   764 O OG1 . THR A 1 111 ? -8.349  8.967   10.573  1.00 27.02  ? 111 THR A OG1 1 
ATOM   765 C CG2 . THR A 1 111 ? -8.368  6.818   11.453  1.00 16.92  ? 111 THR A CG2 1 
ATOM   766 N N   . ALA A 1 112 ? -5.479  8.160   8.383   1.00 19.41  ? 112 ALA A N   1 
ATOM   767 C CA  . ALA A 1 112 ? -4.820  8.873   7.299   1.00 16.57  ? 112 ALA A CA  1 
ATOM   768 C C   . ALA A 1 112 ? -5.675  8.952   6.048   1.00 17.90  ? 112 ALA A C   1 
ATOM   769 O O   . ALA A 1 112 ? -6.604  8.163   5.863   1.00 17.29  ? 112 ALA A O   1 
ATOM   770 C CB  . ALA A 1 112 ? -3.481  8.217   6.977   1.00 17.41  ? 112 ALA A CB  1 
ATOM   771 N N   . THR A 1 113 ? -5.361  9.922   5.197   1.00 14.91  ? 113 THR A N   1 
ATOM   772 C CA  . THR A 1 113 ? -6.029  10.052  3.916   1.00 20.51  ? 113 THR A CA  1 
ATOM   773 C C   . THR A 1 113 ? -5.361  9.058   2.985   1.00 20.64  ? 113 THR A C   1 
ATOM   774 O O   . THR A 1 113 ? -4.266  8.580   3.271   1.00 24.66  ? 113 THR A O   1 
ATOM   775 C CB  . THR A 1 113 ? -5.850  11.467  3.351   1.00 25.09  ? 113 THR A CB  1 
ATOM   776 O OG1 . THR A 1 113 ? -4.460  11.701  3.085   1.00 24.89  ? 113 THR A OG1 1 
ATOM   777 C CG2 . THR A 1 113 ? -6.208  12.519  4.399   1.00 25.75  ? 113 THR A CG2 1 
ATOM   778 N N   . ILE A 1 114 ? -6.005  8.751   1.867   1.00 21.93  ? 114 ILE A N   1 
ATOM   779 C CA  . ILE A 1 114 ? -5.431  7.800   0.927   1.00 22.84  ? 114 ILE A CA  1 
ATOM   780 C C   . ILE A 1 114 ? -4.044  8.235   0.455   1.00 21.62  ? 114 ILE A C   1 
ATOM   781 O O   . ILE A 1 114 ? -3.177  7.401   0.210   1.00 23.30  ? 114 ILE A O   1 
ATOM   782 C CB  . ILE A 1 114 ? -6.371  7.570   -0.273  1.00 25.23  ? 114 ILE A CB  1 
ATOM   783 C CG1 . ILE A 1 114 ? -5.810  6.475   -1.179  1.00 26.96  ? 114 ILE A CG1 1 
ATOM   784 C CG2 . ILE A 1 114 ? -6.593  8.861   -1.043  1.00 26.30  ? 114 ILE A CG2 1 
ATOM   785 C CD1 . ILE A 1 114 ? -6.565  6.303   -2.460  1.00 33.34  ? 114 ILE A CD1 1 
ATOM   786 N N   . VAL A 1 115 ? -3.831  9.543   0.347   1.00 23.64  ? 115 VAL A N   1 
ATOM   787 C CA  . VAL A 1 115 ? -2.544  10.066  -0.100  1.00 25.87  ? 115 VAL A CA  1 
ATOM   788 C C   . VAL A 1 115 ? -1.444  9.763   0.915   1.00 24.63  ? 115 VAL A C   1 
ATOM   789 O O   . VAL A 1 115 ? -0.353  9.328   0.547   1.00 24.23  ? 115 VAL A O   1 
ATOM   790 C CB  . VAL A 1 115 ? -2.613  11.583  -0.386  1.00 22.48  ? 115 VAL A CB  1 
ATOM   791 C CG1 . VAL A 1 115 ? -1.226  12.159  -0.554  1.00 28.92  ? 115 VAL A CG1 1 
ATOM   792 C CG2 . VAL A 1 115 ? -3.441  11.847  -1.626  1.00 25.90  ? 115 VAL A CG2 1 
ATOM   793 N N   . GLU A 1 116 ? -1.738  9.989   2.190   1.00 24.87  ? 116 GLU A N   1 
ATOM   794 C CA  . GLU A 1 116 ? -0.781  9.702   3.250   1.00 30.90  ? 116 GLU A CA  1 
ATOM   795 C C   . GLU A 1 116 ? -0.571  8.201   3.354   1.00 29.48  ? 116 GLU A C   1 
ATOM   796 O O   . GLU A 1 116 ? 0.547   7.729   3.577   1.00 30.69  ? 116 GLU A O   1 
ATOM   797 C CB  . GLU A 1 116 ? -1.285  10.231  4.593   1.00 35.89  ? 116 GLU A CB  1 
ATOM   798 C CG  . GLU A 1 116 ? -1.556  11.723  4.628   1.00 39.62  ? 116 GLU A CG  1 
ATOM   799 C CD  . GLU A 1 116 ? -2.209  12.152  5.928   1.00 41.53  ? 116 GLU A CD  1 
ATOM   800 O OE1 . GLU A 1 116 ? -3.094  11.419  6.421   1.00 42.05  ? 116 GLU A OE1 1 
ATOM   801 O OE2 . GLU A 1 116 ? -1.838  13.219  6.458   1.00 43.80  ? 116 GLU A OE2 1 
ATOM   802 N N   . PHE A 1 117 ? -1.661  7.460   3.191   1.00 22.69  ? 117 PHE A N   1 
ATOM   803 C CA  . PHE A 1 117 ? -1.643  6.006   3.264   1.00 18.06  ? 117 PHE A CA  1 
ATOM   804 C C   . PHE A 1 117 ? -0.709  5.419   2.209   1.00 17.11  ? 117 PHE A C   1 
ATOM   805 O O   . PHE A 1 117 ? 0.124   4.568   2.512   1.00 17.47  ? 117 PHE A O   1 
ATOM   806 C CB  . PHE A 1 117 ? -3.069  5.476   3.091   1.00 19.42  ? 117 PHE A CB  1 
ATOM   807 C CG  . PHE A 1 117 ? -3.166  3.981   3.000   1.00 14.07  ? 117 PHE A CG  1 
ATOM   808 C CD1 . PHE A 1 117 ? -3.216  3.206   4.144   1.00 16.71  ? 117 PHE A CD1 1 
ATOM   809 C CD2 . PHE A 1 117 ? -3.241  3.356   1.771   1.00 14.46  ? 117 PHE A CD2 1 
ATOM   810 C CE1 . PHE A 1 117 ? -3.323  1.831   4.063   1.00 9.75   ? 117 PHE A CE1 1 
ATOM   811 C CE2 . PHE A 1 117 ? -3.349  1.984   1.686   1.00 17.17  ? 117 PHE A CE2 1 
ATOM   812 C CZ  . PHE A 1 117 ? -3.392  1.222   2.838   1.00 14.86  ? 117 PHE A CZ  1 
ATOM   813 N N   . LEU A 1 118 ? -0.841  5.889   0.973   1.00 18.74  ? 118 LEU A N   1 
ATOM   814 C CA  . LEU A 1 118 ? -0.008  5.396   -0.124  1.00 20.17  ? 118 LEU A CA  1 
ATOM   815 C C   . LEU A 1 118 ? 1.461   5.777   0.060   1.00 23.71  ? 118 LEU A C   1 
ATOM   816 O O   . LEU A 1 118 ? 2.353   4.956   -0.160  1.00 23.15  ? 118 LEU A O   1 
ATOM   817 C CB  . LEU A 1 118 ? -0.534  5.906   -1.466  1.00 19.32  ? 118 LEU A CB  1 
ATOM   818 C CG  . LEU A 1 118 ? -1.932  5.401   -1.837  1.00 21.82  ? 118 LEU A CG  1 
ATOM   819 C CD1 . LEU A 1 118 ? -2.577  6.281   -2.904  1.00 19.29  ? 118 LEU A CD1 1 
ATOM   820 C CD2 . LEU A 1 118 ? -1.901  3.941   -2.276  1.00 14.59  ? 118 LEU A CD2 1 
ATOM   821 N N   . ASN A 1 119 ? 1.701   7.022   0.461   1.00 24.03  ? 119 ASN A N   1 
ATOM   822 C CA  . ASN A 1 119 ? 3.052   7.510   0.719   1.00 25.98  ? 119 ASN A CA  1 
ATOM   823 C C   . ASN A 1 119 ? 3.770   6.647   1.749   1.00 23.11  ? 119 ASN A C   1 
ATOM   824 O O   . ASN A 1 119 ? 4.905   6.216   1.535   1.00 18.48  ? 119 ASN A O   1 
ATOM   825 C CB  . ASN A 1 119 ? 3.015   8.956   1.221   1.00 30.32  ? 119 ASN A CB  1 
ATOM   826 C CG  . ASN A 1 119 ? 2.762   9.958   0.112   1.00 37.75  ? 119 ASN A CG  1 
ATOM   827 O OD1 . ASN A 1 119 ? 2.360   11.096  0.369   1.00 42.21  ? 119 ASN A OD1 1 
ATOM   828 N ND2 . ASN A 1 119 ? 3.006   9.545   -1.128  1.00 39.63  ? 119 ASN A ND2 1 
ATOM   829 N N   . ARG A 1 120 ? 3.094   6.400   2.867   1.00 17.85  ? 120 ARG A N   1 
ATOM   830 C CA  . ARG A 1 120 ? 3.646   5.598   3.951   1.00 22.28  ? 120 ARG A CA  1 
ATOM   831 C C   . ARG A 1 120 ? 4.090   4.218   3.481   1.00 21.30  ? 120 ARG A C   1 
ATOM   832 O O   . ARG A 1 120 ? 5.170   3.754   3.842   1.00 25.09  ? 120 ARG A O   1 
ATOM   833 C CB  . ARG A 1 120 ? 2.630   5.455   5.086   1.00 26.79  ? 120 ARG A CB  1 
ATOM   834 C CG  . ARG A 1 120 ? 3.036   4.462   6.170   1.00 34.90  ? 120 ARG A CG  1 
ATOM   835 C CD  . ARG A 1 120 ? 4.055   5.001   7.165   1.00 42.38  ? 120 ARG A CD  1 
ATOM   836 N NE  . ARG A 1 120 ? 3.531   6.143   7.912   1.00 51.53  ? 120 ARG A NE  1 
ATOM   837 C CZ  . ARG A 1 120 ? 2.731   6.041   8.966   1.00 56.75  ? 120 ARG A CZ  1 
ATOM   838 N NH1 . ARG A 1 120 ? 2.359   4.846   9.407   1.00 57.62  ? 120 ARG A NH1 1 
ATOM   839 N NH2 . ARG A 1 120 ? 2.300   7.133   9.583   1.00 59.90  ? 120 ARG A NH2 1 
ATOM   840 N N   . TRP A 1 121 ? 3.263   3.561   2.676   1.00 21.78  ? 121 TRP A N   1 
ATOM   841 C CA  . TRP A 1 121 ? 3.596   2.223   2.197   1.00 19.32  ? 121 TRP A CA  1 
ATOM   842 C C   . TRP A 1 121 ? 4.669   2.232   1.112   1.00 21.56  ? 121 TRP A C   1 
ATOM   843 O O   . TRP A 1 121 ? 5.484   1.313   1.028   1.00 21.90  ? 121 TRP A O   1 
ATOM   844 C CB  . TRP A 1 121 ? 2.339   1.470   1.752   1.00 16.46  ? 121 TRP A CB  1 
ATOM   845 C CG  . TRP A 1 121 ? 1.508   1.043   2.921   1.00 16.99  ? 121 TRP A CG  1 
ATOM   846 C CD1 . TRP A 1 121 ? 0.272   1.516   3.276   1.00 13.80  ? 121 TRP A CD1 1 
ATOM   847 C CD2 . TRP A 1 121 ? 1.866   0.077   3.914   1.00 15.51  ? 121 TRP A CD2 1 
ATOM   848 N NE1 . TRP A 1 121 ? -0.161  0.893   4.421   1.00 11.40  ? 121 TRP A NE1 1 
ATOM   849 C CE2 . TRP A 1 121 ? 0.800   0.003   4.833   1.00 14.13  ? 121 TRP A CE2 1 
ATOM   850 C CE3 . TRP A 1 121 ? 2.983   -0.742  4.119   1.00 18.24  ? 121 TRP A CE3 1 
ATOM   851 C CZ2 . TRP A 1 121 ? 0.816   -0.857  5.930   1.00 10.39  ? 121 TRP A CZ2 1 
ATOM   852 C CZ3 . TRP A 1 121 ? 2.998   -1.590  5.210   1.00 16.97  ? 121 TRP A CZ3 1 
ATOM   853 C CH2 . TRP A 1 121 ? 1.922   -1.639  6.101   1.00 12.80  ? 121 TRP A CH2 1 
ATOM   854 N N   . ILE A 1 122 ? 4.667   3.267   0.282   1.00 23.01  ? 122 ILE A N   1 
ATOM   855 C CA  . ILE A 1 122 ? 5.700   3.410   -0.728  1.00 25.04  ? 122 ILE A CA  1 
ATOM   856 C C   . ILE A 1 122 ? 7.034   3.518   0.002   1.00 24.05  ? 122 ILE A C   1 
ATOM   857 O O   . ILE A 1 122 ? 8.013   2.872   -0.368  1.00 25.78  ? 122 ILE A O   1 
ATOM   858 C CB  . ILE A 1 122 ? 5.433   4.657   -1.583  1.00 26.72  ? 122 ILE A CB  1 
ATOM   859 C CG1 . ILE A 1 122 ? 4.293   4.380   -2.567  1.00 27.17  ? 122 ILE A CG1 1 
ATOM   860 C CG2 . ILE A 1 122 ? 6.691   5.084   -2.327  1.00 30.80  ? 122 ILE A CG2 1 
ATOM   861 C CD1 . ILE A 1 122 ? 3.651   5.629   -3.128  1.00 26.59  ? 122 ILE A CD1 1 
ATOM   862 N N   . THR A 1 123 ? 7.046   4.311   1.069   1.00 24.72  ? 123 THR A N   1 
ATOM   863 C CA  . THR A 1 123 ? 8.236   4.492   1.893   1.00 27.80  ? 123 THR A CA  1 
ATOM   864 C C   . THR A 1 123 ? 8.652   3.187   2.573   1.00 30.37  ? 123 THR A C   1 
ATOM   865 O O   . THR A 1 123 ? 9.842   2.911   2.734   1.00 30.23  ? 123 THR A O   1 
ATOM   866 C CB  . THR A 1 123 ? 7.984   5.576   2.956   1.00 30.50  ? 123 THR A CB  1 
ATOM   867 O OG1 . THR A 1 123 ? 7.661   6.820   2.315   1.00 32.43  ? 123 THR A OG1 1 
ATOM   868 C CG2 . THR A 1 123 ? 9.269   5.890   3.718   1.00 27.42  ? 123 THR A CG2 1 
ATOM   869 N N   . PHE A 1 124 ? 7.668   2.391   2.979   1.00 28.57  ? 124 PHE A N   1 
ATOM   870 C CA  . PHE A 1 124 ? 7.943   1.115   3.623   1.00 23.90  ? 124 PHE A CA  1 
ATOM   871 C C   . PHE A 1 124 ? 8.609   0.171   2.631   1.00 24.80  ? 124 PHE A C   1 
ATOM   872 O O   . PHE A 1 124 ? 9.504   -0.596  2.985   1.00 23.96  ? 124 PHE A O   1 
ATOM   873 C CB  . PHE A 1 124 ? 6.648   0.480   4.130   1.00 21.87  ? 124 PHE A CB  1 
ATOM   874 C CG  . PHE A 1 124 ? 6.786   -0.979  4.489   1.00 19.35  ? 124 PHE A CG  1 
ATOM   875 C CD1 . PHE A 1 124 ? 6.575   -1.965  3.537   1.00 16.85  ? 124 PHE A CD1 1 
ATOM   876 C CD2 . PHE A 1 124 ? 7.124   -1.359  5.780   1.00 17.78  ? 124 PHE A CD2 1 
ATOM   877 C CE1 . PHE A 1 124 ? 6.697   -3.302  3.864   1.00 20.05  ? 124 PHE A CE1 1 
ATOM   878 C CE2 . PHE A 1 124 ? 7.254   -2.689  6.115   1.00 16.13  ? 124 PHE A CE2 1 
ATOM   879 C CZ  . PHE A 1 124 ? 7.039   -3.667  5.158   1.00 19.34  ? 124 PHE A CZ  1 
ATOM   880 N N   . CYS A 1 125 ? 8.155   0.226   1.385   1.00 22.55  ? 125 CYS A N   1 
ATOM   881 C CA  . CYS A 1 125 ? 8.701   -0.625  0.338   1.00 21.52  ? 125 CYS A CA  1 
ATOM   882 C C   . CYS A 1 125 ? 10.148  -0.261  0.022   1.00 24.98  ? 125 CYS A C   1 
ATOM   883 O O   . CYS A 1 125 ? 11.000  -1.140  -0.113  1.00 22.16  ? 125 CYS A O   1 
ATOM   884 C CB  . CYS A 1 125 ? 7.836   -0.549  -0.923  1.00 21.97  ? 125 CYS A CB  1 
ATOM   885 S SG  . CYS A 1 125 ? 6.279   -1.468  -0.816  1.00 22.46  ? 125 CYS A SG  1 
ATOM   886 N N   . GLN A 1 126 ? 10.421  1.037   -0.092  1.00 28.65  ? 126 GLN A N   1 
ATOM   887 C CA  . GLN A 1 126 ? 11.768  1.504   -0.394  1.00 32.38  ? 126 GLN A CA  1 
ATOM   888 C C   . GLN A 1 126 ? 12.732  1.073   0.704   1.00 32.52  ? 126 GLN A C   1 
ATOM   889 O O   . GLN A 1 126 ? 13.866  0.684   0.434   1.00 34.40  ? 126 GLN A O   1 
ATOM   890 C CB  . GLN A 1 126 ? 11.790  3.027   -0.546  1.00 33.18  ? 126 GLN A CB  1 
ATOM   891 C CG  . GLN A 1 126 ? 11.028  3.545   -1.758  1.00 37.80  ? 126 GLN A CG  1 
ATOM   892 C CD  . GLN A 1 126 ? 10.791  5.049   -1.710  1.00 40.39  ? 126 GLN A CD  1 
ATOM   893 O OE1 . GLN A 1 126 ? 10.672  5.700   -2.750  1.00 40.45  ? 126 GLN A OE1 1 
ATOM   894 N NE2 . GLN A 1 126 ? 10.720  5.600   -0.504  1.00 41.55  ? 126 GLN A NE2 1 
ATOM   895 N N   . SER A 1 127 ? 12.259  1.138   1.943   1.00 32.40  ? 127 SER A N   1 
ATOM   896 C CA  . SER A 1 127 ? 13.061  0.777   3.104   1.00 31.75  ? 127 SER A CA  1 
ATOM   897 C C   . SER A 1 127 ? 13.452  -0.699  3.092   1.00 32.44  ? 127 SER A C   1 
ATOM   898 O O   . SER A 1 127 ? 14.630  -1.034  3.219   1.00 30.41  ? 127 SER A O   1 
ATOM   899 C CB  . SER A 1 127 ? 12.302  1.114   4.390   1.00 32.20  ? 127 SER A CB  1 
ATOM   900 O OG  . SER A 1 127 ? 13.062  0.781   5.539   1.00 37.35  ? 127 SER A OG  1 
ATOM   901 N N   . ILE A 1 128 ? 12.463  -1.575  2.935   1.00 32.85  ? 128 ILE A N   1 
ATOM   902 C CA  . ILE A 1 128 ? 12.709  -3.012  2.905   1.00 30.38  ? 128 ILE A CA  1 
ATOM   903 C C   . ILE A 1 128 ? 13.596  -3.396  1.728   1.00 30.27  ? 128 ILE A C   1 
ATOM   904 O O   . ILE A 1 128 ? 14.462  -4.256  1.859   1.00 31.37  ? 128 ILE A O   1 
ATOM   905 C CB  . ILE A 1 128 ? 11.384  -3.796  2.856   1.00 30.39  ? 128 ILE A CB  1 
ATOM   906 C CG1 . ILE A 1 128 ? 10.467  -3.357  3.999   1.00 29.70  ? 128 ILE A CG1 1 
ATOM   907 C CG2 . ILE A 1 128 ? 11.649  -5.287  2.954   1.00 31.02  ? 128 ILE A CG2 1 
ATOM   908 C CD1 . ILE A 1 128 ? 10.943  -3.797  5.364   1.00 25.94  ? 128 ILE A CD1 1 
ATOM   909 N N   . ILE A 1 129 ? 13.378  -2.753  0.584   1.00 26.03  ? 129 ILE A N   1 
ATOM   910 C CA  . ILE A 1 129 ? 14.175  -3.016  -0.612  1.00 27.83  ? 129 ILE A CA  1 
ATOM   911 C C   . ILE A 1 129 ? 15.640  -2.642  -0.372  1.00 30.17  ? 129 ILE A C   1 
ATOM   912 O O   . ILE A 1 129 ? 16.551  -3.338  -0.815  1.00 31.26  ? 129 ILE A O   1 
ATOM   913 C CB  . ILE A 1 129 ? 13.609  -2.241  -1.821  1.00 22.44  ? 129 ILE A CB  1 
ATOM   914 C CG1 . ILE A 1 129 ? 12.415  -2.981  -2.418  1.00 22.24  ? 129 ILE A CG1 1 
ATOM   915 C CG2 . ILE A 1 129 ? 14.683  -2.016  -2.893  1.00 21.55  ? 129 ILE A CG2 1 
ATOM   916 C CD1 . ILE A 1 129 ? 11.651  -2.159  -3.449  1.00 21.54  ? 129 ILE A CD1 1 
ATOM   917 N N   . SER A 1 130 ? 15.860  -1.540  0.333   1.00 32.07  ? 130 SER A N   1 
ATOM   918 C CA  . SER A 1 130 ? 17.211  -1.100  0.638   1.00 39.10  ? 130 SER A CA  1 
ATOM   919 C C   . SER A 1 130 ? 17.898  -2.175  1.481   1.00 38.50  ? 130 SER A C   1 
ATOM   920 O O   . SER A 1 130 ? 19.010  -2.609  1.179   1.00 39.23  ? 130 SER A O   1 
ATOM   921 C CB  . SER A 1 130 ? 17.173  0.235   1.389   1.00 41.43  ? 130 SER A CB  1 
ATOM   922 O OG  . SER A 1 130 ? 18.318  1.023   1.114   1.00 44.51  ? 130 SER A OG  1 
ATOM   923 N N   . THR A 1 131 ? 17.198  -2.621  2.517   1.00 37.00  ? 131 THR A N   1 
ATOM   924 C CA  . THR A 1 131 ? 17.713  -3.617  3.447   1.00 37.43  ? 131 THR A CA  1 
ATOM   925 C C   . THR A 1 131 ? 18.160  -4.929  2.796   1.00 41.57  ? 131 THR A C   1 
ATOM   926 O O   . THR A 1 131 ? 19.222  -5.452  3.133   1.00 41.99  ? 131 THR A O   1 
ATOM   927 C CB  . THR A 1 131 ? 16.681  -3.882  4.566   1.00 36.36  ? 131 THR A CB  1 
ATOM   928 O OG1 . THR A 1 131 ? 16.511  -2.692  5.346   1.00 30.48  ? 131 THR A OG1 1 
ATOM   929 C CG2 . THR A 1 131 ? 17.224  -4.871  5.579   1.00 36.66  ? 131 THR A CG2 1 
ATOM   930 N N   . LEU A 1 132 ? 17.382  -5.460  1.861   1.00 45.19  ? 132 LEU A N   1 
ATOM   931 C CA  . LEU A 1 132 ? 17.758  -6.738  1.251   1.00 50.32  ? 132 LEU A CA  1 
ATOM   932 C C   . LEU A 1 132 ? 18.510  -6.643  -0.074  1.00 50.63  ? 132 LEU A C   1 
ATOM   933 O O   . LEU A 1 132 ? 18.459  -7.552  -0.897  1.00 55.47  ? 132 LEU A O   1 
ATOM   934 C CB  . LEU A 1 132 ? 16.568  -7.698  1.155   1.00 54.61  ? 132 LEU A CB  1 
ATOM   935 C CG  . LEU A 1 132 ? 15.181  -7.109  0.922   1.00 59.84  ? 132 LEU A CG  1 
ATOM   936 C CD1 . LEU A 1 132 ? 14.960  -6.834  -0.556  1.00 62.21  ? 132 LEU A CD1 1 
ATOM   937 C CD2 . LEU A 1 132 ? 14.122  -8.057  1.461   1.00 61.82  ? 132 LEU A CD2 1 
ATOM   938 N N   . THR A 1 133 ? 19.226  -5.544  -0.263  1.00 48.11  ? 133 THR A N   1 
ATOM   939 C CA  . THR A 1 133 ? 20.038  -5.367  -1.453  1.00 49.17  ? 133 THR A CA  1 
ATOM   940 C C   . THR A 1 133 ? 21.489  -5.173  -1.045  1.00 48.09  ? 133 THR A C   1 
ATOM   941 O O   . THR A 1 133 ? 21.769  -4.786  0.089   1.00 49.26  ? 133 THR A O   1 
ATOM   942 C CB  . THR A 1 133 ? 19.554  -4.159  -2.247  1.00 50.90  ? 133 THR A CB  1 
ATOM   943 O OG1 . THR A 1 133 ? 19.042  -3.181  -1.338  1.00 53.36  ? 133 THR A OG1 1 
ATOM   944 C CG2 . THR A 1 133 ? 18.340  -4.525  -3.076  1.00 53.19  ? 133 THR A CG2 1 
HETATM 945 S S27 . NMP B 2 .   ? -13.374 8.226   9.371   1.00 36.53  ? 201 NMP A S27 1 
HETATM 946 C C26 . NMP B 2 .   ? -14.760 7.799   8.292   1.00 35.50  ? 201 NMP A C26 1 
HETATM 947 C C25 . NMP B 2 .   ? -15.302 9.007   7.544   1.00 34.65  ? 201 NMP A C25 1 
HETATM 948 C C24 . NMP B 2 .   ? -16.638 8.682   6.886   1.00 29.70  ? 201 NMP A C24 1 
HETATM 949 N N23 . NMP B 2 .   ? -16.466 8.176   5.539   1.00 30.58  ? 201 NMP A N23 1 
HETATM 950 C C20 . NMP B 2 .   ? -16.491 6.871   5.277   1.00 30.21  ? 201 NMP A C20 1 
HETATM 951 O O21 . NMP B 2 .   ? -16.724 6.018   6.117   1.00 31.09  ? 201 NMP A O21 1 
HETATM 952 C C19 . NMP B 2 .   ? -16.204 6.469   3.864   1.00 25.87  ? 201 NMP A C19 1 
HETATM 953 C C22 . NMP B 2 .   ? -17.516 6.180   3.150   1.00 25.22  ? 201 NMP A C22 1 
HETATM 954 N N18 . NMP B 2 .   ? -15.345 5.302   3.820   1.00 20.24  ? 201 NMP A N18 1 
HETATM 955 C C16 . NMP B 2 .   ? -14.136 5.306   4.375   1.00 20.04  ? 201 NMP A C16 1 
HETATM 956 O O17 . NMP B 2 .   ? -13.690 6.246   5.013   1.00 15.91  ? 201 NMP A O17 1 
HETATM 957 C C15 . NMP B 2 .   ? -13.306 4.061   4.182   1.00 19.99  ? 201 NMP A C15 1 
HETATM 958 N N14 . NMP B 2 .   ? -12.664 3.662   5.417   1.00 19.51  ? 201 NMP A N14 1 
HETATM 959 C C6  . NMP B 2 .   ? -13.135 2.636   6.117   1.00 21.37  ? 201 NMP A C6  1 
HETATM 960 O O7  . NMP B 2 .   ? -13.954 1.845   5.672   1.00 22.38  ? 201 NMP A O7  1 
HETATM 961 C C5  . NMP B 2 .   ? -12.614 2.494   7.511   1.00 19.52  ? 201 NMP A C5  1 
HETATM 962 N N4  . NMP B 2 .   ? -12.037 1.186   7.735   1.00 19.25  ? 201 NMP A N4  1 
HETATM 963 C C2  . NMP B 2 .   ? -10.750 0.954   7.492   1.00 19.92  ? 201 NMP A C2  1 
HETATM 964 N N3  . NMP B 2 .   ? -9.970  1.922   7.011   1.00 16.63  ? 201 NMP A N3  1 
HETATM 965 N N1  . NMP B 2 .   ? -10.236 -0.247  7.736   1.00 20.49  ? 201 NMP A N1  1 
HETATM 966 C C8  . NMP B 2 .   ? -13.760 2.715   8.484   1.00 23.07  ? 201 NMP A C8  1 
HETATM 967 C C9  . NMP B 2 .   ? -13.231 2.975   9.886   1.00 25.93  ? 201 NMP A C9  1 
HETATM 968 C C10 . NMP B 2 .   ? -14.392 3.091   10.862  1.00 26.26  ? 201 NMP A C10 1 
HETATM 969 C C11 . NMP B 2 .   ? -15.331 4.212   10.436  1.00 27.41  ? 201 NMP A C11 1 
HETATM 970 C C12 . NMP B 2 .   ? -15.821 4.027   9.003   1.00 27.18  ? 201 NMP A C12 1 
HETATM 971 C C13 . NMP B 2 .   ? -14.644 3.873   8.046   1.00 24.33  ? 201 NMP A C13 1 
HETATM 972 O O   . HOH C 3 .   ? -8.728  9.558   1.955   1.00 15.78  ? 202 HOH A O   1 
HETATM 973 O O   . HOH C 3 .   ? -17.904 3.763   6.346   1.00 20.87  ? 203 HOH A O   1 
HETATM 974 O O   . HOH C 3 .   ? -4.176  5.089   11.469  1.00 33.66  ? 204 HOH A O   1 
HETATM 975 O O   . HOH C 3 .   ? -16.137 2.854   2.008   1.00 28.56  ? 205 HOH A O   1 
HETATM 976 O O   . HOH C 3 .   ? -2.177  0.351   6.780   1.00 23.14  ? 206 HOH A O   1 
HETATM 977 O O   . HOH C 3 .   ? -14.967 14.612  -5.217  1.00 30.53  ? 207 HOH A O   1 
HETATM 978 O O   . HOH C 3 .   ? -10.194 -4.271  7.675   1.00 43.80  ? 208 HOH A O   1 
HETATM 979 O O   . HOH C 3 .   ? 3.648   -4.474  -11.029 1.00 28.32  ? 209 HOH A O   1 
HETATM 980 O O   . HOH C 3 .   ? 0.167   -15.216 -3.448  1.00 25.24  ? 210 HOH A O   1 
HETATM 981 O O   . HOH C 3 .   ? -4.581  4.477   19.529  1.00 34.29  ? 211 HOH A O   1 
HETATM 982 O O   . HOH C 3 .   ? -9.468  12.022  5.575   1.00 35.53  ? 212 HOH A O   1 
HETATM 983 O O   . HOH C 3 .   ? -2.366  5.754   19.492  1.00 58.14  ? 213 HOH A O   1 
HETATM 984 O O   . HOH C 3 .   ? 5.257   8.077   -6.017  1.00 41.47  ? 214 HOH A O   1 
HETATM 985 O O   . HOH C 3 .   ? -3.548  13.955  2.131   1.00 30.82  ? 215 HOH A O   1 
HETATM 986 O O   . HOH C 3 .   ? -5.934  -14.887 -2.156  1.00 38.16  ? 216 HOH A O   1 
HETATM 987 O O   . HOH C 3 .   ? -11.182 16.968  -17.259 1.00 42.32  ? 217 HOH A O   1 
HETATM 988 O O   . HOH C 3 .   ? -1.633  -16.724 5.262   1.00 42.30  ? 218 HOH A O   1 
HETATM 989 O O   . HOH C 3 .   ? -12.187 16.579  1.001   1.00 29.07  ? 219 HOH A O   1 
HETATM 990 O O   . HOH C 3 .   ? 6.422   3.377   6.799   1.00 55.13  ? 220 HOH A O   1 
# 
